data_8JXC
#
_entry.id   8JXC
#
_cell.length_a   1.00
_cell.length_b   1.00
_cell.length_c   1.00
_cell.angle_alpha   90.00
_cell.angle_beta   90.00
_cell.angle_gamma   90.00
#
_symmetry.space_group_name_H-M   'P 1'
#
loop_
_entity.id
_entity.type
_entity.pdbx_description
1 polymer 'LDL receptor related protein 2'
2 polymer 'unclear peptide'
3 polymer 'unclear peptide'
4 branched beta-D-mannopyranose-(1-4)-2-acetamido-2-deoxy-beta-D-glucopyranose-(1-4)-2-acetamido-2-deoxy-beta-D-glucopyranose
5 branched 2-acetamido-2-deoxy-beta-D-glucopyranose-(1-4)-2-acetamido-2-deoxy-beta-D-glucopyranose
6 non-polymer 2-acetamido-2-deoxy-beta-D-glucopyranose
7 non-polymer 2-acetamido-2-deoxy-alpha-D-galactopyranose
8 non-polymer 'CALCIUM ION'
#
loop_
_entity_poly.entity_id
_entity_poly.type
_entity_poly.pdbx_seq_one_letter_code
_entity_poly.pdbx_strand_id
1 'polypeptide(L)'
;MERGAAAAAWMLLLAIAACLEPVSSQECGSGNFRCDNGYCIPASWRCDGTRDCLDDTDEIGCPPRSCESGLFLCPAEGTC
IPSSWVCDEDKDCSDGADEQQNCAGTTCSAQQMTCSNGQCIPSEYRCDHVSDCPDGSDERNCHYPTCDQLTCANGACYNT
SQRCDQKVDCRDSSDEANCTTLCSQKEFECGSGECILRAYVCDHDNDCEDNSDERNCNYDTCGGHQFTCSNGQCINQNWV
CDGDDDCQDSGDEDGCESNQSHHRCYPREWACPGSGRCISIDKVCDGVPDCPEGDDENNVTSGRTCGMGVCSVLNCEYQC
HQTPFGGECFCPPGHIINSNDSRTCIDFDDCQIWGICDQKCENRQGRHQCLCEEGYILERGQHCKSSDSFSAASVIFSNG
RDLLVGDLHGRNFRILAESKNRGMVMGVDFHYQKHRVFWTDPMQEKVFSTDINGLNTQEILNVSVDTPENLAVDWINNKL
YLVETKVNRIDVVNLEGNQRVTLITENLGHPRGIALDPTVGYLFFSDWGSLSGQPKVERAFMDGSNRKDLVTTKVGWPAG
ITLDLVSKRVYWVDSRYDYIETVTYDGIQRKTVARGGSLVPHPFGISLFEEHVFFTDWTKMAVMKASKFTETNPQVYHQS
SLRPHGVTVYHALRQPNATNPCGSNNGGCAQVCVLSHRTDNGGLGYRCKCEFGFELDDDEHRCVAVKNFLLFSSKTAVRG
IPFTLSTQEDVMVPVTGSPSFFVGIDFDAQHSTVFYSDLSKDIIYKQKIDGTGKEVITANRLESVECLTFDWISRNLYWT
DGGLKSVTVLRLADKSRRQIISNLNNPRSIVVHPTAGYMFLSDWFRPAKIMRAWSDGSHLMPIVNTSLGWPNGLAIDWSA
SRLYWVDAFFDKIEHSTLDGLDRKRLGHVDQMTHPFGLTVFKDNVFITDWRLGAIIRVRKSDGGDMTVIRRGISSVMHVK
AYDADLQTGSNYCSQTTHANGDCSHFCFPVPNFQRVCGCPYGMKLQRDQMTCEGDPAREPPTQQCGSLSFPCNNGKCVPS
FFRCDGVDDCHDNSDEHQCGVFNNTCSPSAFACVRGGQCIPGQWHCDRQNDCLDGSDEQNCPTHATSSTCPSTSFTCDNH
VCIPKDWVCDTDNDCSDGSDEKNCQASGTCQPTQFRCPDHRCISPLYVCDGDKDCADGSDEAGCVLNCTSAQFKCADGSS
CINSRYRCDGVYDCRDNSDEAGCPTRPPGMCHLDEFQCQGDGTCIPNTWECDGHPDCIHGSDEHTGCVPKTCSPTHFLCD
NGNCIYKAWICDGDNDCRDMSDEKDCPTQPFHCPSTQWQCPGYSTCINLSALCDGVFDCPNGTDESPLCNQDSCSHFNGG
CTHQCMQGPFGATCLCPLGYQLANDTKTCEDINECDIPGFCSQHCVNMRGSFRCACDPEYTLESDGRTCKVTGSENPLLV
VASRDKIIVDNITAHTHNLYSLVQDVSFVVALDFDSVTGRVFWSDLLQGKTWSVFQNGTDKRVVHDSGLSVTEMIAVDWI
GRNLYWTDYALETIEVSKIDGSHRTVLISKNVTKPRGLALDPRMGDNVMFWSDWGHHPRIERASMDGTMRTVIVQEKIYW
PCGLSIDYPNRLIYFMDAYLDYIEFCDYDGHNRRQVIASDLVLHHPHALTLFEDFVYWTDRGTRQVMQANKWHGGNQSVV
MYSVHQPLGITAIHPSRQPPSRNPCASASCSHLCLLSAQAPRHYSCACPSGWNLSDDSVNCVRGDQPFLMSVRDNIIFGI
SLDPEVKSNDAMVPISGIQHGYDVEFDDSEQFIYWVENPGEIHRVKTDGSNRTVFAPLSLLGSSLGLALDWVSRNIYYTT
PASRSIEVLTLKGDTRYGKTLIANDGTPLGVGFPVGIAVDPARGKLYWSDHGTDSGVPAKIASANMDGTSLKILFTGNLQ
HLEVVTLDIQEQKLYWAVTSRGVIERGNVDGTERMILVHHLAHPWGLVVYGSFLYYSDEQYEVIERVDKSSGNNKVVLRD
NVPYLRGLRVYHRRNAADSSNGCSNNPNACQQICLPVPGGMFSCACASGFKLSPDGRSCSPYNSFMVVSMLPAVRGFSLE
LSDHSEAMVPVAGQGRNVLHADVDVANGFIYWCDFSSSVRSSNGIRRIKPDGSNFTNVVTYGIGANGIRGVALDWAAGNL
YFTNAFVYETLIEVLRINTTYRRVLLKVSVDMPRHIIVDPKHRYLFWADYGQKPKIERSFLDCTNRTVLVSEGIVTPRGL
AMDHDTGYIYWVDDSLDLIARIHLDGGESQVVRYGSRYPTPYGITVFGESIIWVDRNLKKVFQASKQPGNTDPPVVIRDK
INLLRDVTIFDEHAQPLSPAELNNNPCLQSNGGCSHFCFALPELPTPRCGCAFGTLGNDGKSCATSQEDFLIYSLNNSLR
SLHFDPRDHSLPFQVISVAGTAIALDYDRRNNRIFFTQKLNSLRGQISYVSLYSGSSSPTVLLSNIGVTDGIAFDWINRR
IYYSDFSNQTINSMAEDGSNRAVIARVSKPRAIVLDPCRGYMYWTDWGTNAKIERATLGGNFRVPIVNTSLVWPNGLALD
LETDLLYWADASLQKIERSTLTGTNREVVVSTAFHSFGLTVYGQYIYWTDLYTRKIYRANKYDGSDLVAMTTRLPTQPSG
ISTVVKTQRQQCSNPCDQFNGGCSHICAPGPNGAECQCPHEGNWYLANDNKYCVVDTGTRCNQLQFTCLNGHCINQDWKC
DNDNDCGDGSDELPTVCAFHTCRSTAFTCGNGRCVPYHYRCDYYNDCGDNSDEAGCLFRNCNSTTEFTCSNGRCIPLSYV
CNGINNCHDNDTSDEKNCPPHTCPPDFTKCQTTNICVPRAFLCDGDNDCGDGSDENPIYCASHTCRSNEFQCLSPQRCIP
SYWFCDGEADCADGSDEPDTCGHSVNTCRASQFQCDNGRCISGNWVCDGDNDCGDMSDEDQRHHCELQNCSSTQFTCVNS
RPPNRRCIPQYWVCDGDADCSDALDELQNCTMRTCSAGEFSCANGRCVRQSFRCDRRNDCGDYSDERGCSYPPCHANQFT
CQNGRCIPRFFVCDEDNDCGDGSDEQEHLCHTPEPTCPLHQFRCDNGHCIEMGRVCNHVDDCSDNSDEKGCGINECLDSS
ISRCDHNCTDTITSFYCSCLPGYKLMSDKRSCVDIDECKESPQLCSQKCENVVGSYICKCAPGYIREPDGKSCRQNSNIE
PYLIFSNRYYIRNLTTDGSSYSLILQGLGNVVALDFDRVEKRLYWIDAEKQIIERMFLNKTNRETIINHRLRRAESLAVD
WVSRKLYWLDAILDCLFVSDLEGRHRKMIAQHCVDANNTFCFEHPRGIVLHPQRGHVYWADWGVHAYIGRIGMDGTNKSV
IISTKIEWPNAITIDYTNDLLYWADAHLGYIEFSDLEGHHRHTVYDGSLPHPFALTIFEDTVFWTDWNTRTVEKGNKYDG
SGRVVLVNTTHKPFDIHVYHPYRQPIMSNPCGTNNGGCSHLCLIKAGGRGFTCACPDDFQTVQLRDRTLCMPMCSSTQFL
CGNNEKCIPIWWKCDGQKDCSDGSDEPDLCPHRFCRLGQFQCRDGNCTSPQALCNARQDCADGSDEDRVLCEHHRCESNE
WQCANKRCIPQSWQCDSVNDCLDNSDEDTSHCASRTCRPGQFKCNNGRCIPQSWKCDVDNDCGDYSDEPIDECTTAAYNC
DNHTEFSCKTNYRCIPQWAVCNGFDDCRDNSDEQGCESVPCHPSGDFRCANHHCIPLRWKCDGTDDCGDNSDEENCVPRE
CSESEFRCADQQCIPSRWVCDQENDCGDNSDERDCEMKTCHPEHFQCTSGHCVPKALACDGRADCLDASDESACPTRFPN
GTYCPAAMFECKNHVCIQSFWICDGENDCVDGSDEEIHLCFNIPCESPQRFRCDNSRCVYGHQLCNGVDDCGDGSDEKEE
HCRKPTHKPCTDTEYKCSNGNCISQHYVCDNVNDCGDLSDETGCNLGDNRTCAENICEQNCTQLSSGGFICSCRPGFKPS
TLDKNSCQDINECEEFGICPQSCRNSKGSYECFCVDGFKSMSTHYGERCAADGSPPLLLLPENVRIRKYNTSSEKFSEYL
EEEEHIQTIDYDWDPEHIGLSVVYYTVLAQGSQFGAIKRAYIPNFESGSNNPIREVDLGLKYLMQPDGLAVDWVGRHIYW
SDAKSQRIEVATLDGRYRKWLITTQLDQPAAIAVNPKLGLMFWTDQGKQPKIESAWMNGEHRSVLVSENLGWPNGLSIDY
LNDDRVYWSDSKEDVIEAIKYDGTDRRLIINEAMKPFSLDIFEDKLYWVAKEKGEVWRQNKFGKENKEKVLVVNPWLTQV
RIFHQLRYNQSVSNPCKQVCSHLCLLRPGGYSCACPQGSDFVTGSTVQCDAASELPVTMPPPCRCMHGGNCYFDENELPK
CKCSSGYSGEYCEVGLSRGIPPGTTMAVLLTFVIVIIVGALVLVGLFHYRKTGSLLPTLPKLPSLSSLAKPSENGNGVTF
RSGADVNMDIGVSPFGPETIIDRSMAMNEHFVMEVGKQPVIFENPMYAAKDNTSKVALAVQGPSTGAQVTVPENVENQNY
GRPIDPSEIVPEPKPASPGADEIQGKKWNIFKRKPKQTTNFENPIYAEMDSEVKDAVAVAPPPSPSLPAKASKRNLTPGY
TATEDTFKDTANLVKEDSDV
;
A
2 'polypeptide(L)' (UNK)(UNK)(UNK)(UNK)(UNK)(UNK) G
3 'polypeptide(L)' (UNK)N(UNK)(UNK)(UNK) H
#
# COMPACT_ATOMS: atom_id res chain seq x y z
N LYS A 186 -48.73 -12.32 26.94
CA LYS A 186 -47.91 -11.63 25.96
C LYS A 186 -46.69 -11.00 26.63
N GLU A 187 -46.89 -9.80 27.17
CA GLU A 187 -45.83 -9.12 27.91
C GLU A 187 -45.76 -9.65 29.34
N PHE A 188 -45.01 -8.97 30.20
CA PHE A 188 -44.89 -9.34 31.60
C PHE A 188 -45.78 -8.44 32.44
N GLU A 189 -46.67 -9.05 33.23
CA GLU A 189 -47.57 -8.32 34.12
C GLU A 189 -47.01 -8.37 35.53
N CYS A 190 -46.87 -7.19 36.14
CA CYS A 190 -46.31 -7.10 37.49
C CYS A 190 -47.31 -7.58 38.54
N GLY A 191 -46.81 -7.83 39.74
CA GLY A 191 -47.66 -8.22 40.84
C GLY A 191 -48.62 -7.14 41.30
N SER A 192 -48.35 -5.88 40.96
CA SER A 192 -49.24 -4.79 41.32
C SER A 192 -50.31 -4.52 40.27
N GLY A 193 -50.31 -5.28 39.17
CA GLY A 193 -51.32 -5.09 38.13
C GLY A 193 -50.93 -4.07 37.08
N GLU A 194 -49.78 -4.26 36.45
CA GLU A 194 -49.31 -3.35 35.41
C GLU A 194 -48.50 -4.14 34.39
N CYS A 195 -48.62 -3.74 33.12
CA CYS A 195 -47.93 -4.38 32.02
C CYS A 195 -46.68 -3.59 31.67
N ILE A 196 -45.57 -4.31 31.50
CA ILE A 196 -44.28 -3.71 31.15
C ILE A 196 -43.64 -4.54 30.05
N LEU A 197 -42.99 -3.85 29.11
CA LEU A 197 -42.41 -4.51 27.94
C LEU A 197 -41.26 -5.43 28.36
N ARG A 198 -41.08 -6.52 27.61
CA ARG A 198 -40.10 -7.53 27.97
C ARG A 198 -38.67 -6.98 27.95
N ALA A 199 -38.35 -6.13 26.96
CA ALA A 199 -37.00 -5.59 26.87
C ALA A 199 -36.64 -4.77 28.10
N TYR A 200 -37.59 -4.00 28.64
CA TYR A 200 -37.37 -3.23 29.86
C TYR A 200 -37.74 -4.00 31.12
N VAL A 201 -38.16 -5.25 30.99
CA VAL A 201 -38.28 -6.15 32.13
C VAL A 201 -36.90 -6.69 32.46
N CYS A 202 -36.51 -6.60 33.73
CA CYS A 202 -35.20 -7.03 34.22
C CYS A 202 -34.12 -6.25 33.48
N ASP A 203 -34.07 -4.93 33.72
CA ASP A 203 -32.99 -4.09 33.19
C ASP A 203 -32.56 -3.03 34.21
N HIS A 204 -32.64 -3.34 35.51
CA HIS A 204 -32.26 -2.45 36.60
C HIS A 204 -33.23 -1.27 36.73
N ASP A 205 -34.33 -1.30 35.99
CA ASP A 205 -35.35 -0.27 36.13
C ASP A 205 -36.50 -0.81 36.98
N ASN A 206 -36.88 -0.05 38.02
CA ASN A 206 -37.87 -0.52 38.97
C ASN A 206 -39.22 -0.77 38.33
N ASP A 207 -39.61 0.08 37.37
CA ASP A 207 -40.89 -0.05 36.68
C ASP A 207 -42.05 -0.03 37.67
N CYS A 208 -42.74 -1.15 37.83
CA CYS A 208 -43.79 -1.25 38.82
C CYS A 208 -43.21 -1.16 40.23
N GLU A 209 -43.94 -0.50 41.13
CA GLU A 209 -43.44 -0.27 42.47
C GLU A 209 -43.23 -1.57 43.24
N ASP A 210 -43.85 -2.67 42.81
CA ASP A 210 -43.61 -3.97 43.43
C ASP A 210 -42.22 -4.50 43.08
N ASN A 211 -41.58 -3.95 42.05
CA ASN A 211 -40.26 -4.41 41.58
C ASN A 211 -40.27 -5.90 41.26
N SER A 212 -41.33 -6.36 40.60
CA SER A 212 -41.41 -7.77 40.23
C SER A 212 -40.32 -8.16 39.23
N ASP A 213 -40.05 -7.28 38.27
CA ASP A 213 -39.04 -7.54 37.25
C ASP A 213 -37.62 -7.38 37.77
N GLU A 214 -37.45 -6.87 38.99
CA GLU A 214 -36.11 -6.64 39.53
C GLU A 214 -35.77 -7.55 40.71
N ARG A 215 -36.63 -8.51 41.06
CA ARG A 215 -36.27 -9.46 42.10
C ARG A 215 -35.28 -10.49 41.59
N ASN A 216 -35.44 -10.92 40.33
CA ASN A 216 -34.48 -11.82 39.71
C ASN A 216 -33.29 -11.03 39.18
N CYS A 217 -32.11 -11.64 39.23
CA CYS A 217 -30.86 -10.97 38.86
C CYS A 217 -30.05 -11.87 37.95
N ASN A 218 -30.05 -11.56 36.65
CA ASN A 218 -29.09 -12.17 35.75
C ASN A 218 -27.88 -11.27 35.63
N TYR A 219 -28.08 -10.07 35.06
CA TYR A 219 -27.17 -8.93 35.14
C TYR A 219 -25.70 -9.35 35.17
N ASP A 220 -25.30 -10.16 34.18
CA ASP A 220 -23.96 -10.71 34.17
C ASP A 220 -22.92 -9.61 33.96
N THR A 221 -21.69 -9.92 34.34
CA THR A 221 -20.60 -8.95 34.25
C THR A 221 -20.39 -8.53 32.79
N CYS A 222 -20.08 -7.26 32.60
CA CYS A 222 -19.95 -6.71 31.26
C CYS A 222 -18.73 -7.27 30.55
N GLY A 223 -18.75 -7.21 29.22
CA GLY A 223 -17.64 -7.67 28.43
C GLY A 223 -16.56 -6.61 28.30
N GLY A 224 -15.59 -6.91 27.44
CA GLY A 224 -14.50 -5.97 27.21
C GLY A 224 -14.96 -4.67 26.57
N HIS A 225 -15.97 -4.75 25.71
CA HIS A 225 -16.44 -3.59 24.97
C HIS A 225 -17.43 -2.73 25.75
N GLN A 226 -17.76 -3.11 26.98
CA GLN A 226 -18.79 -2.43 27.75
C GLN A 226 -18.21 -1.80 29.00
N PHE A 227 -18.84 -0.72 29.44
CA PHE A 227 -18.54 -0.08 30.71
C PHE A 227 -19.56 -0.51 31.76
N THR A 228 -19.07 -0.75 32.97
CA THR A 228 -19.89 -1.29 34.05
C THR A 228 -20.28 -0.14 34.98
N CYS A 229 -21.57 0.16 35.04
CA CYS A 229 -22.07 1.18 35.94
C CYS A 229 -22.09 0.68 37.37
N SER A 230 -22.39 1.59 38.30
CA SER A 230 -22.42 1.24 39.72
C SER A 230 -23.50 0.20 40.01
N ASN A 231 -24.67 0.36 39.39
CA ASN A 231 -25.79 -0.53 39.63
C ASN A 231 -25.72 -1.83 38.85
N GLY A 232 -24.65 -2.06 38.08
CA GLY A 232 -24.48 -3.29 37.35
C GLY A 232 -24.93 -3.24 35.89
N GLN A 233 -25.61 -2.18 35.47
CA GLN A 233 -26.03 -2.06 34.09
C GLN A 233 -24.81 -1.90 33.18
N CYS A 234 -24.83 -2.60 32.05
CA CYS A 234 -23.74 -2.54 31.08
C CYS A 234 -24.13 -1.65 29.92
N ILE A 235 -23.25 -0.71 29.58
CA ILE A 235 -23.45 0.19 28.45
C ILE A 235 -22.21 0.13 27.56
N ASN A 236 -22.38 0.47 26.29
CA ASN A 236 -21.28 0.37 25.34
C ASN A 236 -20.19 1.39 25.68
N GLN A 237 -18.94 1.03 25.36
CA GLN A 237 -17.79 1.84 25.74
C GLN A 237 -17.85 3.24 25.15
N ASN A 238 -18.48 3.40 23.98
CA ASN A 238 -18.55 4.71 23.34
C ASN A 238 -19.44 5.68 24.10
N TRP A 239 -20.35 5.18 24.94
CA TRP A 239 -21.23 6.05 25.70
C TRP A 239 -20.53 6.73 26.86
N VAL A 240 -19.29 6.35 27.16
CA VAL A 240 -18.61 6.87 28.34
C VAL A 240 -18.08 8.27 28.08
N CYS A 241 -18.42 9.20 28.97
CA CYS A 241 -17.94 10.58 28.92
C CYS A 241 -18.29 11.24 27.59
N ASP A 242 -19.54 11.05 27.16
CA ASP A 242 -20.05 11.72 25.97
C ASP A 242 -21.00 12.85 26.28
N GLY A 243 -21.44 12.99 27.53
CA GLY A 243 -22.36 14.03 27.94
C GLY A 243 -23.70 13.54 28.44
N ASP A 244 -24.01 12.26 28.29
CA ASP A 244 -25.29 11.70 28.72
C ASP A 244 -25.08 10.81 29.93
N ASP A 245 -25.86 11.04 30.99
CA ASP A 245 -25.80 10.22 32.18
C ASP A 245 -26.54 8.90 31.96
N ASP A 246 -25.94 8.00 31.17
CA ASP A 246 -26.60 6.75 30.83
C ASP A 246 -26.72 5.82 32.02
N CYS A 247 -25.78 5.89 32.96
CA CYS A 247 -25.73 4.94 34.07
C CYS A 247 -26.74 5.24 35.15
N GLN A 248 -27.47 6.37 35.06
CA GLN A 248 -28.46 6.85 36.02
C GLN A 248 -27.80 7.15 37.37
N ASP A 249 -26.48 6.97 37.44
CA ASP A 249 -25.69 7.28 38.61
C ASP A 249 -24.54 8.23 38.29
N SER A 250 -24.44 8.68 37.03
CA SER A 250 -23.36 9.51 36.53
C SER A 250 -21.99 8.85 36.67
N GLY A 251 -21.95 7.52 36.75
CA GLY A 251 -20.67 6.84 36.85
C GLY A 251 -19.91 6.84 35.53
N ASP A 252 -20.61 7.00 34.42
CA ASP A 252 -19.98 7.10 33.11
C ASP A 252 -19.72 8.53 32.69
N GLU A 253 -20.07 9.50 33.53
CA GLU A 253 -19.78 10.91 33.26
C GLU A 253 -19.00 11.55 34.40
N ASP A 254 -18.14 10.79 35.07
CA ASP A 254 -17.42 11.27 36.24
C ASP A 254 -16.10 11.88 35.82
N GLY A 255 -15.98 13.20 35.96
CA GLY A 255 -14.71 13.89 35.77
C GLY A 255 -14.12 13.79 34.38
N CYS A 256 -14.95 13.92 33.35
CA CYS A 256 -14.42 13.94 31.99
C CYS A 256 -13.59 15.18 31.71
N GLU A 257 -13.79 16.25 32.45
CA GLU A 257 -12.96 17.43 32.32
C GLU A 257 -11.61 17.20 33.00
N SER A 258 -10.62 17.99 32.60
CA SER A 258 -9.26 17.80 33.09
C SER A 258 -9.03 18.46 34.44
N ASN A 259 -9.88 18.13 35.42
CA ASN A 259 -9.77 18.67 36.77
C ASN A 259 -9.69 20.19 36.77
N GLN A 260 -10.71 20.83 36.20
CA GLN A 260 -10.71 22.28 36.09
C GLN A 260 -10.72 22.94 37.46
N SER A 261 -11.49 22.40 38.40
CA SER A 261 -11.58 22.97 39.74
C SER A 261 -11.97 21.87 40.71
N HIS A 262 -11.77 22.17 42.00
CA HIS A 262 -12.09 21.23 43.06
C HIS A 262 -13.60 21.14 43.27
N HIS A 263 -14.01 20.14 44.03
CA HIS A 263 -15.39 19.99 44.49
C HIS A 263 -15.39 20.22 46.00
N ARG A 264 -15.66 21.47 46.40
CA ARG A 264 -15.60 21.88 47.80
C ARG A 264 -14.23 21.64 48.41
N CYS A 265 -13.20 21.71 47.57
CA CYS A 265 -11.79 21.49 47.95
C CYS A 265 -11.70 20.12 48.63
N TYR A 266 -10.98 19.98 49.73
CA TYR A 266 -10.83 18.73 50.45
C TYR A 266 -10.79 19.04 51.94
N PRO A 267 -11.07 18.05 52.78
CA PRO A 267 -10.91 18.26 54.23
C PRO A 267 -9.48 18.63 54.57
N ARG A 268 -9.33 19.37 55.68
CA ARG A 268 -8.06 19.96 56.13
C ARG A 268 -7.28 20.58 54.98
N GLU A 269 -7.98 21.23 54.05
CA GLU A 269 -7.38 21.99 52.97
C GLU A 269 -8.21 23.24 52.72
N TRP A 270 -7.57 24.27 52.18
CA TRP A 270 -8.21 25.55 51.90
C TRP A 270 -8.17 25.82 50.41
N ALA A 271 -9.17 26.56 49.92
CA ALA A 271 -9.34 26.79 48.49
C ALA A 271 -8.91 28.20 48.13
N CYS A 272 -8.02 28.31 47.13
CA CYS A 272 -7.69 29.61 46.54
C CYS A 272 -8.78 30.00 45.55
N PRO A 273 -9.40 31.16 45.71
CA PRO A 273 -10.52 31.54 44.83
C PRO A 273 -10.12 31.66 43.37
N GLY A 274 -8.89 32.06 43.08
CA GLY A 274 -8.51 32.40 41.72
C GLY A 274 -8.50 31.25 40.74
N SER A 275 -7.95 30.09 41.12
CA SER A 275 -7.80 29.01 40.15
C SER A 275 -8.19 27.64 40.68
N GLY A 276 -8.75 27.54 41.90
CA GLY A 276 -9.19 26.26 42.40
C GLY A 276 -8.11 25.38 43.00
N ARG A 277 -6.90 25.90 43.20
CA ARG A 277 -5.86 25.13 43.86
C ARG A 277 -6.15 25.02 45.35
N CYS A 278 -5.81 23.87 45.92
CA CYS A 278 -6.07 23.59 47.33
C CYS A 278 -4.76 23.41 48.09
N ILE A 279 -4.66 24.10 49.22
CA ILE A 279 -3.53 23.96 50.13
C ILE A 279 -4.08 23.81 51.55
N SER A 280 -3.28 23.19 52.41
CA SER A 280 -3.72 22.93 53.77
C SER A 280 -3.34 24.10 54.70
N ILE A 281 -3.89 24.05 55.91
CA ILE A 281 -3.66 25.12 56.89
C ILE A 281 -2.19 25.23 57.26
N ASP A 282 -1.42 24.14 57.13
CA ASP A 282 0.01 24.21 57.43
C ASP A 282 0.73 25.18 56.51
N LYS A 283 0.15 25.53 55.37
CA LYS A 283 0.70 26.53 54.47
C LYS A 283 -0.09 27.83 54.47
N VAL A 284 -1.38 27.77 54.82
CA VAL A 284 -2.20 28.98 54.85
C VAL A 284 -1.76 29.88 56.00
N CYS A 285 -1.53 31.14 55.70
CA CYS A 285 -1.14 32.18 56.65
C CYS A 285 0.20 31.92 57.32
N ASP A 286 1.02 31.01 56.76
CA ASP A 286 2.35 30.77 57.31
C ASP A 286 3.35 31.87 56.96
N GLY A 287 2.97 32.79 56.07
CA GLY A 287 3.83 33.89 55.68
C GLY A 287 4.35 33.81 54.26
N VAL A 288 4.04 32.75 53.53
CA VAL A 288 4.55 32.56 52.18
C VAL A 288 3.39 32.40 51.20
N PRO A 289 3.40 33.07 50.05
CA PRO A 289 2.36 32.83 49.04
C PRO A 289 2.53 31.44 48.43
N ASP A 290 1.62 30.52 48.77
CA ASP A 290 1.78 29.11 48.46
C ASP A 290 0.84 28.64 47.35
N CYS A 291 0.17 29.55 46.66
CA CYS A 291 -0.69 29.22 45.53
C CYS A 291 -0.65 30.39 44.56
N PRO A 292 -0.97 30.15 43.28
CA PRO A 292 -0.64 31.15 42.24
C PRO A 292 -1.16 32.55 42.52
N GLU A 293 -2.36 32.69 43.07
CA GLU A 293 -2.87 34.02 43.39
C GLU A 293 -2.21 34.63 44.62
N GLY A 294 -1.69 33.81 45.53
CA GLY A 294 -1.09 34.33 46.74
C GLY A 294 -2.07 34.95 47.70
N ASP A 295 -3.35 34.60 47.60
CA ASP A 295 -4.37 35.19 48.46
C ASP A 295 -4.32 34.67 49.89
N ASP A 296 -3.54 33.63 50.16
CA ASP A 296 -3.46 33.03 51.49
C ASP A 296 -2.62 33.83 52.47
N GLU A 297 -2.24 35.06 52.12
CA GLU A 297 -1.46 35.90 53.01
C GLU A 297 -2.07 37.30 53.01
N ASN A 298 -1.41 38.22 53.72
CA ASN A 298 -1.88 39.59 53.78
C ASN A 298 -1.69 40.28 52.43
N ASN A 299 -2.70 41.06 52.02
CA ASN A 299 -2.65 41.79 50.77
C ASN A 299 -3.04 43.23 51.03
N VAL A 300 -2.30 44.16 50.40
CA VAL A 300 -2.57 45.58 50.61
C VAL A 300 -3.80 46.05 49.82
N THR A 301 -4.24 45.27 48.84
CA THR A 301 -5.38 45.67 48.01
C THR A 301 -6.71 45.22 48.58
N SER A 302 -6.72 44.40 49.63
CA SER A 302 -7.97 43.86 50.17
C SER A 302 -8.13 44.19 51.65
N GLY A 303 -7.02 44.33 52.36
CA GLY A 303 -7.06 44.56 53.79
C GLY A 303 -7.22 43.32 54.64
N ARG A 304 -7.17 42.14 54.04
CA ARG A 304 -7.30 40.90 54.79
C ARG A 304 -6.01 40.62 55.56
N THR A 305 -6.15 40.25 56.84
CA THR A 305 -4.99 40.00 57.70
C THR A 305 -5.12 38.61 58.32
N CYS A 306 -3.98 37.96 58.56
CA CYS A 306 -3.97 36.61 59.08
C CYS A 306 -3.94 36.64 60.60
N GLY A 307 -4.86 35.90 61.22
CA GLY A 307 -4.91 35.83 62.67
C GLY A 307 -6.20 35.19 63.12
N MET A 308 -6.40 35.17 64.43
CA MET A 308 -7.62 34.64 65.01
C MET A 308 -8.79 35.57 64.68
N GLY A 309 -9.99 35.14 65.09
CA GLY A 309 -11.17 35.94 64.82
C GLY A 309 -12.46 35.38 65.37
N VAL A 310 -13.50 35.36 64.54
CA VAL A 310 -14.85 34.98 64.95
C VAL A 310 -14.96 33.49 65.24
N CYS A 311 -13.88 32.73 65.06
CA CYS A 311 -13.94 31.28 65.28
C CYS A 311 -14.30 30.94 66.72
N SER A 312 -14.09 31.87 67.65
CA SER A 312 -14.52 31.67 69.03
C SER A 312 -16.03 31.50 69.14
N VAL A 313 -16.78 32.09 68.21
CA VAL A 313 -18.23 31.90 68.18
C VAL A 313 -18.61 30.65 67.38
N LEU A 314 -17.80 30.27 66.40
CA LEU A 314 -18.11 29.09 65.60
C LEU A 314 -18.09 27.82 66.45
N ASN A 315 -17.09 27.68 67.33
CA ASN A 315 -16.91 26.50 68.17
C ASN A 315 -16.88 25.24 67.32
N CYS A 316 -15.85 25.15 66.48
CA CYS A 316 -15.73 24.07 65.52
C CYS A 316 -15.57 22.72 66.23
N GLU A 317 -15.89 21.66 65.51
CA GLU A 317 -15.84 20.32 66.07
C GLU A 317 -14.43 19.89 66.47
N TYR A 318 -13.39 20.35 65.77
CA TYR A 318 -12.04 19.90 66.10
C TYR A 318 -11.16 21.03 66.63
N GLN A 319 -10.95 22.07 65.82
CA GLN A 319 -10.01 23.13 66.17
C GLN A 319 -10.30 24.38 65.34
N CYS A 320 -9.71 25.49 65.77
CA CYS A 320 -9.70 26.72 65.00
C CYS A 320 -8.28 27.07 64.60
N HIS A 321 -8.15 27.82 63.50
CA HIS A 321 -6.85 28.24 63.03
C HIS A 321 -6.98 29.54 62.24
N GLN A 322 -5.84 30.21 62.07
CA GLN A 322 -5.84 31.53 61.47
C GLN A 322 -5.98 31.45 59.95
N THR A 323 -6.87 32.28 59.41
CA THR A 323 -7.07 32.49 57.98
C THR A 323 -7.11 34.00 57.74
N PRO A 324 -6.90 34.48 56.52
CA PRO A 324 -6.97 35.94 56.29
C PRO A 324 -8.32 36.55 56.60
N PHE A 325 -9.39 35.75 56.65
CA PHE A 325 -10.69 36.20 57.12
C PHE A 325 -10.82 36.10 58.63
N GLY A 326 -9.77 35.65 59.33
CA GLY A 326 -9.85 35.39 60.74
C GLY A 326 -9.84 33.89 61.02
N GLY A 327 -10.24 33.54 62.23
CA GLY A 327 -10.28 32.14 62.62
C GLY A 327 -11.38 31.40 61.87
N GLU A 328 -11.04 30.20 61.40
CA GLU A 328 -11.97 29.35 60.68
C GLU A 328 -11.74 27.89 61.08
N CYS A 329 -12.72 27.05 60.72
CA CYS A 329 -12.70 25.66 61.16
C CYS A 329 -11.73 24.82 60.34
N PHE A 330 -11.11 23.85 61.01
CA PHE A 330 -10.31 22.81 60.36
C PHE A 330 -10.51 21.51 61.13
N CYS A 331 -10.58 20.40 60.40
CA CYS A 331 -11.05 19.15 60.97
C CYS A 331 -10.10 18.01 60.61
N PRO A 332 -10.07 16.95 61.42
CA PRO A 332 -9.07 15.89 61.23
C PRO A 332 -9.37 15.05 60.01
N PRO A 333 -8.55 14.05 59.71
CA PRO A 333 -8.88 13.11 58.63
C PRO A 333 -10.22 12.44 58.87
N GLY A 334 -10.96 12.22 57.78
CA GLY A 334 -12.31 11.71 57.88
C GLY A 334 -13.28 12.66 58.54
N HIS A 335 -13.10 13.97 58.32
CA HIS A 335 -13.99 14.99 58.88
C HIS A 335 -14.08 16.13 57.89
N ILE A 336 -15.26 16.33 57.30
CA ILE A 336 -15.49 17.42 56.36
C ILE A 336 -16.72 18.19 56.83
N ILE A 337 -16.69 19.51 56.61
CA ILE A 337 -17.79 20.36 57.04
C ILE A 337 -19.07 19.97 56.31
N ASN A 338 -20.19 20.13 57.00
CA ASN A 338 -21.48 19.71 56.46
C ASN A 338 -22.01 20.74 55.45
N SER A 339 -23.25 20.55 55.03
CA SER A 339 -23.90 21.45 54.08
C SER A 339 -24.05 22.84 54.66
N ASN A 340 -23.31 23.81 54.10
CA ASN A 340 -23.29 25.21 54.53
C ASN A 340 -23.24 25.37 56.04
N ASP A 341 -22.56 24.43 56.73
CA ASP A 341 -22.42 24.45 58.18
C ASP A 341 -20.93 24.27 58.50
N SER A 342 -20.20 25.38 58.53
CA SER A 342 -18.77 25.32 58.79
C SER A 342 -18.47 24.82 60.19
N ARG A 343 -19.39 25.03 61.13
CA ARG A 343 -19.17 24.61 62.52
C ARG A 343 -19.30 23.11 62.68
N THR A 344 -20.00 22.44 61.77
CA THR A 344 -20.29 21.02 61.89
C THR A 344 -19.46 20.26 60.87
N CYS A 345 -18.72 19.25 61.33
CA CYS A 345 -17.93 18.38 60.48
C CYS A 345 -18.58 17.00 60.43
N ILE A 346 -18.76 16.48 59.23
CA ILE A 346 -19.28 15.14 59.03
C ILE A 346 -18.14 14.24 58.56
N ASP A 347 -18.28 12.94 58.82
CA ASP A 347 -17.26 11.99 58.42
C ASP A 347 -17.13 11.95 56.90
N PHE A 348 -15.89 11.88 56.41
CA PHE A 348 -15.60 11.91 55.00
C PHE A 348 -14.81 10.67 54.60
N ASP A 349 -14.95 10.28 53.33
CA ASP A 349 -14.23 9.13 52.78
C ASP A 349 -12.92 9.65 52.20
N ASP A 350 -11.84 9.48 52.97
CA ASP A 350 -10.53 9.93 52.52
C ASP A 350 -9.99 9.10 51.35
N CYS A 351 -10.63 7.96 51.06
CA CYS A 351 -10.21 7.13 49.93
C CYS A 351 -10.37 7.82 48.59
N GLN A 352 -11.20 8.87 48.51
CA GLN A 352 -11.44 9.55 47.25
C GLN A 352 -10.43 10.65 46.94
N ILE A 353 -9.56 10.98 47.89
CA ILE A 353 -8.59 12.05 47.69
C ILE A 353 -7.43 11.54 46.84
N TRP A 354 -6.98 12.37 45.92
CA TRP A 354 -5.91 11.99 45.01
C TRP A 354 -4.60 11.80 45.76
N GLY A 355 -4.01 10.62 45.63
CA GLY A 355 -2.71 10.35 46.21
C GLY A 355 -2.69 10.00 47.69
N ILE A 356 -3.84 9.65 48.28
CA ILE A 356 -3.88 9.31 49.70
C ILE A 356 -3.10 8.02 49.94
N CYS A 357 -3.22 7.05 49.02
CA CYS A 357 -2.44 5.82 49.06
C CYS A 357 -1.99 5.50 47.64
N ASP A 358 -0.73 5.14 47.49
CA ASP A 358 -0.14 4.99 46.17
C ASP A 358 -0.74 3.83 45.36
N GLN A 359 -1.20 2.76 46.01
CA GLN A 359 -1.75 1.64 45.25
C GLN A 359 -3.22 1.37 45.56
N LYS A 360 -3.55 1.15 46.82
CA LYS A 360 -4.88 0.74 47.21
C LYS A 360 -5.23 1.34 48.56
N CYS A 361 -6.54 1.44 48.82
CA CYS A 361 -7.05 2.08 50.03
C CYS A 361 -8.39 1.49 50.42
N GLU A 362 -8.61 1.33 51.72
CA GLU A 362 -9.88 0.88 52.27
C GLU A 362 -10.28 1.81 53.41
N ASN A 363 -11.57 2.10 53.51
CA ASN A 363 -12.07 3.10 54.46
C ASN A 363 -12.81 2.50 55.65
N ARG A 364 -12.79 1.18 55.81
CA ARG A 364 -13.58 0.57 56.89
C ARG A 364 -12.94 0.75 58.27
N GLN A 365 -11.64 1.00 58.33
CA GLN A 365 -10.94 1.12 59.60
C GLN A 365 -10.07 2.37 59.60
N GLY A 366 -10.00 3.02 60.75
CA GLY A 366 -9.20 4.22 60.89
C GLY A 366 -9.62 5.36 59.99
N ARG A 367 -10.85 5.31 59.47
CA ARG A 367 -11.43 6.26 58.52
C ARG A 367 -10.79 6.11 57.15
N HIS A 368 -9.71 5.33 57.08
CA HIS A 368 -9.05 4.94 55.84
C HIS A 368 -7.86 4.06 56.20
N GLN A 369 -7.40 3.27 55.24
CA GLN A 369 -6.21 2.46 55.41
C GLN A 369 -5.66 2.06 54.05
N CYS A 370 -4.35 2.19 53.89
CA CYS A 370 -3.69 1.81 52.65
C CYS A 370 -3.32 0.34 52.67
N LEU A 371 -3.13 -0.21 51.47
CA LEU A 371 -2.64 -1.57 51.30
C LEU A 371 -1.99 -1.67 49.93
N CYS A 372 -1.21 -2.73 49.74
CA CYS A 372 -0.38 -2.88 48.56
C CYS A 372 -0.68 -4.19 47.85
N GLU A 373 -0.43 -4.20 46.55
CA GLU A 373 -0.54 -5.44 45.78
C GLU A 373 0.55 -6.41 46.19
N GLU A 374 0.32 -7.70 45.93
CA GLU A 374 1.31 -8.70 46.26
C GLU A 374 2.59 -8.45 45.47
N GLY A 375 3.72 -8.73 46.11
CA GLY A 375 5.02 -8.36 45.59
C GLY A 375 5.53 -7.03 46.11
N TYR A 376 4.65 -6.07 46.35
CA TYR A 376 5.05 -4.83 47.01
C TYR A 376 4.96 -4.99 48.53
N ILE A 377 5.67 -4.13 49.24
CA ILE A 377 5.66 -4.11 50.70
C ILE A 377 5.40 -2.68 51.16
N LEU A 378 4.46 -2.53 52.09
CA LEU A 378 4.09 -1.21 52.56
C LEU A 378 5.20 -0.59 53.40
N GLU A 379 5.55 0.65 53.08
CA GLU A 379 6.49 1.43 53.86
C GLU A 379 5.79 2.68 54.38
N ARG A 380 6.18 3.10 55.59
CA ARG A 380 5.46 4.16 56.29
C ARG A 380 4.00 3.71 56.38
N GLY A 381 3.06 4.65 56.21
CA GLY A 381 1.66 4.29 56.17
C GLY A 381 0.98 4.70 54.88
N GLN A 382 1.78 5.15 53.90
CA GLN A 382 1.22 5.67 52.66
C GLN A 382 1.84 5.06 51.42
N HIS A 383 3.12 4.70 51.50
CA HIS A 383 3.93 4.38 50.33
C HIS A 383 4.19 2.89 50.25
N CYS A 384 3.89 2.30 49.10
CA CYS A 384 4.24 0.91 48.84
C CYS A 384 5.46 0.83 47.93
N LYS A 385 6.46 0.06 48.37
CA LYS A 385 7.70 -0.09 47.63
C LYS A 385 7.92 -1.56 47.29
N SER A 386 8.74 -1.79 46.28
CA SER A 386 9.03 -3.15 45.83
C SER A 386 9.78 -3.92 46.91
N SER A 387 9.37 -5.18 47.09
CA SER A 387 10.07 -6.04 48.03
C SER A 387 11.46 -6.38 47.51
N ASP A 388 12.37 -6.66 48.44
CA ASP A 388 13.75 -6.99 48.08
C ASP A 388 13.90 -8.44 47.62
N SER A 389 12.81 -9.18 47.45
CA SER A 389 12.88 -10.54 46.95
C SER A 389 13.12 -10.60 45.45
N PHE A 390 13.00 -9.47 44.74
CA PHE A 390 13.32 -9.39 43.33
C PHE A 390 14.74 -8.85 43.17
N SER A 391 15.37 -9.19 42.04
CA SER A 391 16.80 -9.01 41.92
C SER A 391 17.21 -7.55 42.04
N ALA A 392 16.61 -6.67 41.23
CA ALA A 392 17.02 -5.27 41.21
C ALA A 392 16.03 -4.48 40.36
N ALA A 393 16.19 -3.16 40.39
CA ALA A 393 15.38 -2.24 39.60
C ALA A 393 16.28 -1.22 38.92
N SER A 394 16.06 -1.03 37.61
CA SER A 394 16.86 -0.11 36.83
C SER A 394 15.97 0.59 35.81
N VAL A 395 16.44 1.73 35.34
CA VAL A 395 15.72 2.51 34.32
C VAL A 395 16.55 2.49 33.04
N ILE A 396 15.87 2.27 31.92
CA ILE A 396 16.50 2.20 30.60
C ILE A 396 15.91 3.29 29.73
N PHE A 397 16.79 4.07 29.11
CA PHE A 397 16.33 5.18 28.30
C PHE A 397 17.33 5.44 27.19
N SER A 398 16.89 6.18 26.18
CA SER A 398 17.75 6.55 25.06
C SER A 398 18.34 7.93 25.30
N ASN A 399 19.65 8.03 25.17
CA ASN A 399 20.35 9.30 25.28
C ASN A 399 20.13 10.20 24.07
N GLY A 400 19.41 9.66 23.09
CA GLY A 400 19.27 10.30 21.80
C GLY A 400 20.19 9.75 20.74
N ARG A 401 21.31 9.16 21.13
CA ARG A 401 22.17 8.43 20.21
C ARG A 401 22.32 6.99 20.68
N ASP A 402 22.58 6.81 21.97
CA ASP A 402 22.94 5.53 22.55
C ASP A 402 21.85 5.01 23.48
N LEU A 403 22.03 3.77 23.93
CA LEU A 403 21.12 3.14 24.87
C LEU A 403 21.78 3.09 26.24
N LEU A 404 21.23 3.82 27.20
CA LEU A 404 21.79 3.94 28.53
C LEU A 404 21.00 3.10 29.53
N VAL A 405 21.59 2.94 30.71
CA VAL A 405 20.93 2.26 31.83
C VAL A 405 21.57 2.73 33.12
N GLY A 406 20.74 2.85 34.17
CA GLY A 406 21.22 3.27 35.47
C GLY A 406 20.25 2.85 36.55
N ASP A 407 20.61 3.17 37.78
CA ASP A 407 19.74 2.87 38.90
C ASP A 407 18.65 3.94 39.03
N LEU A 408 17.81 3.78 40.05
CA LEU A 408 16.69 4.70 40.26
C LEU A 408 17.12 6.04 40.82
N HIS A 409 18.39 6.23 41.18
CA HIS A 409 18.86 7.52 41.66
C HIS A 409 19.97 8.12 40.80
N GLY A 410 20.45 7.41 39.79
CA GLY A 410 21.41 7.97 38.87
C GLY A 410 22.84 8.04 39.36
N ARG A 411 23.21 7.26 40.38
CA ARG A 411 24.58 7.29 40.87
C ARG A 411 25.56 6.83 39.81
N ASN A 412 25.21 5.79 39.05
CA ASN A 412 26.10 5.26 38.02
C ASN A 412 25.29 4.95 36.77
N PHE A 413 25.86 5.28 35.62
CA PHE A 413 25.23 5.06 34.32
C PHE A 413 26.13 4.21 33.46
N ARG A 414 25.53 3.25 32.76
CA ARG A 414 26.26 2.31 31.91
C ARG A 414 25.68 2.35 30.51
N ILE A 415 26.55 2.51 29.51
CA ILE A 415 26.12 2.46 28.12
C ILE A 415 25.85 1.00 27.79
N LEU A 416 24.61 0.69 27.38
CA LEU A 416 24.26 -0.70 27.11
C LEU A 416 24.69 -1.11 25.70
N ALA A 417 24.15 -0.46 24.68
CA ALA A 417 24.55 -0.73 23.30
C ALA A 417 24.73 0.61 22.59
N GLU A 418 25.86 0.77 21.92
CA GLU A 418 26.17 2.00 21.21
C GLU A 418 25.73 1.90 19.77
N SER A 419 25.19 3.00 19.25
CA SER A 419 24.62 3.01 17.90
C SER A 419 25.73 3.04 16.86
N LYS A 420 25.56 2.26 15.80
CA LYS A 420 26.52 2.22 14.71
C LYS A 420 25.95 2.95 13.49
N ASN A 421 26.87 3.48 12.67
CA ASN A 421 26.53 4.12 11.41
C ASN A 421 25.51 5.24 11.58
N ARG A 422 25.82 6.18 12.47
CA ARG A 422 24.95 7.32 12.78
C ARG A 422 23.56 6.88 13.21
N GLY A 423 23.46 5.81 14.00
CA GLY A 423 22.18 5.33 14.46
C GLY A 423 21.56 6.20 15.52
N MET A 424 20.35 5.85 15.97
CA MET A 424 19.64 6.67 16.95
C MET A 424 18.62 5.78 17.65
N VAL A 425 18.88 5.47 18.93
CA VAL A 425 17.94 4.66 19.69
C VAL A 425 16.65 5.45 19.86
N MET A 426 15.51 4.83 19.51
CA MET A 426 14.27 5.56 19.37
C MET A 426 13.24 5.17 20.43
N GLY A 427 12.88 3.88 20.48
CA GLY A 427 11.90 3.41 21.43
C GLY A 427 12.32 2.08 22.04
N VAL A 428 12.18 1.97 23.36
CA VAL A 428 12.79 0.88 24.10
C VAL A 428 11.73 0.15 24.92
N ASP A 429 11.88 -1.16 25.02
CA ASP A 429 11.06 -1.99 25.90
C ASP A 429 11.82 -3.28 26.14
N PHE A 430 11.38 -4.05 27.14
CA PHE A 430 12.16 -5.17 27.61
C PHE A 430 11.26 -6.38 27.83
N HIS A 431 11.84 -7.44 28.38
CA HIS A 431 11.14 -8.67 28.72
C HIS A 431 11.91 -9.31 29.87
N TYR A 432 11.42 -9.12 31.09
CA TYR A 432 12.19 -9.49 32.27
C TYR A 432 12.41 -11.01 32.35
N GLN A 433 11.47 -11.78 31.83
CA GLN A 433 11.60 -13.23 31.89
C GLN A 433 12.83 -13.72 31.13
N LYS A 434 13.07 -13.16 29.95
CA LYS A 434 14.16 -13.58 29.10
C LYS A 434 15.37 -12.65 29.15
N HIS A 435 15.31 -11.58 29.96
CA HIS A 435 16.43 -10.65 30.13
C HIS A 435 16.86 -10.03 28.81
N ARG A 436 15.91 -9.68 27.94
CA ARG A 436 16.22 -9.07 26.66
C ARG A 436 15.67 -7.65 26.60
N VAL A 437 16.44 -6.75 26.00
CA VAL A 437 16.06 -5.36 25.84
C VAL A 437 15.98 -5.05 24.35
N PHE A 438 14.87 -4.46 23.92
CA PHE A 438 14.62 -4.18 22.51
C PHE A 438 14.66 -2.67 22.30
N TRP A 439 15.15 -2.25 21.14
CA TRP A 439 15.15 -0.84 20.79
C TRP A 439 15.10 -0.69 19.28
N THR A 440 14.42 0.37 18.83
CA THR A 440 14.23 0.63 17.41
C THR A 440 15.26 1.64 16.91
N ASP A 441 15.38 1.72 15.59
CA ASP A 441 16.34 2.58 14.93
C ASP A 441 15.70 3.22 13.71
N PRO A 442 15.33 4.51 13.77
CA PRO A 442 14.74 5.15 12.59
C PRO A 442 15.76 5.61 11.58
N MET A 443 16.97 5.97 12.00
CA MET A 443 17.99 6.38 11.04
C MET A 443 18.52 5.18 10.27
N GLN A 444 18.76 4.06 10.95
CA GLN A 444 19.19 2.85 10.27
C GLN A 444 18.03 2.03 9.73
N GLU A 445 16.79 2.41 10.06
CA GLU A 445 15.60 1.73 9.57
C GLU A 445 15.62 0.24 9.93
N LYS A 446 16.05 -0.06 11.15
CA LYS A 446 16.12 -1.44 11.63
C LYS A 446 15.63 -1.48 13.08
N VAL A 447 15.33 -2.68 13.55
CA VAL A 447 14.95 -2.93 14.94
C VAL A 447 15.88 -3.97 15.52
N PHE A 448 16.46 -3.66 16.67
CA PHE A 448 17.46 -4.52 17.30
C PHE A 448 16.90 -5.09 18.59
N SER A 449 17.66 -6.03 19.15
CA SER A 449 17.40 -6.59 20.47
C SER A 449 18.72 -7.08 21.05
N THR A 450 18.79 -7.11 22.37
CA THR A 450 20.02 -7.50 23.05
C THR A 450 19.71 -8.01 24.44
N ASP A 451 20.65 -8.76 25.00
CA ASP A 451 20.58 -9.14 26.40
C ASP A 451 20.89 -7.93 27.27
N ILE A 452 20.52 -8.03 28.55
CA ILE A 452 20.75 -6.92 29.47
C ILE A 452 22.24 -6.67 29.67
N ASN A 453 23.08 -7.67 29.40
CA ASN A 453 24.52 -7.54 29.54
C ASN A 453 25.18 -6.94 28.30
N GLY A 454 24.41 -6.62 27.26
CA GLY A 454 24.96 -6.12 26.02
C GLY A 454 25.41 -7.18 25.05
N LEU A 455 25.16 -8.45 25.35
CA LEU A 455 25.59 -9.53 24.47
C LEU A 455 24.50 -9.90 23.48
N ASN A 456 24.92 -10.48 22.36
CA ASN A 456 24.02 -11.03 21.34
C ASN A 456 23.10 -9.97 20.76
N THR A 457 23.67 -8.83 20.38
CA THR A 457 22.90 -7.79 19.71
C THR A 457 22.63 -8.22 18.27
N GLN A 458 21.35 -8.38 17.92
CA GLN A 458 20.98 -8.89 16.62
C GLN A 458 19.81 -8.07 16.07
N GLU A 459 19.68 -8.09 14.74
CA GLU A 459 18.60 -7.39 14.07
C GLU A 459 17.34 -8.24 14.10
N ILE A 460 16.23 -7.65 14.54
CA ILE A 460 14.98 -8.40 14.57
C ILE A 460 14.23 -8.25 13.25
N LEU A 461 14.06 -7.02 12.78
CA LEU A 461 13.46 -6.75 11.47
C LEU A 461 14.31 -5.74 10.73
N ASN A 462 14.36 -5.88 9.41
CA ASN A 462 14.93 -4.83 8.58
C ASN A 462 14.17 -4.64 7.27
N VAL A 463 13.00 -5.22 7.09
CA VAL A 463 12.22 -5.11 5.86
C VAL A 463 10.93 -4.37 6.17
N SER A 464 10.63 -3.36 5.36
CA SER A 464 9.38 -2.59 5.43
C SER A 464 9.26 -1.77 6.72
N VAL A 465 10.26 -1.84 7.59
CA VAL A 465 10.32 -1.03 8.80
C VAL A 465 11.23 0.15 8.51
N ASP A 466 10.67 1.36 8.55
CA ASP A 466 11.44 2.53 8.14
C ASP A 466 11.51 3.64 9.17
N THR A 467 10.44 3.92 9.92
CA THR A 467 10.47 4.92 10.99
C THR A 467 9.74 4.39 12.21
N PRO A 468 10.33 3.41 12.90
CA PRO A 468 9.68 2.83 14.08
C PRO A 468 9.72 3.75 15.29
N GLU A 469 8.72 4.63 15.42
CA GLU A 469 8.72 5.63 16.49
C GLU A 469 8.80 5.00 17.87
N ASN A 470 8.02 3.96 18.13
CA ASN A 470 7.95 3.40 19.47
C ASN A 470 7.80 1.89 19.39
N LEU A 471 7.70 1.26 20.55
CA LEU A 471 7.74 -0.19 20.65
C LEU A 471 7.04 -0.64 21.92
N ALA A 472 6.62 -1.90 21.94
CA ALA A 472 6.00 -2.50 23.12
C ALA A 472 6.12 -4.02 23.02
N VAL A 473 6.10 -4.68 24.18
CA VAL A 473 6.29 -6.12 24.26
C VAL A 473 5.16 -6.73 25.06
N ASP A 474 4.49 -7.72 24.47
CA ASP A 474 3.54 -8.56 25.21
C ASP A 474 4.34 -9.67 25.89
N TRP A 475 4.53 -9.55 27.20
CA TRP A 475 5.51 -10.38 27.89
C TRP A 475 5.02 -11.79 28.20
N ILE A 476 3.71 -12.05 28.14
CA ILE A 476 3.20 -13.38 28.43
C ILE A 476 2.84 -14.15 27.17
N ASN A 477 2.55 -13.48 26.06
CA ASN A 477 2.29 -14.15 24.80
C ASN A 477 3.52 -14.20 23.89
N ASN A 478 4.64 -13.62 24.33
CA ASN A 478 5.87 -13.56 23.54
C ASN A 478 5.62 -12.89 22.20
N LYS A 479 5.22 -11.62 22.26
CA LYS A 479 4.92 -10.82 21.08
C LYS A 479 5.59 -9.46 21.20
N LEU A 480 5.79 -8.82 20.06
CA LEU A 480 6.42 -7.51 19.98
C LEU A 480 5.57 -6.60 19.11
N TYR A 481 4.83 -5.70 19.74
CA TYR A 481 3.98 -4.75 19.03
C TYR A 481 4.81 -3.54 18.60
N LEU A 482 4.73 -3.20 17.33
CA LEU A 482 5.61 -2.21 16.73
C LEU A 482 4.80 -1.10 16.10
N VAL A 483 5.32 0.13 16.19
CA VAL A 483 4.68 1.29 15.58
C VAL A 483 5.47 1.70 14.34
N GLU A 484 4.76 2.06 13.28
CA GLU A 484 5.38 2.48 12.03
C GLU A 484 4.73 3.78 11.57
N THR A 485 5.53 4.67 11.00
CA THR A 485 5.01 5.97 10.60
C THR A 485 5.32 6.35 9.15
N LYS A 486 6.15 5.59 8.43
CA LYS A 486 6.25 5.84 7.00
C LYS A 486 4.98 5.37 6.29
N VAL A 487 4.49 4.19 6.66
CA VAL A 487 3.14 3.74 6.32
C VAL A 487 2.44 3.53 7.65
N ASN A 488 1.61 4.49 8.06
CA ASN A 488 1.07 4.52 9.41
C ASN A 488 0.28 3.26 9.73
N ARG A 489 0.81 2.45 10.63
CA ARG A 489 0.21 1.16 10.98
C ARG A 489 0.81 0.68 12.29
N ILE A 490 0.15 -0.32 12.88
CA ILE A 490 0.61 -0.95 14.11
C ILE A 490 0.73 -2.45 13.83
N ASP A 491 1.93 -3.00 14.01
CA ASP A 491 2.21 -4.39 13.70
C ASP A 491 2.33 -5.21 14.97
N VAL A 492 2.35 -6.52 14.80
CA VAL A 492 2.70 -7.47 15.85
C VAL A 492 3.60 -8.53 15.26
N VAL A 493 4.75 -8.76 15.89
CA VAL A 493 5.70 -9.76 15.44
C VAL A 493 6.28 -10.44 16.68
N ASN A 494 6.65 -11.71 16.53
CA ASN A 494 7.15 -12.46 17.67
C ASN A 494 8.50 -11.91 18.12
N LEU A 495 8.94 -12.38 19.29
CA LEU A 495 10.17 -11.87 19.89
C LEU A 495 11.38 -12.06 18.99
N GLU A 496 11.38 -13.12 18.18
CA GLU A 496 12.48 -13.34 17.24
C GLU A 496 12.26 -12.66 15.89
N GLY A 497 11.04 -12.23 15.60
CA GLY A 497 10.77 -11.45 14.41
C GLY A 497 10.32 -12.20 13.18
N ASN A 498 9.67 -13.35 13.33
CA ASN A 498 9.30 -14.16 12.16
C ASN A 498 7.86 -13.92 11.71
N GLN A 499 6.89 -14.22 12.57
CA GLN A 499 5.49 -14.13 12.16
C GLN A 499 5.00 -12.69 12.29
N ARG A 500 4.54 -12.13 11.17
CA ARG A 500 4.18 -10.72 11.10
C ARG A 500 2.77 -10.57 10.57
N VAL A 501 2.02 -9.63 11.14
CA VAL A 501 0.66 -9.33 10.69
C VAL A 501 0.28 -7.95 11.19
N THR A 502 -0.36 -7.16 10.33
CA THR A 502 -0.79 -5.81 10.68
C THR A 502 -2.13 -5.86 11.40
N LEU A 503 -2.27 -5.08 12.47
CA LEU A 503 -3.48 -5.07 13.28
C LEU A 503 -4.35 -3.84 13.06
N ILE A 504 -3.78 -2.64 13.11
CA ILE A 504 -4.54 -1.41 13.00
C ILE A 504 -4.02 -0.64 11.79
N THR A 505 -4.93 -0.27 10.88
CA THR A 505 -4.55 0.56 9.75
C THR A 505 -5.57 1.66 9.49
N GLU A 506 -6.80 1.48 9.97
CA GLU A 506 -7.88 2.39 9.63
C GLU A 506 -7.72 3.72 10.37
N ASN A 507 -7.73 4.81 9.61
CA ASN A 507 -7.76 6.17 10.16
C ASN A 507 -6.69 6.39 11.22
N LEU A 508 -5.49 5.83 11.01
CA LEU A 508 -4.52 5.79 12.09
C LEU A 508 -3.62 7.02 12.10
N GLY A 509 -3.59 7.81 11.03
CA GLY A 509 -2.97 9.11 11.07
C GLY A 509 -1.50 9.13 11.45
N HIS A 510 -1.19 9.57 12.67
CA HIS A 510 0.18 9.73 13.14
C HIS A 510 0.34 8.99 14.47
N PRO A 511 0.63 7.69 14.42
CA PRO A 511 0.81 6.94 15.68
C PRO A 511 2.17 7.22 16.30
N ARG A 512 2.15 7.53 17.59
CA ARG A 512 3.41 7.80 18.28
C ARG A 512 3.62 6.88 19.48
N GLY A 513 2.62 6.76 20.35
CA GLY A 513 2.78 5.99 21.57
C GLY A 513 2.02 4.69 21.56
N ILE A 514 2.46 3.75 22.40
CA ILE A 514 1.84 2.43 22.50
C ILE A 514 2.13 1.87 23.89
N ALA A 515 1.11 1.24 24.48
CA ALA A 515 1.25 0.55 25.75
C ALA A 515 0.18 -0.53 25.82
N LEU A 516 0.42 -1.54 26.64
CA LEU A 516 -0.49 -2.68 26.69
C LEU A 516 -0.49 -3.30 28.07
N ASP A 517 -1.58 -4.01 28.37
CA ASP A 517 -1.76 -4.74 29.63
C ASP A 517 -2.22 -6.15 29.29
N PRO A 518 -1.28 -7.05 28.99
CA PRO A 518 -1.68 -8.42 28.60
C PRO A 518 -2.48 -9.16 29.65
N THR A 519 -2.28 -8.86 30.94
CA THR A 519 -3.02 -9.56 31.98
C THR A 519 -4.52 -9.35 31.86
N VAL A 520 -4.95 -8.12 31.59
CA VAL A 520 -6.36 -7.83 31.39
C VAL A 520 -6.74 -7.92 29.91
N GLY A 521 -5.93 -7.34 29.03
CA GLY A 521 -6.07 -7.58 27.60
C GLY A 521 -6.37 -6.39 26.73
N TYR A 522 -5.99 -5.17 27.14
CA TYR A 522 -6.21 -4.00 26.31
C TYR A 522 -4.93 -3.56 25.63
N LEU A 523 -5.09 -2.85 24.52
CA LEU A 523 -3.99 -2.16 23.85
C LEU A 523 -4.30 -0.67 23.85
N PHE A 524 -3.38 0.13 24.37
CA PHE A 524 -3.51 1.57 24.39
C PHE A 524 -2.48 2.18 23.44
N PHE A 525 -2.93 3.07 22.58
CA PHE A 525 -2.01 3.75 21.66
C PHE A 525 -2.49 5.17 21.44
N SER A 526 -1.56 6.04 21.08
CA SER A 526 -1.81 7.47 20.97
C SER A 526 -1.73 7.88 19.51
N ASP A 527 -2.27 9.06 19.22
CA ASP A 527 -2.41 9.55 17.85
C ASP A 527 -2.54 11.06 17.90
N TRP A 528 -1.53 11.77 17.40
CA TRP A 528 -1.52 13.23 17.45
C TRP A 528 -2.11 13.86 16.20
N GLY A 529 -2.65 13.06 15.28
CA GLY A 529 -3.42 13.56 14.17
C GLY A 529 -3.84 12.43 13.25
N SER A 530 -5.13 12.39 12.89
CA SER A 530 -5.62 11.30 12.06
C SER A 530 -5.88 11.78 10.65
N LEU A 531 -6.45 10.92 9.80
CA LEU A 531 -6.92 11.38 8.50
C LEU A 531 -8.02 12.42 8.68
N SER A 532 -8.93 12.18 9.61
CA SER A 532 -9.73 13.27 10.17
C SER A 532 -8.84 14.12 11.07
N GLY A 533 -9.13 15.42 11.10
CA GLY A 533 -8.25 16.35 11.80
C GLY A 533 -8.13 16.10 13.29
N GLN A 534 -8.97 15.22 13.83
CA GLN A 534 -9.07 15.04 15.27
C GLN A 534 -7.87 14.28 15.83
N PRO A 535 -7.15 14.84 16.80
CA PRO A 535 -6.18 14.05 17.56
C PRO A 535 -6.86 13.38 18.75
N LYS A 536 -6.27 12.27 19.18
CA LYS A 536 -6.96 11.45 20.19
C LYS A 536 -5.98 10.49 20.84
N VAL A 537 -6.40 9.96 21.99
CA VAL A 537 -5.75 8.82 22.63
C VAL A 537 -6.71 7.65 22.55
N GLU A 538 -6.30 6.57 21.90
CA GLU A 538 -7.20 5.51 21.52
C GLU A 538 -6.96 4.27 22.35
N ARG A 539 -8.05 3.53 22.60
CA ARG A 539 -8.01 2.26 23.29
C ARG A 539 -8.50 1.17 22.34
N ALA A 540 -7.94 -0.03 22.47
CA ALA A 540 -8.32 -1.14 21.61
C ALA A 540 -8.01 -2.45 22.30
N PHE A 541 -8.61 -3.52 21.79
CA PHE A 541 -8.22 -4.85 22.19
C PHE A 541 -6.82 -5.17 21.68
N MET A 542 -6.20 -6.19 22.25
CA MET A 542 -4.82 -6.48 21.93
C MET A 542 -4.68 -7.14 20.57
N ASP A 543 -5.77 -7.20 19.81
CA ASP A 543 -5.74 -7.62 18.41
C ASP A 543 -6.35 -6.59 17.48
N GLY A 544 -6.52 -5.35 17.92
CA GLY A 544 -7.02 -4.28 17.09
C GLY A 544 -8.52 -4.11 17.05
N SER A 545 -9.27 -4.97 17.74
CA SER A 545 -10.72 -4.90 17.68
C SER A 545 -11.26 -3.87 18.67
N ASN A 546 -12.44 -3.34 18.35
CA ASN A 546 -13.21 -2.46 19.25
C ASN A 546 -12.40 -1.23 19.66
N ARG A 547 -11.99 -0.45 18.67
CA ARG A 547 -11.26 0.78 18.94
C ARG A 547 -12.19 1.81 19.57
N LYS A 548 -11.65 2.58 20.52
CA LYS A 548 -12.42 3.55 21.28
C LYS A 548 -11.59 4.78 21.53
N ASP A 549 -12.23 5.95 21.50
CA ASP A 549 -11.58 7.20 21.84
C ASP A 549 -11.49 7.32 23.36
N LEU A 550 -10.38 6.87 23.94
CA LEU A 550 -10.21 6.93 25.39
C LEU A 550 -10.17 8.36 25.90
N VAL A 551 -9.43 9.24 25.24
CA VAL A 551 -9.35 10.64 25.62
C VAL A 551 -9.33 11.48 24.35
N THR A 552 -10.26 12.41 24.24
CA THR A 552 -10.46 13.16 23.00
C THR A 552 -10.42 14.67 23.17
N THR A 553 -10.93 15.20 24.28
CA THR A 553 -10.98 16.64 24.46
C THR A 553 -9.65 17.17 24.97
N LYS A 554 -9.21 18.29 24.38
CA LYS A 554 -7.99 18.99 24.81
C LYS A 554 -6.79 18.04 24.85
N VAL A 555 -6.55 17.36 23.74
CA VAL A 555 -5.49 16.35 23.69
C VAL A 555 -4.26 16.82 22.91
N GLY A 556 -4.40 17.80 22.00
CA GLY A 556 -3.25 18.39 21.35
C GLY A 556 -2.37 17.42 20.58
N TRP A 557 -1.19 17.14 21.14
CA TRP A 557 -0.20 16.26 20.51
C TRP A 557 0.16 15.15 21.50
N PRO A 558 -0.73 14.17 21.67
CA PRO A 558 -0.46 13.08 22.62
C PRO A 558 0.77 12.28 22.21
N ALA A 559 1.51 11.82 23.21
CA ALA A 559 2.81 11.18 23.02
C ALA A 559 2.80 9.82 23.72
N GLY A 560 3.95 9.18 23.95
CA GLY A 560 3.94 7.82 24.46
C GLY A 560 3.12 7.65 25.72
N ILE A 561 2.67 6.42 25.93
CA ILE A 561 1.72 6.06 26.97
C ILE A 561 2.35 5.03 27.89
N THR A 562 2.10 5.17 29.19
CA THR A 562 2.51 4.17 30.16
C THR A 562 1.33 3.87 31.08
N LEU A 563 1.36 2.69 31.68
CA LEU A 563 0.22 2.18 32.44
C LEU A 563 0.61 1.94 33.89
N ASP A 564 -0.34 2.20 34.79
CA ASP A 564 -0.22 1.84 36.20
C ASP A 564 -0.90 0.48 36.37
N LEU A 565 -0.10 -0.59 36.30
CA LEU A 565 -0.65 -1.94 36.21
C LEU A 565 -1.36 -2.39 37.47
N VAL A 566 -1.20 -1.67 38.59
CA VAL A 566 -1.85 -2.05 39.84
C VAL A 566 -3.05 -1.18 40.18
N SER A 567 -3.13 0.04 39.66
CA SER A 567 -4.28 0.91 39.89
C SER A 567 -5.17 1.04 38.67
N LYS A 568 -4.82 0.40 37.55
CA LYS A 568 -5.59 0.44 36.32
C LYS A 568 -5.81 1.87 35.85
N ARG A 569 -4.71 2.55 35.55
CA ARG A 569 -4.72 3.89 34.98
C ARG A 569 -3.68 3.98 33.88
N VAL A 570 -3.92 4.88 32.93
CA VAL A 570 -2.98 5.14 31.84
C VAL A 570 -2.42 6.53 32.01
N TYR A 571 -1.14 6.70 31.68
CA TYR A 571 -0.46 7.98 31.75
C TYR A 571 0.06 8.34 30.37
N TRP A 572 -0.29 9.52 29.88
CA TRP A 572 0.18 9.99 28.59
C TRP A 572 0.66 11.42 28.74
N VAL A 573 1.60 11.80 27.87
CA VAL A 573 2.16 13.15 27.90
C VAL A 573 1.81 13.85 26.60
N ASP A 574 1.76 15.17 26.66
CA ASP A 574 1.36 16.00 25.53
C ASP A 574 2.45 17.01 25.24
N SER A 575 2.81 17.16 23.96
CA SER A 575 3.83 18.11 23.56
C SER A 575 3.26 19.45 23.12
N ARG A 576 1.96 19.50 22.81
CA ARG A 576 1.35 20.76 22.38
C ARG A 576 0.88 21.57 23.58
N TYR A 577 0.04 21.00 24.43
CA TYR A 577 -0.45 21.68 25.61
C TYR A 577 0.46 21.48 26.82
N ASP A 578 1.48 20.65 26.71
CA ASP A 578 2.55 20.53 27.70
C ASP A 578 2.01 20.17 29.08
N TYR A 579 1.46 18.95 29.17
CA TYR A 579 0.96 18.43 30.44
C TYR A 579 1.18 16.93 30.49
N ILE A 580 1.14 16.40 31.72
CA ILE A 580 1.11 14.97 31.97
C ILE A 580 -0.19 14.65 32.68
N GLU A 581 -1.01 13.79 32.07
CA GLU A 581 -2.34 13.53 32.58
C GLU A 581 -2.57 12.02 32.70
N THR A 582 -3.59 11.67 33.47
CA THR A 582 -3.91 10.27 33.70
C THR A 582 -5.42 10.07 33.68
N VAL A 583 -5.84 8.96 33.07
CA VAL A 583 -7.23 8.52 33.07
C VAL A 583 -7.23 7.02 33.36
N THR A 584 -8.39 6.52 33.79
CA THR A 584 -8.50 5.09 34.05
C THR A 584 -8.59 4.32 32.74
N TYR A 585 -8.73 3.01 32.85
CA TYR A 585 -8.84 2.17 31.66
C TYR A 585 -10.09 2.49 30.84
N ASP A 586 -11.09 3.12 31.45
CA ASP A 586 -12.32 3.47 30.77
C ASP A 586 -12.39 4.94 30.40
N GLY A 587 -11.34 5.71 30.65
CA GLY A 587 -11.31 7.11 30.28
C GLY A 587 -11.95 8.06 31.26
N ILE A 588 -12.45 7.57 32.40
CA ILE A 588 -13.10 8.42 33.40
C ILE A 588 -12.08 8.91 34.41
N GLN A 589 -12.46 9.94 35.17
CA GLN A 589 -11.63 10.49 36.25
C GLN A 589 -10.29 11.01 35.74
N ARG A 590 -10.36 12.01 34.87
CA ARG A 590 -9.17 12.64 34.34
C ARG A 590 -8.54 13.55 35.38
N LYS A 591 -7.25 13.34 35.65
CA LYS A 591 -6.52 14.13 36.63
C LYS A 591 -5.18 14.54 36.05
N THR A 592 -4.78 15.78 36.30
CA THR A 592 -3.55 16.35 35.76
C THR A 592 -2.48 16.34 36.84
N VAL A 593 -1.32 15.76 36.52
CA VAL A 593 -0.22 15.68 37.48
C VAL A 593 0.82 16.78 37.26
N ALA A 594 0.88 17.37 36.07
CA ALA A 594 1.82 18.46 35.80
C ALA A 594 1.29 19.27 34.63
N ARG A 595 1.67 20.54 34.59
CA ARG A 595 1.17 21.45 33.56
C ARG A 595 2.01 22.72 33.56
N GLY A 596 2.26 23.23 32.38
CA GLY A 596 2.95 24.51 32.26
C GLY A 596 4.18 24.42 31.39
N GLY A 597 4.53 25.55 30.78
CA GLY A 597 5.73 25.63 29.96
C GLY A 597 7.02 25.70 30.72
N SER A 598 6.97 25.88 32.03
CA SER A 598 8.16 25.81 32.88
C SER A 598 8.35 24.45 33.51
N LEU A 599 7.30 23.61 33.51
CA LEU A 599 7.35 22.30 34.17
C LEU A 599 7.72 21.20 33.19
N VAL A 600 6.89 20.98 32.16
CA VAL A 600 7.10 19.94 31.16
C VAL A 600 7.01 20.55 29.77
N PRO A 601 8.00 21.35 29.35
CA PRO A 601 7.85 22.11 28.10
C PRO A 601 7.66 21.26 26.85
N HIS A 602 8.20 20.05 26.80
CA HIS A 602 8.05 19.25 25.58
C HIS A 602 8.27 17.77 25.87
N PRO A 603 7.39 17.11 26.60
CA PRO A 603 7.59 15.69 26.91
C PRO A 603 7.48 14.82 25.67
N PHE A 604 8.25 13.74 25.64
CA PHE A 604 8.10 12.76 24.58
C PHE A 604 7.69 11.39 25.11
N GLY A 605 8.49 10.81 26.01
CA GLY A 605 8.24 9.49 26.52
C GLY A 605 8.00 9.51 28.02
N ILE A 606 7.45 8.42 28.54
CA ILE A 606 7.06 8.35 29.95
C ILE A 606 7.02 6.89 30.37
N SER A 607 7.28 6.65 31.66
CA SER A 607 7.18 5.32 32.24
C SER A 607 7.00 5.41 33.75
N LEU A 608 6.14 4.54 34.28
CA LEU A 608 5.88 4.41 35.71
C LEU A 608 6.62 3.21 36.28
N PHE A 609 7.08 3.34 37.53
CA PHE A 609 7.52 2.14 38.22
C PHE A 609 6.70 1.82 39.47
N GLU A 610 6.79 2.68 40.49
CA GLU A 610 5.95 2.49 41.68
C GLU A 610 5.21 3.77 42.06
N GLU A 611 5.94 4.87 42.15
CA GLU A 611 5.41 6.16 42.57
C GLU A 611 5.96 7.31 41.76
N HIS A 612 6.85 7.03 40.81
CA HIS A 612 7.51 8.06 40.02
C HIS A 612 7.28 7.81 38.53
N VAL A 613 6.90 8.87 37.82
CA VAL A 613 6.83 8.86 36.37
C VAL A 613 8.12 9.47 35.84
N PHE A 614 8.92 8.66 35.15
CA PHE A 614 10.08 9.17 34.44
C PHE A 614 9.67 9.60 33.05
N PHE A 615 9.89 10.87 32.73
CA PHE A 615 9.47 11.38 31.44
C PHE A 615 10.59 12.14 30.76
N THR A 616 10.82 11.81 29.50
CA THR A 616 11.73 12.57 28.64
C THR A 616 11.10 13.92 28.31
N ASP A 617 11.94 14.95 28.24
CA ASP A 617 11.52 16.27 27.82
C ASP A 617 12.52 16.76 26.78
N TRP A 618 12.01 17.22 25.64
CA TRP A 618 12.86 17.64 24.53
C TRP A 618 13.36 19.07 24.67
N THR A 619 12.86 19.84 25.63
CA THR A 619 13.26 21.23 25.79
C THR A 619 14.33 21.43 26.85
N LYS A 620 14.16 20.88 28.05
CA LYS A 620 15.23 20.87 29.04
C LYS A 620 16.28 19.82 28.71
N MET A 621 16.04 18.99 27.70
CA MET A 621 17.04 18.08 27.13
C MET A 621 17.53 17.08 28.17
N ALA A 622 16.59 16.50 28.91
CA ALA A 622 16.97 15.59 29.98
C ALA A 622 15.82 14.64 30.30
N VAL A 623 16.18 13.45 30.75
CA VAL A 623 15.20 12.54 31.34
C VAL A 623 14.93 13.00 32.76
N MET A 624 13.66 13.20 33.08
CA MET A 624 13.28 13.81 34.36
C MET A 624 12.45 12.83 35.19
N LYS A 625 12.64 12.91 36.51
CA LYS A 625 11.96 12.08 37.47
C LYS A 625 10.83 12.88 38.10
N ALA A 626 9.61 12.34 38.04
CA ALA A 626 8.42 13.06 38.46
C ALA A 626 7.55 12.17 39.33
N SER A 627 6.93 12.78 40.34
CA SER A 627 5.94 12.08 41.15
C SER A 627 4.67 11.85 40.34
N LYS A 628 4.00 10.74 40.61
CA LYS A 628 2.88 10.33 39.75
C LYS A 628 1.54 10.87 40.22
N PHE A 629 1.48 11.68 41.28
CA PHE A 629 0.23 12.25 41.75
C PHE A 629 0.14 13.75 41.52
N THR A 630 1.11 14.51 42.02
CA THR A 630 1.14 15.96 41.82
C THR A 630 2.56 16.43 42.06
N GLU A 631 3.02 17.37 41.23
CA GLU A 631 4.38 17.85 41.33
C GLU A 631 4.42 19.36 41.22
N THR A 632 5.22 19.99 42.10
CA THR A 632 5.47 21.41 41.97
C THR A 632 6.64 21.68 41.02
N ASN A 633 7.60 20.75 40.96
CA ASN A 633 8.77 20.89 40.09
C ASN A 633 9.42 19.53 39.85
N PRO A 634 9.62 19.14 38.59
CA PRO A 634 10.26 17.84 38.34
C PRO A 634 11.76 17.91 38.52
N GLN A 635 12.33 16.82 39.03
CA GLN A 635 13.77 16.75 39.24
C GLN A 635 14.47 16.24 37.98
N VAL A 636 15.71 16.70 37.80
CA VAL A 636 16.51 16.23 36.68
C VAL A 636 17.17 14.91 37.06
N TYR A 637 17.03 13.91 36.19
CA TYR A 637 17.58 12.58 36.43
C TYR A 637 18.82 12.29 35.62
N HIS A 638 18.90 12.80 34.39
CA HIS A 638 20.09 12.64 33.55
C HIS A 638 20.03 13.68 32.45
N GLN A 639 20.96 14.63 32.47
CA GLN A 639 20.97 15.75 31.54
C GLN A 639 21.81 15.38 30.32
N SER A 640 21.20 15.42 29.15
CA SER A 640 21.83 14.98 27.91
C SER A 640 22.22 16.16 27.03
N SER A 641 23.10 15.87 26.06
CA SER A 641 23.48 16.85 25.05
C SER A 641 22.65 16.73 23.78
N LEU A 642 21.80 15.71 23.69
CA LEU A 642 20.95 15.49 22.54
C LEU A 642 19.53 15.31 23.02
N ARG A 643 18.58 15.27 22.08
CA ARG A 643 17.20 15.05 22.47
C ARG A 643 17.04 13.62 22.94
N PRO A 644 16.62 13.40 24.19
CA PRO A 644 16.39 12.03 24.65
C PRO A 644 15.07 11.50 24.10
N HIS A 645 14.85 10.21 24.35
CA HIS A 645 13.69 9.53 23.77
C HIS A 645 13.07 8.56 24.76
N GLY A 646 12.28 7.61 24.24
CA GLY A 646 11.46 6.77 25.11
C GLY A 646 12.24 6.16 26.26
N VAL A 647 11.56 6.06 27.41
CA VAL A 647 12.13 5.56 28.64
C VAL A 647 11.32 4.36 29.10
N THR A 648 11.98 3.44 29.80
CA THR A 648 11.31 2.33 30.44
C THR A 648 12.04 2.01 31.74
N VAL A 649 11.33 1.36 32.65
CA VAL A 649 11.89 0.96 33.94
C VAL A 649 12.02 -0.55 33.95
N TYR A 650 13.25 -1.04 34.11
CA TYR A 650 13.55 -2.46 34.00
C TYR A 650 13.34 -3.11 35.37
N HIS A 651 12.24 -3.82 35.54
CA HIS A 651 11.95 -4.49 36.80
C HIS A 651 10.96 -5.62 36.55
N ALA A 652 10.94 -6.58 37.47
CA ALA A 652 10.07 -7.75 37.34
C ALA A 652 8.62 -7.39 37.63
N LEU A 653 8.40 -6.57 38.67
CA LEU A 653 7.04 -6.18 39.03
C LEU A 653 6.36 -5.35 37.95
N ARG A 654 7.14 -4.78 37.03
CA ARG A 654 6.58 -4.11 35.86
C ARG A 654 5.93 -5.07 34.88
N GLN A 655 6.12 -6.38 35.06
CA GLN A 655 5.53 -7.39 34.18
C GLN A 655 4.89 -8.47 35.02
N PRO A 656 3.68 -8.22 35.54
CA PRO A 656 3.02 -9.20 36.39
C PRO A 656 2.69 -10.48 35.64
N ASN A 657 2.61 -11.57 36.39
CA ASN A 657 2.34 -12.88 35.82
C ASN A 657 0.87 -13.04 35.47
N ALA A 658 0.62 -13.80 34.39
CA ALA A 658 -0.73 -14.13 33.96
C ALA A 658 -0.65 -15.34 33.04
N THR A 659 -1.75 -16.09 32.98
CA THR A 659 -1.78 -17.29 32.15
C THR A 659 -1.79 -16.93 30.67
N ASN A 660 -1.34 -17.86 29.84
CA ASN A 660 -1.26 -17.63 28.41
C ASN A 660 -2.40 -18.35 27.70
N PRO A 661 -3.38 -17.62 27.16
CA PRO A 661 -4.47 -18.28 26.43
C PRO A 661 -4.00 -19.05 25.21
N CYS A 662 -2.93 -18.62 24.54
CA CYS A 662 -2.44 -19.32 23.37
C CYS A 662 -1.51 -20.47 23.70
N GLY A 663 -1.28 -20.75 24.99
CA GLY A 663 -0.36 -21.80 25.37
C GLY A 663 -0.87 -23.20 25.12
N SER A 664 -2.19 -23.36 24.94
CA SER A 664 -2.78 -24.68 24.72
C SER A 664 -2.67 -25.05 23.23
N ASN A 665 -1.45 -25.44 22.85
CA ASN A 665 -1.11 -25.87 21.50
C ASN A 665 -1.47 -24.74 20.50
N ASN A 666 -0.72 -23.65 20.66
CA ASN A 666 -0.82 -22.49 19.78
C ASN A 666 -2.24 -21.93 19.72
N GLY A 667 -3.07 -22.29 20.71
CA GLY A 667 -4.45 -21.85 20.75
C GLY A 667 -5.31 -22.45 19.66
N GLY A 668 -4.77 -23.44 18.94
CA GLY A 668 -5.47 -24.04 17.83
C GLY A 668 -5.36 -23.28 16.53
N CYS A 669 -4.80 -22.07 16.53
CA CYS A 669 -4.67 -21.30 15.32
C CYS A 669 -3.63 -21.94 14.39
N ALA A 670 -3.84 -21.75 13.08
CA ALA A 670 -2.96 -22.39 12.11
C ALA A 670 -1.58 -21.75 12.06
N GLN A 671 -1.50 -20.42 12.03
CA GLN A 671 -0.22 -19.76 11.86
C GLN A 671 0.17 -18.89 13.05
N VAL A 672 -0.69 -17.95 13.43
CA VAL A 672 -0.38 -16.96 14.44
C VAL A 672 -1.52 -16.89 15.44
N CYS A 673 -1.16 -16.79 16.72
CA CYS A 673 -2.12 -16.58 17.80
C CYS A 673 -1.86 -15.23 18.44
N VAL A 674 -2.76 -14.28 18.23
CA VAL A 674 -2.64 -12.94 18.76
C VAL A 674 -3.62 -12.78 19.91
N LEU A 675 -3.11 -12.42 21.08
CA LEU A 675 -3.93 -12.33 22.28
C LEU A 675 -4.93 -11.19 22.16
N SER A 676 -6.08 -11.38 22.80
CA SER A 676 -7.16 -10.39 22.78
C SER A 676 -7.71 -10.28 24.20
N HIS A 677 -8.85 -9.61 24.34
CA HIS A 677 -9.46 -9.44 25.65
C HIS A 677 -9.84 -10.79 26.25
N ARG A 678 -9.82 -10.86 27.58
CA ARG A 678 -10.17 -12.09 28.27
C ARG A 678 -11.62 -12.52 28.02
N THR A 679 -12.51 -11.57 27.76
CA THR A 679 -13.90 -11.88 27.45
C THR A 679 -14.14 -12.07 25.97
N ASP A 680 -13.15 -11.85 25.12
CA ASP A 680 -13.32 -12.01 23.68
C ASP A 680 -13.25 -13.50 23.31
N ASN A 681 -13.84 -13.81 22.16
CA ASN A 681 -13.85 -15.17 21.62
C ASN A 681 -14.45 -16.16 22.61
N GLY A 682 -15.57 -15.77 23.22
CA GLY A 682 -16.26 -16.63 24.16
C GLY A 682 -15.46 -16.97 25.40
N GLY A 683 -14.60 -16.05 25.86
CA GLY A 683 -13.79 -16.28 27.03
C GLY A 683 -12.46 -16.94 26.76
N LEU A 684 -12.21 -17.39 25.53
CA LEU A 684 -10.92 -18.01 25.20
C LEU A 684 -9.77 -17.01 25.30
N GLY A 685 -10.04 -15.72 25.10
CA GLY A 685 -9.03 -14.71 25.28
C GLY A 685 -8.03 -14.54 24.17
N TYR A 686 -8.29 -15.11 22.99
CA TYR A 686 -7.37 -14.98 21.87
C TYR A 686 -8.16 -14.98 20.57
N ARG A 687 -7.53 -14.43 19.53
CA ARG A 687 -8.10 -14.42 18.19
C ARG A 687 -7.04 -14.88 17.20
N CYS A 688 -7.41 -15.80 16.32
CA CYS A 688 -6.45 -16.35 15.37
C CYS A 688 -6.17 -15.37 14.25
N LYS A 689 -4.94 -15.39 13.77
CA LYS A 689 -4.50 -14.54 12.67
C LYS A 689 -3.64 -15.36 11.72
N CYS A 690 -3.42 -14.81 10.53
CA CYS A 690 -2.59 -15.45 9.52
C CYS A 690 -1.56 -14.47 9.01
N GLU A 691 -0.34 -14.98 8.78
CA GLU A 691 0.74 -14.14 8.29
C GLU A 691 0.43 -13.64 6.88
N PHE A 692 1.19 -12.63 6.45
CA PHE A 692 0.93 -11.98 5.18
C PHE A 692 0.97 -12.99 4.03
N GLY A 693 -0.03 -12.89 3.16
CA GLY A 693 -0.22 -13.86 2.09
C GLY A 693 -1.28 -14.89 2.34
N PHE A 694 -1.97 -14.83 3.48
CA PHE A 694 -3.02 -15.77 3.83
C PHE A 694 -4.22 -15.02 4.40
N GLU A 695 -5.38 -15.65 4.31
CA GLU A 695 -6.60 -15.12 4.91
C GLU A 695 -7.31 -16.23 5.65
N LEU A 696 -8.10 -15.83 6.65
CA LEU A 696 -8.82 -16.81 7.46
C LEU A 696 -10.06 -17.32 6.73
N ASP A 697 -10.28 -18.62 6.82
CA ASP A 697 -11.50 -19.21 6.26
C ASP A 697 -12.68 -18.95 7.20
N ASP A 698 -13.81 -19.54 6.87
CA ASP A 698 -15.01 -19.37 7.68
C ASP A 698 -14.90 -20.01 9.06
N ASP A 699 -13.94 -20.91 9.26
CA ASP A 699 -13.72 -21.50 10.58
C ASP A 699 -12.94 -20.59 11.50
N GLU A 700 -12.31 -19.55 10.97
CA GLU A 700 -11.48 -18.62 11.74
C GLU A 700 -10.35 -19.35 12.48
N HIS A 701 -9.94 -20.50 11.97
CA HIS A 701 -8.84 -21.27 12.54
C HIS A 701 -7.79 -21.66 11.52
N ARG A 702 -8.19 -21.98 10.30
CA ARG A 702 -7.28 -22.48 9.27
C ARG A 702 -7.04 -21.41 8.23
N CYS A 703 -5.77 -21.14 7.93
CA CYS A 703 -5.41 -20.16 6.93
C CYS A 703 -5.46 -20.75 5.53
N VAL A 704 -5.85 -19.92 4.56
CA VAL A 704 -5.86 -20.29 3.15
C VAL A 704 -5.13 -19.21 2.37
N ALA A 705 -4.54 -19.60 1.24
CA ALA A 705 -3.79 -18.66 0.43
C ALA A 705 -4.70 -17.57 -0.13
N VAL A 706 -4.22 -16.33 -0.11
CA VAL A 706 -5.02 -15.20 -0.54
C VAL A 706 -5.21 -15.26 -2.05
N LYS A 707 -6.40 -14.87 -2.51
CA LYS A 707 -6.73 -14.90 -3.93
C LYS A 707 -6.87 -13.52 -4.55
N ASN A 708 -7.50 -12.58 -3.86
CA ASN A 708 -7.77 -11.25 -4.42
C ASN A 708 -7.46 -10.17 -3.40
N PHE A 709 -6.89 -9.07 -3.88
CA PHE A 709 -6.74 -7.84 -3.11
C PHE A 709 -6.39 -6.72 -4.06
N LEU A 710 -6.61 -5.49 -3.61
CA LEU A 710 -6.37 -4.32 -4.43
C LEU A 710 -4.95 -3.82 -4.23
N LEU A 711 -4.18 -3.80 -5.31
CA LEU A 711 -2.78 -3.36 -5.26
C LEU A 711 -2.68 -1.96 -5.88
N PHE A 712 -2.10 -1.04 -5.12
CA PHE A 712 -1.98 0.34 -5.59
C PHE A 712 -0.63 0.90 -5.18
N SER A 713 -0.19 1.91 -5.93
CA SER A 713 1.12 2.52 -5.74
C SER A 713 0.97 3.99 -5.39
N SER A 714 1.99 4.53 -4.74
CA SER A 714 2.00 5.94 -4.37
C SER A 714 3.45 6.40 -4.35
N LYS A 715 3.63 7.66 -3.92
CA LYS A 715 4.98 8.21 -3.79
C LYS A 715 5.77 7.46 -2.72
N THR A 716 5.13 7.15 -1.60
CA THR A 716 5.86 6.62 -0.46
C THR A 716 5.87 5.10 -0.39
N ALA A 717 4.82 4.43 -0.88
CA ALA A 717 4.74 3.00 -0.68
C ALA A 717 3.90 2.34 -1.74
N VAL A 718 4.10 1.03 -1.89
CA VAL A 718 3.27 0.16 -2.71
C VAL A 718 2.50 -0.76 -1.77
N ARG A 719 1.18 -0.74 -1.85
CA ARG A 719 0.35 -1.36 -0.83
C ARG A 719 -0.66 -2.30 -1.48
N GLY A 720 -1.14 -3.25 -0.68
CA GLY A 720 -2.17 -4.17 -1.11
C GLY A 720 -3.32 -4.20 -0.13
N ILE A 721 -4.55 -4.00 -0.63
CA ILE A 721 -5.71 -3.75 0.23
C ILE A 721 -6.83 -4.73 -0.10
N PRO A 722 -7.55 -5.24 0.90
CA PRO A 722 -8.74 -6.05 0.60
C PRO A 722 -9.80 -5.20 -0.09
N PHE A 723 -10.52 -5.84 -1.02
CA PHE A 723 -11.57 -5.13 -1.75
C PHE A 723 -12.72 -4.73 -0.83
N THR A 724 -13.07 -5.59 0.13
CA THR A 724 -14.19 -5.34 1.03
C THR A 724 -13.86 -4.17 1.94
N LEU A 725 -14.55 -3.06 1.76
CA LEU A 725 -14.29 -1.86 2.54
C LEU A 725 -14.59 -2.02 4.02
N SER A 726 -15.34 -3.06 4.40
CA SER A 726 -15.64 -3.30 5.81
C SER A 726 -14.40 -3.54 6.65
N THR A 727 -13.33 -4.10 6.06
CA THR A 727 -12.06 -4.26 6.74
C THR A 727 -11.03 -3.35 6.06
N GLN A 728 -9.96 -3.04 6.78
CA GLN A 728 -9.04 -2.00 6.35
C GLN A 728 -7.58 -2.44 6.31
N GLU A 729 -7.21 -3.55 6.95
CA GLU A 729 -5.82 -3.91 7.12
C GLU A 729 -5.23 -4.51 5.85
N ASP A 730 -3.94 -4.29 5.66
CA ASP A 730 -3.27 -4.72 4.43
C ASP A 730 -3.16 -6.24 4.38
N VAL A 731 -2.98 -6.75 3.15
CA VAL A 731 -2.73 -8.16 2.94
C VAL A 731 -1.28 -8.44 2.56
N MET A 732 -0.59 -7.46 1.98
CA MET A 732 0.80 -7.60 1.59
C MET A 732 1.62 -6.52 2.29
N VAL A 733 2.87 -6.87 2.62
CA VAL A 733 3.72 -5.89 3.32
C VAL A 733 3.90 -4.66 2.46
N PRO A 734 3.90 -3.46 3.03
CA PRO A 734 4.22 -2.27 2.24
C PRO A 734 5.63 -2.35 1.69
N VAL A 735 5.83 -1.78 0.51
CA VAL A 735 7.13 -1.68 -0.12
C VAL A 735 7.59 -0.23 -0.02
N THR A 736 8.75 -0.01 0.59
CA THR A 736 9.18 1.34 0.89
C THR A 736 10.71 1.39 0.90
N GLY A 737 11.24 2.58 0.65
CA GLY A 737 12.67 2.83 0.73
C GLY A 737 12.90 4.20 1.34
N SER A 738 14.18 4.57 1.46
CA SER A 738 14.47 5.88 2.04
C SER A 738 14.21 6.96 0.99
N PRO A 739 14.76 6.89 -0.22
CA PRO A 739 14.18 7.66 -1.32
C PRO A 739 13.14 6.83 -2.05
N SER A 740 11.98 7.43 -2.31
CA SER A 740 10.88 6.63 -2.81
C SER A 740 9.96 7.47 -3.67
N PHE A 741 9.73 7.00 -4.91
CA PHE A 741 8.66 7.50 -5.78
C PHE A 741 8.26 6.33 -6.67
N PHE A 742 7.24 5.58 -6.23
CA PHE A 742 6.79 4.42 -6.98
C PHE A 742 5.67 4.80 -7.93
N VAL A 743 5.74 4.27 -9.15
CA VAL A 743 4.73 4.61 -10.15
C VAL A 743 4.05 3.34 -10.67
N GLY A 744 4.80 2.49 -11.35
CA GLY A 744 4.20 1.33 -11.99
C GLY A 744 4.26 0.09 -11.12
N ILE A 745 3.28 -0.79 -11.32
CA ILE A 745 3.15 -2.03 -10.54
C ILE A 745 2.52 -3.09 -11.41
N ASP A 746 2.82 -4.35 -11.11
CA ASP A 746 2.07 -5.49 -11.60
C ASP A 746 2.46 -6.70 -10.76
N PHE A 747 1.83 -7.84 -11.03
CA PHE A 747 1.95 -9.00 -10.16
C PHE A 747 2.16 -10.26 -10.98
N ASP A 748 2.77 -11.25 -10.33
CA ASP A 748 2.99 -12.58 -10.88
C ASP A 748 2.36 -13.56 -9.90
N ALA A 749 1.12 -13.97 -10.20
CA ALA A 749 0.35 -14.77 -9.24
C ALA A 749 0.96 -16.14 -9.02
N GLN A 750 1.58 -16.74 -10.04
CA GLN A 750 2.13 -18.07 -9.92
C GLN A 750 3.37 -18.13 -9.04
N HIS A 751 3.93 -16.99 -8.65
CA HIS A 751 5.09 -16.94 -7.77
C HIS A 751 4.84 -16.09 -6.53
N SER A 752 3.61 -15.64 -6.32
CA SER A 752 3.29 -14.74 -5.21
C SER A 752 4.20 -13.52 -5.23
N THR A 753 4.41 -12.98 -6.43
CA THR A 753 5.39 -11.92 -6.65
C THR A 753 4.72 -10.70 -7.26
N VAL A 754 5.16 -9.53 -6.83
CA VAL A 754 4.72 -8.25 -7.40
C VAL A 754 5.95 -7.56 -7.97
N PHE A 755 5.72 -6.76 -9.03
CA PHE A 755 6.75 -5.89 -9.59
C PHE A 755 6.40 -4.44 -9.31
N TYR A 756 7.42 -3.60 -9.31
CA TYR A 756 7.20 -2.17 -9.17
C TYR A 756 8.40 -1.42 -9.72
N SER A 757 8.22 -0.13 -9.93
CA SER A 757 9.26 0.76 -10.38
C SER A 757 9.48 1.84 -9.34
N ASP A 758 10.62 2.52 -9.44
CA ASP A 758 11.00 3.57 -8.49
C ASP A 758 11.69 4.66 -9.29
N LEU A 759 10.95 5.75 -9.57
CA LEU A 759 11.50 6.85 -10.35
C LEU A 759 12.59 7.62 -9.62
N SER A 760 12.74 7.44 -8.32
CA SER A 760 13.88 8.03 -7.62
C SER A 760 15.14 7.20 -7.78
N LYS A 761 15.02 5.96 -8.25
CA LYS A 761 16.17 5.10 -8.49
C LYS A 761 16.27 4.62 -9.93
N ASP A 762 15.22 4.76 -10.74
CA ASP A 762 15.20 4.29 -12.12
C ASP A 762 15.51 2.80 -12.21
N ILE A 763 14.88 2.03 -11.33
CA ILE A 763 15.04 0.58 -11.29
C ILE A 763 13.66 -0.05 -11.30
N ILE A 764 13.59 -1.31 -11.73
CA ILE A 764 12.39 -2.13 -11.66
C ILE A 764 12.68 -3.31 -10.75
N TYR A 765 11.86 -3.47 -9.71
CA TYR A 765 12.10 -4.46 -8.67
C TYR A 765 11.10 -5.60 -8.79
N LYS A 766 11.39 -6.69 -8.06
CA LYS A 766 10.44 -7.76 -7.83
C LYS A 766 10.55 -8.20 -6.38
N GLN A 767 9.41 -8.49 -5.77
CA GLN A 767 9.38 -8.81 -4.34
C GLN A 767 8.20 -9.73 -4.05
N LYS A 768 8.42 -10.67 -3.14
CA LYS A 768 7.37 -11.55 -2.69
C LYS A 768 6.32 -10.77 -1.91
N ILE A 769 5.14 -11.39 -1.76
CA ILE A 769 4.09 -10.79 -0.94
C ILE A 769 4.54 -10.68 0.51
N ASP A 770 5.21 -11.71 1.04
CA ASP A 770 5.69 -11.66 2.41
C ASP A 770 6.74 -10.59 2.63
N GLY A 771 7.44 -10.17 1.58
CA GLY A 771 8.48 -9.17 1.67
C GLY A 771 9.87 -9.69 1.46
N THR A 772 10.08 -10.99 1.62
CA THR A 772 11.40 -11.57 1.41
C THR A 772 11.71 -11.67 -0.08
N GLY A 773 12.98 -11.90 -0.37
CA GLY A 773 13.41 -12.11 -1.74
C GLY A 773 13.29 -10.91 -2.66
N LYS A 774 13.70 -9.73 -2.21
CA LYS A 774 13.76 -8.59 -3.11
C LYS A 774 14.90 -8.75 -4.11
N GLU A 775 14.58 -8.56 -5.39
CA GLU A 775 15.57 -8.59 -6.45
C GLU A 775 15.25 -7.49 -7.45
N VAL A 776 16.28 -7.07 -8.17
CA VAL A 776 16.08 -6.10 -9.25
C VAL A 776 15.86 -6.86 -10.55
N ILE A 777 15.06 -6.27 -11.44
CA ILE A 777 14.90 -6.83 -12.77
C ILE A 777 15.92 -6.23 -13.73
N THR A 778 15.86 -4.92 -13.94
CA THR A 778 16.83 -4.20 -14.73
C THR A 778 16.96 -2.79 -14.20
N ALA A 779 18.19 -2.27 -14.24
CA ALA A 779 18.44 -0.89 -13.83
C ALA A 779 19.22 -0.12 -14.89
N ASN A 780 19.27 -0.62 -16.12
CA ASN A 780 20.07 -0.02 -17.18
C ASN A 780 19.16 0.64 -18.21
N ARG A 781 19.46 1.90 -18.52
CA ARG A 781 18.74 2.67 -19.55
C ARG A 781 17.24 2.70 -19.27
N LEU A 782 16.90 3.12 -18.06
CA LEU A 782 15.52 3.35 -17.66
C LEU A 782 15.32 4.84 -17.43
N GLU A 783 14.37 5.42 -18.14
CA GLU A 783 14.14 6.87 -18.08
C GLU A 783 12.64 7.10 -17.89
N SER A 784 12.23 7.28 -16.64
CA SER A 784 10.84 7.59 -16.30
C SER A 784 9.89 6.52 -16.82
N VAL A 785 10.07 5.30 -16.30
CA VAL A 785 9.17 4.20 -16.62
C VAL A 785 7.83 4.47 -15.96
N GLU A 786 6.81 4.75 -16.78
CA GLU A 786 5.54 5.24 -16.26
C GLU A 786 4.56 4.13 -15.93
N CYS A 787 4.71 2.95 -16.52
CA CYS A 787 3.78 1.87 -16.25
C CYS A 787 4.42 0.53 -16.56
N LEU A 788 3.79 -0.53 -16.06
CA LEU A 788 4.25 -1.89 -16.27
C LEU A 788 3.04 -2.79 -16.56
N THR A 789 3.29 -3.88 -17.27
CA THR A 789 2.29 -4.92 -17.43
C THR A 789 3.00 -6.26 -17.61
N PHE A 790 2.32 -7.33 -17.27
CA PHE A 790 2.91 -8.66 -17.23
C PHE A 790 2.10 -9.63 -18.08
N ASP A 791 2.79 -10.33 -18.98
CA ASP A 791 2.19 -11.38 -19.79
C ASP A 791 2.39 -12.69 -19.05
N TRP A 792 1.38 -13.09 -18.27
CA TRP A 792 1.56 -14.17 -17.30
C TRP A 792 1.70 -15.54 -17.95
N ILE A 793 1.42 -15.68 -19.24
CA ILE A 793 1.56 -16.97 -19.91
C ILE A 793 2.94 -17.11 -20.55
N SER A 794 3.42 -16.06 -21.20
CA SER A 794 4.75 -16.09 -21.80
C SER A 794 5.83 -15.59 -20.85
N ARG A 795 5.44 -15.09 -19.67
CA ARG A 795 6.37 -14.54 -18.69
C ARG A 795 7.22 -13.41 -19.28
N ASN A 796 6.56 -12.48 -19.95
CA ASN A 796 7.21 -11.29 -20.50
C ASN A 796 6.73 -10.06 -19.74
N LEU A 797 7.63 -9.11 -19.55
CA LEU A 797 7.34 -7.88 -18.83
C LEU A 797 7.44 -6.69 -19.77
N TYR A 798 6.39 -5.90 -19.85
CA TYR A 798 6.37 -4.68 -20.66
C TYR A 798 6.41 -3.47 -19.76
N TRP A 799 7.20 -2.47 -20.14
CA TRP A 799 7.20 -1.20 -19.44
C TRP A 799 7.37 -0.08 -20.45
N THR A 800 6.92 1.11 -20.06
CA THR A 800 6.86 2.27 -20.95
C THR A 800 7.84 3.31 -20.47
N ASP A 801 8.86 3.59 -21.29
CA ASP A 801 9.86 4.60 -20.97
C ASP A 801 9.38 5.94 -21.50
N GLY A 802 8.90 6.80 -20.61
CA GLY A 802 8.47 8.12 -21.01
C GLY A 802 9.59 9.11 -21.29
N GLY A 803 10.82 8.75 -20.92
CA GLY A 803 11.97 9.59 -21.23
C GLY A 803 12.63 9.17 -22.53
N LEU A 804 12.85 7.87 -22.69
CA LEU A 804 13.31 7.32 -23.95
C LEU A 804 12.23 7.34 -25.02
N LYS A 805 10.97 7.60 -24.64
CA LYS A 805 9.85 7.66 -25.57
C LYS A 805 9.69 6.34 -26.33
N SER A 806 9.61 5.25 -25.57
CA SER A 806 9.56 3.93 -26.15
C SER A 806 8.98 2.94 -25.15
N VAL A 807 8.60 1.77 -25.66
CA VAL A 807 8.12 0.65 -24.84
C VAL A 807 9.05 -0.52 -25.06
N THR A 808 9.32 -1.26 -23.98
CA THR A 808 10.27 -2.35 -24.00
C THR A 808 9.62 -3.62 -23.46
N VAL A 809 10.07 -4.76 -23.98
CA VAL A 809 9.64 -6.06 -23.49
C VAL A 809 10.86 -6.81 -22.97
N LEU A 810 10.64 -7.65 -21.97
CA LEU A 810 11.72 -8.36 -21.31
C LEU A 810 11.22 -9.72 -20.86
N ARG A 811 12.02 -10.76 -21.09
CA ARG A 811 11.67 -12.11 -20.69
C ARG A 811 12.31 -12.42 -19.34
N LEU A 812 11.48 -12.87 -18.40
CA LEU A 812 11.97 -13.06 -17.03
C LEU A 812 12.82 -14.31 -16.89
N ALA A 813 12.62 -15.32 -17.75
CA ALA A 813 13.41 -16.54 -17.65
C ALA A 813 14.89 -16.26 -17.80
N ASP A 814 15.27 -15.44 -18.78
CA ASP A 814 16.64 -14.95 -18.89
C ASP A 814 16.55 -13.53 -19.42
N LYS A 815 17.31 -12.61 -18.80
CA LYS A 815 17.20 -11.20 -19.14
C LYS A 815 17.45 -10.98 -20.62
N SER A 816 16.41 -10.54 -21.31
CA SER A 816 16.44 -10.37 -22.76
C SER A 816 15.46 -9.26 -23.13
N ARG A 817 16.00 -8.11 -23.52
CA ARG A 817 15.16 -6.94 -23.72
C ARG A 817 15.42 -6.32 -25.08
N ARG A 818 14.38 -5.69 -25.62
CA ARG A 818 14.47 -4.97 -26.88
C ARG A 818 13.36 -3.94 -26.99
N GLN A 819 13.63 -2.80 -27.62
CA GLN A 819 12.59 -1.80 -27.85
C GLN A 819 11.72 -2.21 -29.03
N ILE A 820 10.45 -2.49 -28.78
CA ILE A 820 9.56 -2.94 -29.84
C ILE A 820 8.77 -1.81 -30.47
N ILE A 821 8.53 -0.71 -29.76
CA ILE A 821 8.01 0.53 -30.33
C ILE A 821 8.90 1.66 -29.84
N SER A 822 9.29 2.55 -30.74
CA SER A 822 10.42 3.42 -30.45
C SER A 822 10.17 4.92 -30.60
N ASN A 823 9.22 5.36 -31.41
CA ASN A 823 9.13 6.77 -31.80
C ASN A 823 7.84 7.42 -31.31
N LEU A 824 7.48 7.18 -30.06
CA LEU A 824 6.29 7.80 -29.48
C LEU A 824 6.62 9.19 -28.96
N ASN A 825 5.57 9.90 -28.51
CA ASN A 825 5.72 11.27 -28.04
C ASN A 825 5.63 11.38 -26.53
N ASN A 826 4.52 10.93 -25.92
CA ASN A 826 4.35 10.92 -24.47
C ASN A 826 3.57 9.68 -24.08
N PRO A 827 4.18 8.49 -24.22
CA PRO A 827 3.45 7.27 -23.91
C PRO A 827 3.15 7.14 -22.42
N ARG A 828 2.05 6.46 -22.11
CA ARG A 828 1.63 6.21 -20.74
C ARG A 828 1.08 4.79 -20.65
N SER A 829 0.28 4.50 -19.62
CA SER A 829 -0.07 3.14 -19.21
C SER A 829 -0.27 2.20 -20.39
N ILE A 830 0.32 1.01 -20.25
CA ILE A 830 0.27 -0.03 -21.27
C ILE A 830 -0.32 -1.29 -20.65
N VAL A 831 -1.22 -1.94 -21.38
CA VAL A 831 -1.86 -3.17 -20.93
C VAL A 831 -1.82 -4.17 -22.06
N VAL A 832 -1.60 -5.44 -21.72
CA VAL A 832 -1.44 -6.51 -22.71
C VAL A 832 -2.51 -7.56 -22.45
N HIS A 833 -2.98 -8.19 -23.53
CA HIS A 833 -3.97 -9.26 -23.49
C HIS A 833 -3.30 -10.53 -23.98
N PRO A 834 -2.88 -11.42 -23.07
CA PRO A 834 -2.15 -12.62 -23.50
C PRO A 834 -2.94 -13.55 -24.39
N THR A 835 -4.17 -13.89 -24.00
CA THR A 835 -4.95 -14.83 -24.80
C THR A 835 -5.31 -14.27 -26.17
N ALA A 836 -5.68 -12.99 -26.24
CA ALA A 836 -6.01 -12.38 -27.52
C ALA A 836 -4.77 -11.90 -28.27
N GLY A 837 -3.61 -11.85 -27.63
CA GLY A 837 -2.39 -11.47 -28.31
C GLY A 837 -2.28 -10.00 -28.66
N TYR A 838 -2.96 -9.14 -27.94
CA TYR A 838 -2.95 -7.70 -28.19
C TYR A 838 -2.32 -6.97 -27.02
N MET A 839 -1.66 -5.84 -27.32
CA MET A 839 -1.22 -4.90 -26.30
C MET A 839 -1.77 -3.53 -26.63
N PHE A 840 -2.05 -2.76 -25.60
CA PHE A 840 -2.64 -1.43 -25.76
C PHE A 840 -1.80 -0.42 -25.01
N LEU A 841 -1.57 0.73 -25.65
CA LEU A 841 -0.77 1.79 -25.04
C LEU A 841 -1.41 3.12 -25.37
N SER A 842 -1.21 4.08 -24.47
CA SER A 842 -1.84 5.39 -24.57
C SER A 842 -0.81 6.47 -24.79
N ASP A 843 -1.16 7.45 -25.61
CA ASP A 843 -0.33 8.60 -25.89
C ASP A 843 -1.18 9.85 -25.74
N TRP A 844 -0.63 10.88 -25.09
CA TRP A 844 -1.41 12.09 -24.83
C TRP A 844 -0.74 13.36 -25.32
N PHE A 845 0.15 13.26 -26.31
CA PHE A 845 0.55 14.46 -27.03
C PHE A 845 -0.66 14.99 -27.78
N ARG A 846 -0.63 16.30 -28.09
CA ARG A 846 -1.81 17.04 -28.55
C ARG A 846 -2.71 16.24 -29.50
N PRO A 847 -2.21 15.57 -30.56
CA PRO A 847 -3.05 14.61 -31.26
C PRO A 847 -3.17 13.30 -30.49
N ALA A 848 -3.86 13.32 -29.36
CA ALA A 848 -3.89 12.17 -28.46
C ALA A 848 -4.60 10.99 -29.12
N LYS A 849 -4.21 9.79 -28.71
CA LYS A 849 -4.73 8.57 -29.32
C LYS A 849 -4.45 7.39 -28.40
N ILE A 850 -5.08 6.26 -28.73
CA ILE A 850 -4.83 5.00 -28.06
C ILE A 850 -4.51 3.96 -29.12
N MET A 851 -3.36 3.30 -28.99
CA MET A 851 -2.89 2.39 -30.00
C MET A 851 -3.19 0.94 -29.63
N ARG A 852 -3.12 0.07 -30.63
CA ARG A 852 -3.17 -1.37 -30.45
C ARG A 852 -2.14 -2.01 -31.37
N ALA A 853 -1.57 -3.13 -30.93
CA ALA A 853 -0.58 -3.83 -31.70
C ALA A 853 -0.55 -5.30 -31.28
N TRP A 854 -0.01 -6.13 -32.17
CA TRP A 854 0.29 -7.50 -31.79
C TRP A 854 1.33 -7.50 -30.66
N SER A 855 1.34 -8.58 -29.87
CA SER A 855 2.29 -8.65 -28.77
C SER A 855 3.74 -8.62 -29.26
N ASP A 856 3.96 -8.93 -30.54
CA ASP A 856 5.28 -8.80 -31.14
C ASP A 856 5.76 -7.36 -31.14
N GLY A 857 4.85 -6.39 -31.11
CA GLY A 857 5.23 -5.00 -31.29
C GLY A 857 5.14 -4.56 -32.73
N SER A 858 4.17 -5.10 -33.47
CA SER A 858 3.99 -4.81 -34.88
C SER A 858 2.53 -4.51 -35.16
N HIS A 859 2.24 -4.13 -36.40
CA HIS A 859 0.89 -3.75 -36.82
C HIS A 859 0.34 -2.64 -35.94
N LEU A 860 1.19 -1.67 -35.61
CA LEU A 860 0.78 -0.55 -34.78
C LEU A 860 -0.22 0.32 -35.52
N MET A 861 -1.36 0.58 -34.90
CA MET A 861 -2.41 1.38 -35.52
C MET A 861 -3.27 1.98 -34.41
N PRO A 862 -3.79 3.18 -34.61
CA PRO A 862 -4.68 3.77 -33.60
C PRO A 862 -6.09 3.22 -33.71
N ILE A 863 -6.69 2.96 -32.55
CA ILE A 863 -8.06 2.50 -32.49
C ILE A 863 -9.01 3.55 -31.93
N VAL A 864 -8.52 4.49 -31.13
CA VAL A 864 -9.31 5.60 -30.63
C VAL A 864 -8.47 6.86 -30.76
N ASN A 865 -8.77 7.68 -31.77
CA ASN A 865 -8.07 8.94 -31.95
C ASN A 865 -9.00 10.15 -32.00
N THR A 866 -10.29 9.97 -31.78
CA THR A 866 -11.27 11.05 -31.87
C THR A 866 -11.81 11.38 -30.49
N SER A 867 -11.85 12.68 -30.17
CA SER A 867 -12.38 13.18 -28.91
C SER A 867 -11.63 12.58 -27.72
N LEU A 868 -10.32 12.83 -27.69
CA LEU A 868 -9.46 12.38 -26.61
C LEU A 868 -8.56 13.50 -26.13
N GLY A 869 -8.27 13.50 -24.84
CA GLY A 869 -7.26 14.37 -24.28
C GLY A 869 -6.76 13.81 -22.97
N TRP A 870 -5.45 13.65 -22.84
CA TRP A 870 -4.83 13.06 -21.66
C TRP A 870 -5.44 11.71 -21.28
N PRO A 871 -5.33 10.68 -22.14
CA PRO A 871 -5.82 9.34 -21.78
C PRO A 871 -4.85 8.60 -20.85
N ASN A 872 -5.00 8.84 -19.54
CA ASN A 872 -4.03 8.36 -18.57
C ASN A 872 -4.04 6.85 -18.44
N GLY A 873 -5.16 6.28 -17.99
CA GLY A 873 -5.16 4.89 -17.61
C GLY A 873 -5.95 3.94 -18.48
N LEU A 874 -5.37 2.78 -18.80
CA LEU A 874 -6.05 1.74 -19.54
C LEU A 874 -6.27 0.51 -18.66
N ALA A 875 -7.38 -0.18 -18.88
CA ALA A 875 -7.68 -1.41 -18.18
C ALA A 875 -8.54 -2.29 -19.09
N ILE A 876 -8.51 -3.59 -18.81
CA ILE A 876 -9.18 -4.59 -19.65
C ILE A 876 -10.14 -5.38 -18.78
N ASP A 877 -11.37 -5.53 -19.26
CA ASP A 877 -12.38 -6.36 -18.60
C ASP A 877 -12.22 -7.78 -19.13
N TRP A 878 -11.61 -8.64 -18.33
CA TRP A 878 -11.32 -10.01 -18.78
C TRP A 878 -12.58 -10.84 -18.95
N SER A 879 -13.64 -10.53 -18.22
CA SER A 879 -14.87 -11.31 -18.32
C SER A 879 -15.69 -10.97 -19.56
N ALA A 880 -15.37 -9.88 -20.24
CA ALA A 880 -16.14 -9.47 -21.42
C ALA A 880 -15.29 -9.02 -22.59
N SER A 881 -13.97 -9.01 -22.47
CA SER A 881 -13.07 -8.57 -23.54
C SER A 881 -13.40 -7.15 -23.99
N ARG A 882 -13.66 -6.28 -23.01
CA ARG A 882 -13.94 -4.87 -23.25
C ARG A 882 -12.81 -4.04 -22.68
N LEU A 883 -12.28 -3.12 -23.48
CA LEU A 883 -11.20 -2.25 -23.05
C LEU A 883 -11.76 -1.01 -22.37
N TYR A 884 -11.37 -0.79 -21.11
CA TYR A 884 -11.76 0.40 -20.37
C TYR A 884 -10.57 1.35 -20.29
N TRP A 885 -10.81 2.62 -20.61
CA TRP A 885 -9.75 3.61 -20.54
C TRP A 885 -10.28 4.88 -19.91
N VAL A 886 -9.38 5.64 -19.32
CA VAL A 886 -9.71 6.83 -18.57
C VAL A 886 -9.16 8.06 -19.29
N ASP A 887 -9.97 9.11 -19.37
CA ASP A 887 -9.56 10.38 -19.94
C ASP A 887 -9.54 11.41 -18.82
N ALA A 888 -8.63 12.38 -18.93
CA ALA A 888 -8.45 13.37 -17.89
C ALA A 888 -8.65 14.81 -18.37
N PHE A 889 -8.76 15.04 -19.67
CA PHE A 889 -9.04 16.37 -20.19
C PHE A 889 -10.52 16.67 -20.28
N PHE A 890 -11.35 15.65 -20.51
CA PHE A 890 -12.79 15.78 -20.48
C PHE A 890 -13.41 15.14 -19.24
N ASP A 891 -12.58 14.58 -18.35
CA ASP A 891 -13.03 13.98 -17.09
C ASP A 891 -14.06 12.88 -17.34
N LYS A 892 -13.70 11.93 -18.21
CA LYS A 892 -14.61 10.86 -18.58
C LYS A 892 -13.88 9.52 -18.55
N ILE A 893 -14.66 8.47 -18.37
CA ILE A 893 -14.18 7.09 -18.46
C ILE A 893 -15.03 6.37 -19.49
N GLU A 894 -14.38 5.78 -20.50
CA GLU A 894 -15.06 5.14 -21.60
C GLU A 894 -14.71 3.67 -21.64
N HIS A 895 -15.38 2.94 -22.54
CA HIS A 895 -15.04 1.54 -22.79
C HIS A 895 -15.54 1.16 -24.17
N SER A 896 -14.85 0.18 -24.75
CA SER A 896 -15.16 -0.28 -26.11
C SER A 896 -14.60 -1.68 -26.28
N THR A 897 -14.99 -2.33 -27.38
CA THR A 897 -14.42 -3.62 -27.71
C THR A 897 -12.92 -3.47 -28.00
N LEU A 898 -12.24 -4.61 -28.07
CA LEU A 898 -10.80 -4.58 -28.31
C LEU A 898 -10.44 -3.99 -29.67
N ASP A 899 -11.40 -3.95 -30.60
CA ASP A 899 -11.17 -3.38 -31.92
C ASP A 899 -11.33 -1.87 -31.94
N GLY A 900 -11.73 -1.25 -30.83
CA GLY A 900 -12.04 0.15 -30.80
C GLY A 900 -13.43 0.50 -31.26
N LEU A 901 -14.22 -0.47 -31.69
CA LEU A 901 -15.58 -0.22 -32.14
C LEU A 901 -16.54 -0.30 -30.95
N ASP A 902 -17.76 0.19 -31.17
CA ASP A 902 -18.82 0.18 -30.16
C ASP A 902 -18.34 0.93 -28.92
N ARG A 903 -18.14 2.24 -29.09
CA ARG A 903 -17.59 3.07 -28.02
C ARG A 903 -18.73 3.63 -27.16
N LYS A 904 -18.59 3.48 -25.84
CA LYS A 904 -19.59 3.96 -24.91
C LYS A 904 -18.92 4.73 -23.78
N ARG A 905 -19.61 5.77 -23.30
CA ARG A 905 -19.12 6.55 -22.18
C ARG A 905 -19.87 6.19 -20.90
N LEU A 906 -19.19 6.33 -19.77
CA LEU A 906 -19.82 6.17 -18.48
C LEU A 906 -20.36 7.51 -17.99
N GLY A 907 -21.28 7.44 -17.03
CA GLY A 907 -21.93 8.64 -16.55
C GLY A 907 -21.00 9.54 -15.77
N HIS A 908 -21.53 10.70 -15.38
CA HIS A 908 -20.76 11.65 -14.60
C HIS A 908 -20.37 11.06 -13.26
N VAL A 909 -19.09 11.16 -12.93
CA VAL A 909 -18.55 10.68 -11.65
C VAL A 909 -18.27 11.90 -10.78
N ASP A 910 -18.82 11.90 -9.57
CA ASP A 910 -18.72 13.06 -8.71
C ASP A 910 -17.28 13.28 -8.25
N GLN A 911 -16.87 14.54 -8.24
CA GLN A 911 -15.57 14.97 -7.73
C GLN A 911 -14.40 14.33 -8.47
N MET A 912 -14.65 13.80 -9.66
CA MET A 912 -13.56 13.33 -10.50
C MET A 912 -13.07 14.48 -11.38
N THR A 913 -11.86 14.94 -11.14
CA THR A 913 -11.29 16.04 -11.90
C THR A 913 -10.07 15.64 -12.71
N HIS A 914 -9.32 14.65 -12.24
CA HIS A 914 -8.07 14.28 -12.88
C HIS A 914 -7.73 12.83 -12.54
N PRO A 915 -8.25 11.86 -13.28
CA PRO A 915 -7.98 10.45 -12.94
C PRO A 915 -6.73 9.92 -13.61
N PHE A 916 -5.98 9.07 -12.90
CA PHE A 916 -4.75 8.51 -13.46
C PHE A 916 -4.84 6.99 -13.58
N GLY A 917 -5.13 6.27 -12.51
CA GLY A 917 -5.18 4.82 -12.53
C GLY A 917 -6.55 4.30 -12.86
N LEU A 918 -6.60 3.05 -13.31
CA LEU A 918 -7.87 2.42 -13.66
C LEU A 918 -7.72 0.91 -13.55
N THR A 919 -8.76 0.26 -13.03
CA THR A 919 -8.76 -1.18 -12.87
C THR A 919 -10.20 -1.66 -12.80
N VAL A 920 -10.48 -2.76 -13.50
CA VAL A 920 -11.80 -3.37 -13.53
C VAL A 920 -11.69 -4.76 -12.90
N PHE A 921 -12.49 -4.99 -11.86
CA PHE A 921 -12.50 -6.25 -11.14
C PHE A 921 -13.91 -6.54 -10.65
N LYS A 922 -14.46 -7.68 -11.06
CA LYS A 922 -15.86 -8.07 -10.80
C LYS A 922 -16.74 -6.96 -11.37
N ASP A 923 -17.65 -6.39 -10.57
CA ASP A 923 -18.59 -5.37 -11.05
C ASP A 923 -18.21 -3.96 -10.63
N ASN A 924 -16.96 -3.74 -10.23
CA ASN A 924 -16.52 -2.43 -9.74
C ASN A 924 -15.39 -1.90 -10.61
N VAL A 925 -15.32 -0.58 -10.73
CA VAL A 925 -14.25 0.11 -11.44
C VAL A 925 -13.51 0.97 -10.43
N PHE A 926 -12.19 0.77 -10.34
CA PHE A 926 -11.35 1.45 -9.35
C PHE A 926 -10.50 2.51 -10.04
N ILE A 927 -10.56 3.73 -9.53
CA ILE A 927 -9.89 4.87 -10.15
C ILE A 927 -9.12 5.64 -9.07
N THR A 928 -8.07 6.34 -9.51
CA THR A 928 -7.28 7.19 -8.62
C THR A 928 -7.23 8.59 -9.22
N ASP A 929 -7.59 9.59 -8.43
CA ASP A 929 -7.65 10.97 -8.88
C ASP A 929 -6.54 11.76 -8.19
N TRP A 930 -5.69 12.41 -8.98
CA TRP A 930 -4.63 13.23 -8.41
C TRP A 930 -5.17 14.43 -7.65
N ARG A 931 -6.21 15.08 -8.16
CA ARG A 931 -6.79 16.22 -7.47
C ARG A 931 -7.38 15.83 -6.13
N LEU A 932 -8.07 14.70 -6.06
CA LEU A 932 -8.57 14.21 -4.77
C LEU A 932 -7.44 13.65 -3.91
N GLY A 933 -6.47 12.99 -4.53
CA GLY A 933 -5.50 12.24 -3.76
C GLY A 933 -6.19 11.10 -3.06
N ALA A 934 -6.95 10.30 -3.81
CA ALA A 934 -7.80 9.28 -3.22
C ALA A 934 -8.04 8.17 -4.23
N ILE A 935 -8.54 7.05 -3.73
CA ILE A 935 -9.00 5.94 -4.57
C ILE A 935 -10.51 5.85 -4.42
N ILE A 936 -11.23 5.95 -5.52
CA ILE A 936 -12.69 5.95 -5.52
C ILE A 936 -13.18 4.74 -6.32
N ARG A 937 -14.39 4.29 -6.02
CA ARG A 937 -14.96 3.12 -6.65
C ARG A 937 -16.33 3.45 -7.22
N VAL A 938 -16.55 3.07 -8.48
CA VAL A 938 -17.83 3.27 -9.15
C VAL A 938 -18.22 1.97 -9.84
N ARG A 939 -19.50 1.84 -10.14
CA ARG A 939 -20.01 0.66 -10.82
C ARG A 939 -19.53 0.64 -12.27
N LYS A 940 -19.22 -0.55 -12.78
CA LYS A 940 -18.57 -0.67 -14.08
C LYS A 940 -19.52 -0.52 -15.27
N SER A 941 -20.83 -0.41 -15.03
CA SER A 941 -21.79 -0.31 -16.12
C SER A 941 -22.35 1.10 -16.32
N ASP A 942 -22.19 1.99 -15.35
CA ASP A 942 -22.71 3.34 -15.43
C ASP A 942 -21.91 4.22 -14.48
N GLY A 943 -22.43 5.41 -14.18
CA GLY A 943 -21.73 6.32 -13.29
C GLY A 943 -21.48 5.72 -11.92
N GLY A 944 -22.43 4.95 -11.41
CA GLY A 944 -22.21 4.18 -10.19
C GLY A 944 -22.27 4.97 -8.91
N ASP A 945 -22.25 4.26 -7.79
CA ASP A 945 -22.24 4.88 -6.46
C ASP A 945 -20.79 5.12 -6.06
N MET A 946 -20.33 6.35 -6.32
CA MET A 946 -18.96 6.73 -5.99
C MET A 946 -18.67 6.49 -4.51
N THR A 947 -17.76 5.57 -4.22
CA THR A 947 -17.41 5.20 -2.85
C THR A 947 -15.91 5.37 -2.68
N VAL A 948 -15.52 6.23 -1.75
CA VAL A 948 -14.11 6.49 -1.51
C VAL A 948 -13.49 5.30 -0.79
N ILE A 949 -12.48 4.70 -1.39
CA ILE A 949 -11.77 3.59 -0.76
C ILE A 949 -10.67 4.09 0.17
N ARG A 950 -9.84 5.02 -0.29
CA ARG A 950 -8.77 5.59 0.51
C ARG A 950 -8.84 7.11 0.39
N ARG A 951 -8.26 7.79 1.38
CA ARG A 951 -8.20 9.24 1.36
C ARG A 951 -6.88 9.68 2.00
N GLY A 952 -6.40 10.84 1.57
CA GLY A 952 -5.12 11.32 2.05
C GLY A 952 -3.97 10.41 1.72
N ILE A 953 -3.87 9.95 0.48
CA ILE A 953 -2.92 8.91 0.09
C ILE A 953 -1.73 9.56 -0.60
N SER A 954 -1.53 10.85 -0.35
CA SER A 954 -0.38 11.61 -0.87
C SER A 954 -0.44 11.57 -2.40
N SER A 955 0.72 11.56 -3.06
CA SER A 955 0.77 11.41 -4.50
C SER A 955 0.45 9.96 -4.86
N VAL A 956 -0.66 9.76 -5.58
CA VAL A 956 -1.19 8.43 -5.83
C VAL A 956 -0.97 8.07 -7.30
N MET A 957 -0.69 6.80 -7.54
CA MET A 957 -0.36 6.28 -8.87
C MET A 957 -1.25 5.10 -9.21
N HIS A 958 -0.86 4.34 -10.23
CA HIS A 958 -1.67 3.26 -10.79
C HIS A 958 -2.25 2.35 -9.70
N VAL A 959 -3.40 1.77 -10.03
CA VAL A 959 -4.00 0.68 -9.25
C VAL A 959 -3.93 -0.59 -10.07
N LYS A 960 -4.07 -1.72 -9.39
CA LYS A 960 -4.05 -3.03 -10.05
C LYS A 960 -4.79 -4.02 -9.16
N ALA A 961 -5.52 -4.93 -9.80
CA ALA A 961 -6.29 -5.93 -9.07
C ALA A 961 -5.53 -7.25 -9.06
N TYR A 962 -5.00 -7.61 -7.89
CA TYR A 962 -4.38 -8.92 -7.74
C TYR A 962 -5.46 -9.99 -7.77
N ASP A 963 -5.27 -11.01 -8.60
CA ASP A 963 -6.25 -12.09 -8.72
C ASP A 963 -5.50 -13.27 -9.33
N ALA A 964 -5.40 -14.37 -8.57
CA ALA A 964 -4.74 -15.56 -9.07
C ALA A 964 -5.57 -16.35 -10.07
N ASP A 965 -6.90 -16.20 -10.03
CA ASP A 965 -7.76 -16.86 -11.01
C ASP A 965 -7.55 -16.28 -12.40
N LEU A 966 -7.30 -14.97 -12.48
CA LEU A 966 -7.09 -14.32 -13.77
C LEU A 966 -5.88 -14.90 -14.49
N GLN A 967 -4.78 -15.11 -13.78
CA GLN A 967 -3.54 -15.60 -14.39
C GLN A 967 -3.63 -17.10 -14.66
N THR A 968 -4.58 -17.44 -15.52
CA THR A 968 -4.83 -18.82 -15.91
C THR A 968 -5.07 -18.87 -17.41
N GLY A 969 -4.48 -19.87 -18.07
CA GLY A 969 -4.64 -20.02 -19.51
C GLY A 969 -3.37 -20.47 -20.18
N SER A 970 -3.43 -20.79 -21.47
CA SER A 970 -2.26 -21.26 -22.20
C SER A 970 -2.48 -21.05 -23.69
N ASN A 971 -1.70 -20.15 -24.29
CA ASN A 971 -1.63 -20.09 -25.74
C ASN A 971 -0.71 -21.16 -26.26
N TYR A 972 -0.40 -21.09 -27.56
CA TYR A 972 0.59 -21.99 -28.11
C TYR A 972 2.00 -21.65 -27.68
N CYS A 973 2.19 -20.50 -27.02
CA CYS A 973 3.51 -20.14 -26.51
C CYS A 973 3.88 -20.94 -25.27
N SER A 974 2.92 -21.45 -24.52
CA SER A 974 3.20 -22.20 -23.30
C SER A 974 2.34 -23.45 -23.25
N GLN A 975 2.13 -24.09 -24.40
CA GLN A 975 1.44 -25.37 -24.44
C GLN A 975 2.39 -26.49 -24.06
N THR A 976 1.84 -27.58 -23.53
CA THR A 976 2.67 -28.70 -23.12
C THR A 976 3.21 -29.45 -24.33
N THR A 977 3.94 -30.53 -24.06
CA THR A 977 4.62 -31.35 -25.05
C THR A 977 5.77 -30.60 -25.72
N HIS A 978 5.96 -29.35 -25.36
CA HIS A 978 7.11 -28.54 -25.75
C HIS A 978 7.10 -27.28 -24.88
N ALA A 979 8.09 -26.41 -25.08
CA ALA A 979 8.23 -25.25 -24.22
C ALA A 979 8.51 -24.00 -25.05
N ASN A 980 7.93 -22.89 -24.61
CA ASN A 980 8.19 -21.57 -25.17
C ASN A 980 7.88 -21.51 -26.66
N GLY A 981 6.95 -22.35 -27.11
CA GLY A 981 6.58 -22.36 -28.51
C GLY A 981 7.72 -22.71 -29.45
N ASP A 982 8.69 -23.48 -28.98
CA ASP A 982 9.87 -23.88 -29.74
C ASP A 982 10.72 -22.70 -30.20
N CYS A 983 10.50 -21.51 -29.64
CA CYS A 983 11.28 -20.35 -30.02
C CYS A 983 12.39 -20.09 -29.01
N SER A 984 13.58 -19.80 -29.51
CA SER A 984 14.65 -19.30 -28.66
C SER A 984 14.26 -17.93 -28.13
N HIS A 985 14.67 -17.64 -26.90
CA HIS A 985 14.36 -16.36 -26.25
C HIS A 985 12.86 -16.25 -26.03
N PHE A 986 12.23 -15.15 -26.45
CA PHE A 986 10.82 -14.95 -26.19
C PHE A 986 9.99 -15.23 -27.43
N CYS A 987 8.80 -15.79 -27.21
CA CYS A 987 7.78 -15.95 -28.23
C CYS A 987 6.59 -15.06 -27.90
N PHE A 988 6.02 -14.43 -28.92
CA PHE A 988 4.96 -13.47 -28.71
C PHE A 988 3.62 -14.03 -29.17
N PRO A 989 2.62 -14.08 -28.29
CA PRO A 989 1.29 -14.50 -28.74
C PRO A 989 0.74 -13.53 -29.77
N VAL A 990 0.01 -14.07 -30.75
CA VAL A 990 -0.51 -13.27 -31.86
C VAL A 990 -2.00 -13.58 -31.98
N PRO A 991 -2.85 -12.60 -32.29
CA PRO A 991 -4.29 -12.86 -32.38
C PRO A 991 -4.62 -13.96 -33.38
N ASN A 992 -5.78 -14.58 -33.19
CA ASN A 992 -6.23 -15.75 -33.95
C ASN A 992 -5.39 -16.98 -33.59
N PHE A 993 -4.94 -17.05 -32.34
CA PHE A 993 -4.32 -18.24 -31.77
C PHE A 993 -3.08 -18.66 -32.55
N GLN A 994 -2.08 -17.78 -32.57
CA GLN A 994 -0.83 -18.03 -33.25
C GLN A 994 0.30 -17.42 -32.45
N ARG A 995 1.53 -17.78 -32.80
CA ARG A 995 2.72 -17.34 -32.09
C ARG A 995 3.79 -16.86 -33.06
N VAL A 996 4.57 -15.88 -32.64
CA VAL A 996 5.66 -15.32 -33.43
C VAL A 996 6.90 -15.26 -32.55
N CYS A 997 8.00 -15.83 -33.01
CA CYS A 997 9.22 -15.88 -32.22
C CYS A 997 10.03 -14.60 -32.37
N GLY A 998 10.68 -14.19 -31.28
CA GLY A 998 11.53 -13.01 -31.30
C GLY A 998 12.82 -13.20 -30.53
N CYS A 999 13.81 -12.33 -30.77
CA CYS A 999 15.08 -12.41 -30.06
C CYS A 999 15.55 -11.01 -29.66
N PRO A 1000 16.43 -10.87 -28.67
CA PRO A 1000 16.77 -9.55 -28.15
C PRO A 1000 17.58 -8.72 -29.13
N TYR A 1001 18.02 -7.56 -28.64
CA TYR A 1001 18.83 -6.66 -29.43
C TYR A 1001 20.11 -7.35 -29.88
N GLY A 1002 20.50 -7.09 -31.12
CA GLY A 1002 21.69 -7.69 -31.70
C GLY A 1002 21.52 -9.13 -32.13
N MET A 1003 20.28 -9.54 -32.38
CA MET A 1003 19.98 -10.89 -32.82
C MET A 1003 19.01 -10.86 -33.98
N LYS A 1004 19.17 -11.80 -34.91
CA LYS A 1004 18.36 -11.89 -36.11
C LYS A 1004 17.79 -13.30 -36.25
N LEU A 1005 16.57 -13.39 -36.78
CA LEU A 1005 15.92 -14.68 -36.96
C LEU A 1005 16.58 -15.45 -38.09
N GLN A 1006 16.81 -16.74 -37.87
CA GLN A 1006 17.37 -17.59 -38.90
C GLN A 1006 16.32 -17.90 -39.96
N ARG A 1007 16.69 -18.75 -40.91
CA ARG A 1007 15.77 -19.10 -41.99
C ARG A 1007 14.54 -19.86 -41.49
N ASP A 1008 14.67 -20.56 -40.36
CA ASP A 1008 13.54 -21.31 -39.81
C ASP A 1008 12.54 -20.44 -39.08
N GLN A 1009 12.84 -19.16 -38.88
CA GLN A 1009 11.95 -18.17 -38.25
C GLN A 1009 11.67 -18.48 -36.78
N MET A 1010 12.41 -19.38 -36.16
CA MET A 1010 12.17 -19.73 -34.77
C MET A 1010 13.40 -19.51 -33.90
N THR A 1011 14.57 -19.92 -34.38
CA THR A 1011 15.82 -19.78 -33.65
C THR A 1011 16.60 -18.60 -34.22
N CYS A 1012 17.27 -17.85 -33.34
CA CYS A 1012 17.89 -16.59 -33.71
C CYS A 1012 19.41 -16.69 -33.66
N GLU A 1013 20.07 -16.04 -34.61
CA GLU A 1013 21.51 -15.99 -34.70
C GLU A 1013 22.00 -14.57 -34.40
N GLY A 1014 23.30 -14.45 -34.15
CA GLY A 1014 23.87 -13.15 -33.89
C GLY A 1014 23.83 -12.26 -35.12
N ASP A 1015 23.56 -10.98 -34.88
CA ASP A 1015 23.51 -10.00 -35.96
C ASP A 1015 24.28 -8.73 -35.60
N PRO A 1016 25.60 -8.80 -35.46
CA PRO A 1016 26.35 -7.59 -35.09
C PRO A 1016 26.46 -6.57 -36.21
N ALA A 1017 26.21 -6.97 -37.46
CA ALA A 1017 26.35 -6.04 -38.57
C ALA A 1017 25.34 -4.91 -38.49
N ARG A 1018 24.08 -5.23 -38.17
CA ARG A 1018 23.01 -4.25 -38.11
C ARG A 1018 22.88 -3.59 -36.73
N GLU A 1019 23.08 -4.35 -35.66
CA GLU A 1019 22.93 -3.87 -34.29
C GLU A 1019 24.20 -4.22 -33.52
N PRO A 1020 25.20 -3.33 -33.53
CA PRO A 1020 26.47 -3.67 -32.87
C PRO A 1020 26.29 -3.73 -31.36
N PRO A 1021 27.17 -4.46 -30.66
CA PRO A 1021 27.09 -4.49 -29.20
C PRO A 1021 27.34 -3.11 -28.60
N THR A 1022 26.72 -2.86 -27.45
CA THR A 1022 26.77 -1.56 -26.82
C THR A 1022 27.29 -1.69 -25.40
N GLN A 1023 27.88 -0.61 -24.91
CA GLN A 1023 28.41 -0.57 -23.56
C GLN A 1023 27.30 -0.34 -22.54
N GLN A 1024 27.58 -0.69 -21.29
CA GLN A 1024 26.64 -0.40 -20.21
C GLN A 1024 26.59 1.09 -19.90
N CYS A 1025 27.69 1.80 -20.14
CA CYS A 1025 27.77 3.22 -19.82
C CYS A 1025 28.67 3.90 -20.82
N GLY A 1026 28.53 5.22 -20.91
CA GLY A 1026 29.39 6.02 -21.75
C GLY A 1026 30.77 6.21 -21.14
N SER A 1027 31.58 7.02 -21.82
CA SER A 1027 32.94 7.26 -21.37
C SER A 1027 32.99 8.23 -20.19
N LEU A 1028 31.91 8.95 -19.92
CA LEU A 1028 31.89 9.94 -18.85
C LEU A 1028 31.18 9.45 -17.59
N SER A 1029 30.79 8.17 -17.54
CA SER A 1029 30.01 7.65 -16.43
C SER A 1029 30.59 6.33 -15.95
N PHE A 1030 30.43 6.06 -14.66
CA PHE A 1030 30.95 4.83 -14.07
C PHE A 1030 29.90 3.74 -14.07
N PRO A 1031 30.14 2.60 -14.72
CA PRO A 1031 29.17 1.49 -14.66
C PRO A 1031 29.28 0.77 -13.32
N CYS A 1032 28.18 0.69 -12.59
CA CYS A 1032 28.18 0.01 -11.32
C CYS A 1032 28.17 -1.51 -11.53
N ASN A 1033 28.40 -2.26 -10.45
CA ASN A 1033 28.21 -3.70 -10.51
C ASN A 1033 26.76 -4.02 -10.82
N ASN A 1034 25.84 -3.29 -10.20
CA ASN A 1034 24.46 -3.27 -10.67
C ASN A 1034 24.38 -2.54 -12.01
N GLY A 1035 23.38 -2.89 -12.81
CA GLY A 1035 23.28 -2.39 -14.17
C GLY A 1035 23.14 -0.87 -14.29
N LYS A 1036 23.06 -0.16 -13.17
CA LYS A 1036 22.82 1.28 -13.23
C LYS A 1036 24.05 2.01 -13.77
N CYS A 1037 23.90 3.33 -13.90
CA CYS A 1037 24.94 4.21 -14.43
C CYS A 1037 24.96 5.50 -13.63
N VAL A 1038 26.14 5.91 -13.19
CA VAL A 1038 26.28 7.10 -12.34
C VAL A 1038 27.36 8.01 -12.93
N PRO A 1039 27.34 9.31 -12.63
CA PRO A 1039 28.42 10.19 -13.08
C PRO A 1039 29.76 9.73 -12.53
N SER A 1040 30.81 9.92 -13.35
CA SER A 1040 32.12 9.38 -13.00
C SER A 1040 32.73 10.06 -11.78
N PHE A 1041 32.28 11.28 -11.46
CA PHE A 1041 32.80 11.92 -10.26
C PHE A 1041 31.97 11.62 -9.02
N PHE A 1042 30.93 10.80 -9.15
CA PHE A 1042 30.23 10.26 -7.99
C PHE A 1042 30.91 9.02 -7.41
N ARG A 1043 31.98 8.56 -8.03
CA ARG A 1043 32.74 7.44 -7.47
C ARG A 1043 33.48 7.90 -6.22
N CYS A 1044 33.32 7.15 -5.14
CA CYS A 1044 34.02 7.40 -3.88
C CYS A 1044 33.73 8.81 -3.35
N ASP A 1045 32.45 9.18 -3.35
CA ASP A 1045 32.03 10.43 -2.74
C ASP A 1045 31.49 10.25 -1.33
N GLY A 1046 31.47 9.03 -0.82
CA GLY A 1046 30.93 8.74 0.50
C GLY A 1046 29.45 8.45 0.53
N VAL A 1047 28.75 8.58 -0.60
CA VAL A 1047 27.32 8.36 -0.68
C VAL A 1047 27.04 7.25 -1.68
N ASP A 1048 26.20 6.30 -1.29
CA ASP A 1048 25.83 5.19 -2.16
C ASP A 1048 24.85 5.69 -3.23
N ASP A 1049 25.36 5.98 -4.42
CA ASP A 1049 24.53 6.42 -5.52
C ASP A 1049 24.12 5.30 -6.45
N CYS A 1050 24.90 4.22 -6.52
CA CYS A 1050 24.58 3.10 -7.40
C CYS A 1050 23.53 2.18 -6.81
N HIS A 1051 23.11 2.41 -5.56
CA HIS A 1051 22.18 1.55 -4.83
C HIS A 1051 22.71 0.12 -4.69
N ASP A 1052 24.03 -0.04 -4.84
CA ASP A 1052 24.69 -1.31 -4.60
C ASP A 1052 25.99 -1.12 -3.83
N ASN A 1053 26.31 0.13 -3.44
CA ASN A 1053 27.54 0.49 -2.74
C ASN A 1053 28.73 0.32 -3.69
N SER A 1054 28.46 -0.15 -4.92
CA SER A 1054 29.51 -0.43 -5.89
C SER A 1054 30.31 0.82 -6.25
N ASP A 1055 29.73 2.01 -6.12
CA ASP A 1055 30.51 3.23 -6.35
C ASP A 1055 31.33 3.61 -5.14
N GLU A 1056 31.05 3.04 -3.97
CA GLU A 1056 31.80 3.30 -2.74
C GLU A 1056 32.57 2.08 -2.27
N HIS A 1057 33.14 1.32 -3.20
CA HIS A 1057 33.83 0.08 -2.87
C HIS A 1057 35.34 0.25 -3.01
N GLN A 1058 36.07 -0.34 -2.05
CA GLN A 1058 37.54 -0.29 -1.98
C GLN A 1058 38.08 1.12 -2.22
N CYS A 1059 37.34 2.12 -1.77
CA CYS A 1059 37.72 3.51 -1.99
C CYS A 1059 38.87 3.91 -1.06
N GLY A 1060 39.52 5.01 -1.41
CA GLY A 1060 40.63 5.53 -0.62
C GLY A 1060 41.99 4.99 -1.00
N VAL A 1061 42.05 3.87 -1.72
CA VAL A 1061 43.33 3.32 -2.16
C VAL A 1061 43.78 4.04 -3.42
N PHE A 1062 45.04 3.85 -3.80
CA PHE A 1062 45.56 4.40 -5.04
C PHE A 1062 44.79 3.86 -6.24
N ASN A 1063 44.79 4.62 -7.33
CA ASN A 1063 43.94 4.52 -8.53
C ASN A 1063 42.45 4.52 -8.19
N ASN A 1064 42.10 4.76 -6.93
CA ASN A 1064 40.70 4.82 -6.52
C ASN A 1064 40.49 5.95 -5.50
N THR A 1065 41.05 7.13 -5.78
CA THR A 1065 41.04 8.22 -4.82
C THR A 1065 39.60 8.66 -4.52
N CYS A 1066 39.43 9.35 -3.40
CA CYS A 1066 38.14 9.91 -3.06
C CYS A 1066 37.85 11.13 -3.92
N SER A 1067 36.55 11.42 -4.09
CA SER A 1067 36.13 12.56 -4.90
C SER A 1067 36.53 13.85 -4.21
N PRO A 1068 36.72 14.94 -4.95
CA PRO A 1068 37.07 16.22 -4.30
C PRO A 1068 36.01 16.70 -3.32
N SER A 1069 34.74 16.34 -3.51
CA SER A 1069 33.67 16.76 -2.61
C SER A 1069 33.70 16.01 -1.28
N ALA A 1070 34.18 14.77 -1.26
CA ALA A 1070 34.17 13.98 -0.04
C ALA A 1070 35.39 14.31 0.82
N PHE A 1071 35.36 13.82 2.05
CA PHE A 1071 36.47 13.94 2.98
C PHE A 1071 37.12 12.58 3.16
N ALA A 1072 38.44 12.54 3.09
CA ALA A 1072 39.17 11.28 3.13
C ALA A 1072 39.78 11.05 4.50
N CYS A 1073 39.49 9.90 5.09
CA CYS A 1073 40.20 9.49 6.28
C CYS A 1073 41.65 9.16 5.94
N VAL A 1074 42.58 9.62 6.77
CA VAL A 1074 44.00 9.54 6.43
C VAL A 1074 44.52 8.11 6.44
N ARG A 1075 43.83 7.18 7.10
CA ARG A 1075 44.31 5.82 7.24
C ARG A 1075 43.20 4.83 6.90
N GLY A 1076 43.59 3.71 6.30
CA GLY A 1076 42.68 2.62 6.05
C GLY A 1076 41.87 2.71 4.78
N GLY A 1077 41.97 3.81 4.03
CA GLY A 1077 41.23 3.92 2.79
C GLY A 1077 39.74 3.96 2.97
N GLN A 1078 39.23 5.06 3.54
CA GLN A 1078 37.80 5.24 3.69
C GLN A 1078 37.45 6.67 3.33
N CYS A 1079 36.49 6.84 2.43
CA CYS A 1079 36.01 8.15 2.03
C CYS A 1079 34.61 8.38 2.60
N ILE A 1080 34.39 9.55 3.16
CA ILE A 1080 33.12 9.87 3.83
C ILE A 1080 32.57 11.16 3.23
N PRO A 1081 31.27 11.37 3.29
CA PRO A 1081 30.68 12.61 2.74
C PRO A 1081 31.23 13.84 3.42
N GLY A 1082 31.27 14.94 2.67
CA GLY A 1082 31.81 16.18 3.20
C GLY A 1082 31.02 16.74 4.37
N GLN A 1083 29.70 16.55 4.36
CA GLN A 1083 28.86 17.07 5.44
C GLN A 1083 29.09 16.36 6.76
N TRP A 1084 29.78 15.22 6.75
CA TRP A 1084 30.12 14.52 7.99
C TRP A 1084 31.45 14.97 8.58
N HIS A 1085 32.11 15.95 7.97
CA HIS A 1085 33.41 16.40 8.44
C HIS A 1085 33.22 17.41 9.58
N CYS A 1086 33.62 17.00 10.79
CA CYS A 1086 33.48 17.80 12.00
C CYS A 1086 32.03 18.28 12.20
N ASP A 1087 31.16 17.28 12.37
CA ASP A 1087 29.79 17.52 12.79
C ASP A 1087 29.51 16.85 14.13
N ARG A 1088 30.54 16.68 14.96
CA ARG A 1088 30.47 16.13 16.31
C ARG A 1088 30.10 14.65 16.36
N GLN A 1089 30.30 13.93 15.26
CA GLN A 1089 30.15 12.48 15.23
C GLN A 1089 31.41 11.85 14.62
N ASN A 1090 31.95 10.85 15.30
CA ASN A 1090 33.15 10.17 14.82
C ASN A 1090 32.76 9.24 13.69
N ASP A 1091 32.88 9.72 12.46
CA ASP A 1091 32.51 8.95 11.28
C ASP A 1091 33.67 8.11 10.75
N CYS A 1092 34.84 8.72 10.56
CA CYS A 1092 36.00 7.98 10.08
C CYS A 1092 36.37 6.89 11.07
N LEU A 1093 36.86 5.75 10.54
CA LEU A 1093 37.25 4.65 11.41
C LEU A 1093 38.36 5.05 12.36
N ASP A 1094 39.22 5.99 11.95
CA ASP A 1094 40.29 6.47 12.79
C ASP A 1094 40.00 7.84 13.40
N GLY A 1095 38.79 8.36 13.23
CA GLY A 1095 38.44 9.63 13.82
C GLY A 1095 39.08 10.85 13.18
N SER A 1096 39.51 10.75 11.93
CA SER A 1096 40.13 11.89 11.27
C SER A 1096 39.15 13.02 11.03
N ASP A 1097 37.85 12.73 11.03
CA ASP A 1097 36.83 13.72 10.69
C ASP A 1097 36.44 14.59 11.87
N GLU A 1098 36.97 14.35 13.06
CA GLU A 1098 36.64 15.12 14.25
C GLU A 1098 37.92 15.57 14.95
N GLN A 1099 38.86 16.11 14.17
CA GLN A 1099 40.18 16.44 14.71
C GLN A 1099 40.69 17.71 14.05
N ASN A 1100 40.96 18.73 14.86
CA ASN A 1100 41.60 19.97 14.42
C ASN A 1100 40.77 20.67 13.34
N CYS A 1101 39.59 21.11 13.75
CA CYS A 1101 38.74 21.93 12.91
C CYS A 1101 38.38 23.20 13.67
N PRO A 1102 38.07 24.30 12.97
CA PRO A 1102 38.01 25.61 13.63
C PRO A 1102 36.98 25.72 14.75
N THR A 1103 37.45 26.24 15.89
CA THR A 1103 36.54 26.60 16.98
C THR A 1103 36.15 28.06 16.93
N HIS A 1104 36.64 28.80 15.95
CA HIS A 1104 36.46 30.25 15.89
C HIS A 1104 35.05 30.59 15.41
N ALA A 1105 34.16 30.78 16.37
CA ALA A 1105 32.89 31.43 16.08
C ALA A 1105 33.11 32.90 15.70
N THR A 1106 34.25 33.47 16.11
CA THR A 1106 34.69 34.81 15.70
C THR A 1106 33.69 35.85 16.23
N SER A 1107 33.88 37.11 15.88
CA SER A 1107 32.90 38.14 16.19
C SER A 1107 31.68 38.08 15.28
N SER A 1108 31.55 37.01 14.48
CA SER A 1108 30.39 36.86 13.61
C SER A 1108 29.11 36.84 14.43
N THR A 1109 28.14 37.61 13.96
CA THR A 1109 26.86 37.76 14.66
C THR A 1109 25.74 37.71 13.64
N CYS A 1110 24.65 37.05 14.02
CA CYS A 1110 23.44 37.11 13.22
C CYS A 1110 22.77 38.46 13.40
N PRO A 1111 21.93 38.88 12.43
CA PRO A 1111 21.31 40.21 12.51
C PRO A 1111 20.64 40.53 13.83
N SER A 1112 20.53 41.83 14.13
CA SER A 1112 19.96 42.27 15.40
C SER A 1112 18.52 41.78 15.59
N THR A 1113 17.82 41.44 14.51
CA THR A 1113 16.48 40.89 14.64
C THR A 1113 16.47 39.49 15.24
N SER A 1114 17.50 38.68 14.95
CA SER A 1114 17.52 37.28 15.32
C SER A 1114 18.24 37.06 16.65
N PHE A 1115 17.58 36.31 17.54
CA PHE A 1115 18.20 35.89 18.79
C PHE A 1115 19.31 34.89 18.53
N THR A 1116 20.35 34.93 19.35
CA THR A 1116 21.52 34.07 19.16
C THR A 1116 21.58 33.04 20.29
N CYS A 1117 21.68 31.76 19.92
CA CYS A 1117 21.80 30.70 20.89
C CYS A 1117 23.27 30.50 21.29
N ASP A 1118 23.48 29.65 22.28
CA ASP A 1118 24.84 29.29 22.68
C ASP A 1118 25.53 28.45 21.61
N ASN A 1119 24.76 27.87 20.69
CA ASN A 1119 25.29 27.09 19.58
C ASN A 1119 25.60 27.96 18.37
N HIS A 1120 25.41 29.28 18.49
CA HIS A 1120 25.66 30.27 17.45
C HIS A 1120 24.64 30.17 16.32
N VAL A 1121 23.73 29.21 16.40
CA VAL A 1121 22.55 29.23 15.54
C VAL A 1121 21.67 30.41 15.96
N CYS A 1122 20.99 31.01 14.99
CA CYS A 1122 20.19 32.19 15.30
C CYS A 1122 18.76 31.99 14.82
N ILE A 1123 17.83 32.48 15.65
CA ILE A 1123 16.40 32.45 15.38
C ILE A 1123 15.84 33.81 15.79
N PRO A 1124 14.68 34.22 15.29
CA PRO A 1124 14.14 35.53 15.68
C PRO A 1124 13.84 35.59 17.17
N LYS A 1125 13.80 36.81 17.71
CA LYS A 1125 13.36 37.01 19.09
C LYS A 1125 11.98 36.40 19.34
N ASP A 1126 11.13 36.40 18.32
CA ASP A 1126 9.76 35.93 18.48
C ASP A 1126 9.68 34.46 18.87
N TRP A 1127 10.72 33.68 18.59
CA TRP A 1127 10.69 32.25 18.87
C TRP A 1127 11.17 31.88 20.27
N VAL A 1128 11.62 32.84 21.07
CA VAL A 1128 12.15 32.52 22.38
C VAL A 1128 11.01 32.21 23.35
N CYS A 1129 11.20 31.17 24.16
CA CYS A 1129 10.27 30.77 25.22
C CYS A 1129 8.90 30.35 24.71
N ASP A 1130 8.85 29.61 23.60
CA ASP A 1130 7.61 29.03 23.13
C ASP A 1130 7.52 27.53 23.41
N THR A 1131 8.38 27.01 24.28
CA THR A 1131 8.44 25.60 24.66
C THR A 1131 8.85 24.71 23.49
N ASP A 1132 9.30 25.32 22.39
CA ASP A 1132 9.82 24.57 21.26
C ASP A 1132 11.34 24.72 21.20
N ASN A 1133 12.04 23.59 21.08
CA ASN A 1133 13.50 23.57 21.09
C ASN A 1133 14.05 23.93 19.71
N ASP A 1134 13.94 25.23 19.38
CA ASP A 1134 14.37 25.69 18.07
C ASP A 1134 15.88 25.70 17.91
N CYS A 1135 16.61 26.09 18.97
CA CYS A 1135 18.06 26.21 18.87
C CYS A 1135 18.76 24.86 18.77
N SER A 1136 18.05 23.77 19.04
CA SER A 1136 18.60 22.41 19.06
C SER A 1136 19.60 22.22 20.18
N ASP A 1137 19.78 23.23 21.03
CA ASP A 1137 20.57 23.09 22.26
C ASP A 1137 19.85 23.65 23.48
N GLY A 1138 18.61 24.10 23.34
CA GLY A 1138 17.85 24.61 24.47
C GLY A 1138 18.20 26.00 24.92
N SER A 1139 19.04 26.73 24.17
CA SER A 1139 19.43 28.07 24.60
C SER A 1139 18.26 29.05 24.53
N ASP A 1140 17.38 28.89 23.54
CA ASP A 1140 16.22 29.76 23.43
C ASP A 1140 15.14 29.43 24.45
N GLU A 1141 15.29 28.34 25.20
CA GLU A 1141 14.33 27.97 26.22
C GLU A 1141 14.92 27.99 27.62
N LYS A 1142 16.18 28.39 27.77
CA LYS A 1142 16.81 28.46 29.09
C LYS A 1142 16.22 29.62 29.89
N ASN A 1143 16.31 29.49 31.22
CA ASN A 1143 15.85 30.49 32.20
C ASN A 1143 14.45 31.04 31.88
N CYS A 1144 13.62 30.23 31.24
CA CYS A 1144 12.23 30.59 31.04
C CYS A 1144 11.47 30.40 32.35
N GLN A 1145 10.66 31.39 32.71
CA GLN A 1145 10.02 31.41 34.01
C GLN A 1145 8.53 31.71 33.84
N ALA A 1146 7.77 31.33 34.86
CA ALA A 1146 6.31 31.46 34.84
C ALA A 1146 5.83 32.85 35.19
N SER A 1147 6.69 33.87 35.09
CA SER A 1147 6.33 35.24 35.44
C SER A 1147 5.25 35.83 34.53
N GLY A 1148 4.97 35.22 33.38
CA GLY A 1148 3.98 35.76 32.48
C GLY A 1148 4.32 37.12 31.91
N THR A 1149 5.54 37.30 31.42
CA THR A 1149 6.05 38.60 31.01
C THR A 1149 6.64 38.49 29.59
N CYS A 1150 5.87 37.89 28.68
CA CYS A 1150 6.33 37.64 27.33
C CYS A 1150 6.67 38.94 26.61
N GLN A 1151 7.38 38.80 25.49
CA GLN A 1151 7.76 39.94 24.67
C GLN A 1151 6.52 40.57 24.04
N PRO A 1152 6.59 41.85 23.68
CA PRO A 1152 5.42 42.50 23.07
C PRO A 1152 4.91 41.81 21.82
N THR A 1153 5.81 41.29 20.97
CA THR A 1153 5.37 40.60 19.77
C THR A 1153 4.63 39.30 20.12
N GLN A 1154 5.14 38.56 21.09
CA GLN A 1154 4.58 37.25 21.39
C GLN A 1154 3.26 37.37 22.15
N PHE A 1155 2.26 36.61 21.70
CA PHE A 1155 1.03 36.48 22.45
C PHE A 1155 1.23 35.51 23.62
N ARG A 1156 0.44 35.70 24.67
CA ARG A 1156 0.57 34.93 25.90
C ARG A 1156 -0.69 34.12 26.15
N CYS A 1157 -0.56 32.80 26.10
CA CYS A 1157 -1.62 31.94 26.60
C CYS A 1157 -1.73 32.13 28.12
N PRO A 1158 -2.93 32.05 28.69
CA PRO A 1158 -3.11 32.53 30.08
C PRO A 1158 -2.20 31.87 31.09
N ASP A 1159 -2.00 30.56 31.03
CA ASP A 1159 -1.11 29.88 31.96
C ASP A 1159 -0.34 28.76 31.26
N HIS A 1160 -0.13 28.90 29.96
CA HIS A 1160 0.48 27.81 29.22
C HIS A 1160 1.87 28.19 28.69
N ARG A 1161 1.94 29.22 27.86
CA ARG A 1161 3.21 29.64 27.27
C ARG A 1161 2.99 30.89 26.44
N CYS A 1162 4.10 31.53 26.08
CA CYS A 1162 4.07 32.58 25.07
C CYS A 1162 4.00 31.95 23.69
N ILE A 1163 3.62 32.75 22.70
CA ILE A 1163 3.39 32.23 21.35
C ILE A 1163 3.55 33.36 20.34
N SER A 1164 4.02 32.99 19.13
CA SER A 1164 4.28 33.89 18.03
C SER A 1164 2.98 34.40 17.39
N PRO A 1165 3.00 35.60 16.82
CA PRO A 1165 1.80 36.11 16.12
C PRO A 1165 1.36 35.23 14.96
N LEU A 1166 2.30 34.61 14.24
CA LEU A 1166 1.95 33.81 13.07
C LEU A 1166 1.10 32.60 13.43
N TYR A 1167 0.90 32.32 14.72
CA TYR A 1167 -0.01 31.28 15.16
C TYR A 1167 -1.30 31.81 15.77
N VAL A 1168 -1.40 33.12 15.98
CA VAL A 1168 -2.63 33.71 16.48
C VAL A 1168 -3.62 33.83 15.33
N CYS A 1169 -4.83 33.28 15.53
CA CYS A 1169 -5.89 33.30 14.53
C CYS A 1169 -5.43 32.69 13.21
N ASP A 1170 -5.09 31.41 13.28
CA ASP A 1170 -4.63 30.68 12.11
C ASP A 1170 -5.45 29.43 11.80
N GLY A 1171 -6.62 29.26 12.41
CA GLY A 1171 -7.43 28.07 12.22
C GLY A 1171 -7.06 26.90 13.10
N ASP A 1172 -6.06 27.05 13.96
CA ASP A 1172 -5.58 25.98 14.82
C ASP A 1172 -5.49 26.48 16.25
N LYS A 1173 -5.93 25.67 17.20
CA LYS A 1173 -5.88 26.01 18.62
C LYS A 1173 -4.51 25.65 19.16
N ASP A 1174 -3.64 26.66 19.31
CA ASP A 1174 -2.28 26.40 19.74
C ASP A 1174 -2.13 26.48 21.26
N CYS A 1175 -2.88 27.35 21.92
CA CYS A 1175 -2.87 27.38 23.39
C CYS A 1175 -3.75 26.25 23.92
N ALA A 1176 -3.61 25.99 25.22
CA ALA A 1176 -4.37 24.90 25.83
C ALA A 1176 -5.86 25.17 25.79
N ASP A 1177 -6.28 26.39 26.10
CA ASP A 1177 -7.70 26.74 26.13
C ASP A 1177 -8.19 27.35 24.83
N GLY A 1178 -7.33 27.44 23.81
CA GLY A 1178 -7.73 28.07 22.57
C GLY A 1178 -7.89 29.57 22.64
N SER A 1179 -7.22 30.24 23.59
CA SER A 1179 -7.35 31.68 23.73
C SER A 1179 -6.75 32.43 22.54
N ASP A 1180 -5.84 31.81 21.80
CA ASP A 1180 -5.21 32.46 20.65
C ASP A 1180 -6.07 32.39 19.40
N GLU A 1181 -7.14 31.60 19.39
CA GLU A 1181 -7.95 31.41 18.19
C GLU A 1181 -9.37 31.93 18.40
N ALA A 1182 -9.89 31.80 19.62
CA ALA A 1182 -11.26 32.20 19.90
C ALA A 1182 -11.43 33.71 19.81
N GLY A 1183 -12.57 34.13 19.24
CA GLY A 1183 -12.90 35.53 19.16
C GLY A 1183 -12.38 36.27 17.95
N CYS A 1184 -11.57 35.63 17.11
CA CYS A 1184 -11.03 36.31 15.94
C CYS A 1184 -11.89 36.01 14.71
N VAL A 1185 -11.55 36.67 13.59
CA VAL A 1185 -12.28 36.54 12.34
C VAL A 1185 -11.31 36.26 11.21
N LEU A 1186 -11.84 35.69 10.13
CA LEU A 1186 -11.07 35.39 8.93
C LEU A 1186 -10.94 36.64 8.04
N ASN A 1187 -9.87 36.66 7.25
CA ASN A 1187 -9.58 37.81 6.44
C ASN A 1187 -8.70 37.38 5.27
N CYS A 1188 -9.07 37.81 4.07
CA CYS A 1188 -8.56 37.16 2.87
C CYS A 1188 -8.19 38.19 1.81
N THR A 1189 -7.17 37.87 1.01
CA THR A 1189 -6.72 38.73 -0.06
C THR A 1189 -7.59 38.53 -1.31
N SER A 1190 -7.18 39.18 -2.39
CA SER A 1190 -7.90 39.08 -3.65
C SER A 1190 -7.73 37.72 -4.32
N ALA A 1191 -6.79 36.89 -3.86
CA ALA A 1191 -6.56 35.58 -4.46
C ALA A 1191 -7.16 34.45 -3.64
N GLN A 1192 -8.11 34.74 -2.75
CA GLN A 1192 -8.73 33.73 -1.91
C GLN A 1192 -10.25 33.88 -1.98
N PHE A 1193 -10.95 32.88 -1.44
CA PHE A 1193 -12.40 32.81 -1.50
C PHE A 1193 -12.97 32.47 -0.14
N LYS A 1194 -14.16 32.97 0.14
CA LYS A 1194 -14.81 32.76 1.43
C LYS A 1194 -15.83 31.62 1.33
N CYS A 1195 -15.72 30.65 2.23
CA CYS A 1195 -16.82 29.72 2.41
C CYS A 1195 -18.03 30.47 2.95
N ALA A 1196 -19.23 29.99 2.61
CA ALA A 1196 -20.44 30.73 2.98
C ALA A 1196 -20.56 30.90 4.49
N ASP A 1197 -20.28 29.84 5.24
CA ASP A 1197 -20.33 29.93 6.70
C ASP A 1197 -19.12 30.63 7.30
N GLY A 1198 -18.10 30.95 6.51
CA GLY A 1198 -16.90 31.56 7.04
C GLY A 1198 -15.97 30.62 7.75
N SER A 1199 -16.11 29.31 7.54
CA SER A 1199 -15.30 28.33 8.25
C SER A 1199 -13.85 28.30 7.77
N SER A 1200 -13.61 28.64 6.50
CA SER A 1200 -12.25 28.56 5.97
C SER A 1200 -12.09 29.57 4.84
N CYS A 1201 -10.84 29.85 4.51
CA CYS A 1201 -10.47 30.80 3.47
C CYS A 1201 -9.63 30.05 2.44
N ILE A 1202 -10.30 29.43 1.48
CA ILE A 1202 -9.61 28.59 0.50
C ILE A 1202 -9.01 29.47 -0.59
N ASN A 1203 -8.08 28.88 -1.34
CA ASN A 1203 -7.46 29.58 -2.45
C ASN A 1203 -8.43 29.72 -3.62
N SER A 1204 -8.34 30.84 -4.33
CA SER A 1204 -9.26 31.10 -5.44
C SER A 1204 -9.11 30.07 -6.56
N ARG A 1205 -7.97 29.38 -6.65
CA ARG A 1205 -7.78 28.37 -7.68
C ARG A 1205 -8.78 27.23 -7.52
N TYR A 1206 -9.21 26.94 -6.30
CA TYR A 1206 -10.14 25.86 -6.03
C TYR A 1206 -11.60 26.27 -6.18
N ARG A 1207 -11.87 27.51 -6.59
CA ARG A 1207 -13.23 27.93 -6.86
C ARG A 1207 -13.65 27.44 -8.24
N CYS A 1208 -14.79 26.76 -8.31
CA CYS A 1208 -15.33 26.22 -9.56
C CYS A 1208 -14.32 25.26 -10.22
N ASP A 1209 -14.06 24.18 -9.50
CA ASP A 1209 -13.14 23.15 -9.98
C ASP A 1209 -13.76 21.76 -10.10
N GLY A 1210 -14.98 21.55 -9.62
CA GLY A 1210 -15.56 20.23 -9.58
C GLY A 1210 -15.28 19.43 -8.32
N VAL A 1211 -14.55 20.01 -7.37
CA VAL A 1211 -14.23 19.35 -6.10
C VAL A 1211 -14.80 20.21 -4.97
N TYR A 1212 -15.53 19.58 -4.07
CA TYR A 1212 -16.11 20.27 -2.92
C TYR A 1212 -15.03 20.46 -1.87
N ASP A 1213 -14.55 21.69 -1.73
CA ASP A 1213 -13.51 22.01 -0.76
C ASP A 1213 -14.08 22.51 0.56
N CYS A 1214 -14.87 23.58 0.52
CA CYS A 1214 -15.50 24.08 1.73
C CYS A 1214 -16.48 23.05 2.26
N ARG A 1215 -16.62 22.99 3.59
CA ARG A 1215 -17.53 22.02 4.20
C ARG A 1215 -18.97 22.25 3.77
N ASP A 1216 -19.36 23.52 3.59
CA ASP A 1216 -20.73 23.86 3.18
C ASP A 1216 -20.89 23.91 1.68
N ASN A 1217 -19.91 23.42 0.92
CA ASN A 1217 -19.95 23.35 -0.55
C ASN A 1217 -20.13 24.70 -1.21
N SER A 1218 -19.66 25.78 -0.57
CA SER A 1218 -19.89 27.13 -1.10
C SER A 1218 -19.04 27.44 -2.33
N ASP A 1219 -18.02 26.63 -2.63
CA ASP A 1219 -17.15 26.95 -3.75
C ASP A 1219 -17.78 26.55 -5.09
N GLU A 1220 -18.28 25.32 -5.18
CA GLU A 1220 -18.84 24.83 -6.43
C GLU A 1220 -20.27 25.27 -6.68
N ALA A 1221 -20.91 25.92 -5.70
CA ALA A 1221 -22.26 26.44 -5.91
C ALA A 1221 -22.21 27.76 -6.67
N GLY A 1222 -23.09 27.90 -7.65
CA GLY A 1222 -23.12 29.10 -8.47
C GLY A 1222 -22.10 29.15 -9.59
N CYS A 1223 -21.47 28.02 -9.90
CA CYS A 1223 -20.51 28.00 -10.99
C CYS A 1223 -21.24 28.12 -12.33
N PRO A 1224 -20.57 28.64 -13.36
CA PRO A 1224 -21.21 28.78 -14.67
C PRO A 1224 -21.76 27.46 -15.17
N THR A 1225 -23.02 27.47 -15.58
CA THR A 1225 -23.71 26.28 -16.07
C THR A 1225 -23.74 26.35 -17.59
N ARG A 1226 -23.27 25.30 -18.23
CA ARG A 1226 -23.29 25.22 -19.69
C ARG A 1226 -24.74 25.22 -20.17
N PRO A 1227 -25.11 26.07 -21.12
CA PRO A 1227 -26.50 26.16 -21.56
C PRO A 1227 -27.01 24.82 -22.06
N PRO A 1228 -28.28 24.49 -21.78
CA PRO A 1228 -28.81 23.18 -22.18
C PRO A 1228 -28.67 22.92 -23.67
N GLY A 1229 -27.89 21.91 -24.03
CA GLY A 1229 -27.64 21.60 -25.42
C GLY A 1229 -26.39 22.27 -25.97
N MET A 1230 -26.33 23.60 -25.85
CA MET A 1230 -25.20 24.33 -26.39
C MET A 1230 -23.97 24.18 -25.48
N CYS A 1231 -22.87 24.77 -25.92
CA CYS A 1231 -21.61 24.75 -25.17
C CYS A 1231 -21.23 26.17 -24.77
N HIS A 1232 -20.15 26.27 -24.00
CA HIS A 1232 -19.69 27.56 -23.54
C HIS A 1232 -19.25 28.43 -24.71
N LEU A 1233 -18.93 29.69 -24.40
CA LEU A 1233 -18.56 30.65 -25.43
C LEU A 1233 -17.32 30.17 -26.21
N ASP A 1234 -16.28 29.78 -25.50
CA ASP A 1234 -15.03 29.33 -26.12
C ASP A 1234 -15.01 27.81 -26.14
N GLU A 1235 -15.92 27.21 -26.91
CA GLU A 1235 -15.95 25.76 -27.05
C GLU A 1235 -16.70 25.33 -28.30
N PHE A 1236 -16.00 24.75 -29.26
CA PHE A 1236 -16.63 24.23 -30.47
C PHE A 1236 -17.54 23.06 -30.12
N GLN A 1237 -18.59 22.84 -30.91
CA GLN A 1237 -19.54 21.76 -30.67
C GLN A 1237 -19.55 20.82 -31.87
N CYS A 1238 -19.42 19.52 -31.61
CA CYS A 1238 -19.50 18.52 -32.67
C CYS A 1238 -20.95 18.39 -33.12
N GLN A 1239 -21.20 18.65 -34.40
CA GLN A 1239 -22.56 18.61 -34.91
C GLN A 1239 -23.11 17.18 -34.94
N GLY A 1240 -22.23 16.19 -35.10
CA GLY A 1240 -22.69 14.81 -35.20
C GLY A 1240 -22.88 14.12 -33.87
N ASP A 1241 -22.35 14.68 -32.79
CA ASP A 1241 -22.39 14.01 -31.50
C ASP A 1241 -22.99 14.92 -30.44
N GLY A 1242 -22.67 16.22 -30.52
CA GLY A 1242 -23.17 17.18 -29.55
C GLY A 1242 -22.23 17.50 -28.41
N THR A 1243 -21.07 16.86 -28.33
CA THR A 1243 -20.12 17.18 -27.28
C THR A 1243 -19.35 18.46 -27.63
N CYS A 1244 -18.60 18.96 -26.64
CA CYS A 1244 -17.93 20.24 -26.76
C CYS A 1244 -16.42 20.07 -26.69
N ILE A 1245 -15.72 20.76 -27.60
CA ILE A 1245 -14.25 20.79 -27.60
C ILE A 1245 -13.79 22.24 -27.70
N PRO A 1246 -12.61 22.53 -27.16
CA PRO A 1246 -12.12 23.91 -27.17
C PRO A 1246 -11.96 24.44 -28.59
N ASN A 1247 -12.16 25.76 -28.73
CA ASN A 1247 -12.09 26.38 -30.05
C ASN A 1247 -10.68 26.29 -30.63
N THR A 1248 -9.68 26.13 -29.77
CA THR A 1248 -8.32 25.94 -30.24
C THR A 1248 -8.17 24.68 -31.07
N TRP A 1249 -9.03 23.69 -30.84
CA TRP A 1249 -9.03 22.47 -31.62
C TRP A 1249 -9.77 22.60 -32.94
N GLU A 1250 -10.45 23.73 -33.18
CA GLU A 1250 -11.21 23.90 -34.41
C GLU A 1250 -10.29 24.32 -35.53
N CYS A 1251 -10.35 23.59 -36.65
CA CYS A 1251 -9.53 23.86 -37.83
C CYS A 1251 -8.04 23.83 -37.48
N ASP A 1252 -7.61 22.73 -36.86
CA ASP A 1252 -6.22 22.53 -36.50
C ASP A 1252 -5.52 21.48 -37.35
N GLY A 1253 -6.24 20.79 -38.23
CA GLY A 1253 -5.67 19.74 -39.04
C GLY A 1253 -5.97 18.34 -38.54
N HIS A 1254 -6.47 18.19 -37.33
CA HIS A 1254 -6.79 16.90 -36.76
C HIS A 1254 -8.29 16.83 -36.46
N PRO A 1255 -9.03 15.92 -37.08
CA PRO A 1255 -10.45 15.79 -36.77
C PRO A 1255 -10.69 15.20 -35.39
N ASP A 1256 -11.11 16.03 -34.43
CA ASP A 1256 -11.39 15.55 -33.09
C ASP A 1256 -12.83 15.08 -32.95
N CYS A 1257 -13.76 15.68 -33.69
CA CYS A 1257 -15.15 15.26 -33.65
C CYS A 1257 -15.30 13.88 -34.27
N ILE A 1258 -16.34 13.16 -33.83
CA ILE A 1258 -16.48 11.76 -34.22
C ILE A 1258 -16.72 11.61 -35.72
N HIS A 1259 -17.33 12.62 -36.35
CA HIS A 1259 -17.55 12.60 -37.79
C HIS A 1259 -16.68 13.60 -38.53
N GLY A 1260 -15.64 14.11 -37.88
CA GLY A 1260 -14.80 15.13 -38.50
C GLY A 1260 -15.48 16.44 -38.77
N SER A 1261 -16.38 16.87 -37.88
CA SER A 1261 -17.10 18.11 -38.11
C SER A 1261 -16.25 19.34 -37.77
N ASP A 1262 -15.20 19.16 -36.98
CA ASP A 1262 -14.37 20.29 -36.58
C ASP A 1262 -13.34 20.66 -37.63
N GLU A 1263 -13.20 19.88 -38.69
CA GLU A 1263 -12.28 20.21 -39.78
C GLU A 1263 -13.06 20.43 -41.07
N HIS A 1264 -14.14 21.19 -40.99
CA HIS A 1264 -15.00 21.44 -42.14
C HIS A 1264 -14.24 22.17 -43.25
N THR A 1265 -14.88 22.24 -44.41
CA THR A 1265 -14.27 22.86 -45.58
C THR A 1265 -14.12 24.38 -45.45
N GLY A 1266 -14.75 24.98 -44.45
CA GLY A 1266 -14.58 26.41 -44.23
C GLY A 1266 -13.31 26.78 -43.51
N CYS A 1267 -12.51 25.80 -43.11
CA CYS A 1267 -11.27 26.08 -42.41
C CYS A 1267 -10.25 26.71 -43.35
N VAL A 1268 -9.55 27.74 -42.85
CA VAL A 1268 -8.52 28.40 -43.66
C VAL A 1268 -7.34 27.45 -43.84
N PRO A 1269 -6.84 27.23 -45.06
CA PRO A 1269 -5.69 26.34 -45.24
C PRO A 1269 -4.44 26.93 -44.62
N LYS A 1270 -3.54 26.06 -44.18
CA LYS A 1270 -2.30 26.49 -43.54
C LYS A 1270 -1.19 26.63 -44.57
N THR A 1271 -0.39 27.70 -44.44
CA THR A 1271 0.73 27.96 -45.33
C THR A 1271 2.03 27.82 -44.55
N CYS A 1272 3.10 27.53 -45.29
CA CYS A 1272 4.43 27.40 -44.72
C CYS A 1272 5.42 28.20 -45.56
N SER A 1273 6.46 28.70 -44.90
CA SER A 1273 7.47 29.48 -45.58
C SER A 1273 8.37 28.59 -46.45
N PRO A 1274 8.94 29.14 -47.52
CA PRO A 1274 9.83 28.33 -48.37
C PRO A 1274 11.05 27.80 -47.64
N THR A 1275 11.48 28.47 -46.56
CA THR A 1275 12.66 28.02 -45.82
C THR A 1275 12.34 26.93 -44.82
N HIS A 1276 11.07 26.58 -44.64
CA HIS A 1276 10.66 25.57 -43.68
C HIS A 1276 10.02 24.39 -44.40
N PHE A 1277 9.85 23.30 -43.65
CA PHE A 1277 9.19 22.10 -44.13
C PHE A 1277 7.83 21.98 -43.48
N LEU A 1278 6.78 21.84 -44.30
CA LEU A 1278 5.42 21.68 -43.83
C LEU A 1278 5.21 20.22 -43.47
N CYS A 1279 5.15 19.93 -42.16
CA CYS A 1279 4.99 18.56 -41.70
C CYS A 1279 3.56 18.08 -41.93
N ASP A 1280 3.39 16.76 -41.90
CA ASP A 1280 2.07 16.18 -42.19
C ASP A 1280 1.00 16.58 -41.19
N ASN A 1281 1.39 17.05 -40.01
CA ASN A 1281 0.43 17.57 -39.03
C ASN A 1281 0.28 19.08 -39.09
N GLY A 1282 0.95 19.74 -40.03
CA GLY A 1282 0.82 21.18 -40.21
C GLY A 1282 1.94 22.01 -39.62
N ASN A 1283 2.91 21.40 -38.96
CA ASN A 1283 4.01 22.16 -38.37
C ASN A 1283 4.98 22.62 -39.44
N CYS A 1284 5.67 23.72 -39.15
CA CYS A 1284 6.73 24.23 -40.02
C CYS A 1284 8.07 24.05 -39.32
N ILE A 1285 8.98 23.32 -39.95
CA ILE A 1285 10.26 22.96 -39.38
C ILE A 1285 11.36 23.27 -40.39
N TYR A 1286 12.53 23.64 -39.87
CA TYR A 1286 13.68 23.94 -40.73
C TYR A 1286 14.01 22.77 -41.64
N LYS A 1287 14.18 23.07 -42.93
CA LYS A 1287 14.53 22.03 -43.89
C LYS A 1287 15.94 21.48 -43.66
N ALA A 1288 16.76 22.19 -42.88
CA ALA A 1288 18.04 21.61 -42.49
C ALA A 1288 17.85 20.41 -41.56
N TRP A 1289 16.78 20.42 -40.77
CA TRP A 1289 16.58 19.43 -39.72
C TRP A 1289 15.96 18.12 -40.19
N ILE A 1290 15.66 17.97 -41.48
CA ILE A 1290 15.14 16.70 -41.95
C ILE A 1290 16.25 15.65 -41.88
N CYS A 1291 15.93 14.49 -41.30
CA CYS A 1291 16.89 13.41 -41.10
C CYS A 1291 18.08 13.84 -40.25
N ASP A 1292 17.85 14.73 -39.29
CA ASP A 1292 18.92 15.19 -38.41
C ASP A 1292 19.11 14.29 -37.20
N GLY A 1293 18.13 13.45 -36.87
CA GLY A 1293 18.28 12.52 -35.77
C GLY A 1293 17.09 12.43 -34.83
N ASP A 1294 16.09 13.29 -35.02
CA ASP A 1294 14.92 13.29 -34.16
C ASP A 1294 13.73 13.83 -34.93
N ASN A 1295 12.54 13.32 -34.60
CA ASN A 1295 11.32 13.78 -35.23
C ASN A 1295 10.91 15.12 -34.67
N ASP A 1296 11.44 16.20 -35.24
CA ASP A 1296 11.12 17.55 -34.78
C ASP A 1296 9.66 17.90 -35.03
N CYS A 1297 9.04 17.34 -36.07
CA CYS A 1297 7.63 17.57 -36.34
C CYS A 1297 6.73 16.95 -35.30
N ARG A 1298 7.26 16.05 -34.46
CA ARG A 1298 6.51 15.21 -33.54
C ARG A 1298 5.74 14.15 -34.31
N ASP A 1299 5.76 14.26 -35.63
CA ASP A 1299 5.33 13.17 -36.49
C ASP A 1299 6.54 12.63 -37.24
N MET A 1300 6.39 11.41 -37.78
CA MET A 1300 7.53 10.78 -38.43
C MET A 1300 7.93 11.46 -39.73
N SER A 1301 7.24 12.53 -40.12
CA SER A 1301 7.39 13.11 -41.46
C SER A 1301 8.84 13.47 -41.74
N ASP A 1302 9.48 14.21 -40.84
CA ASP A 1302 10.83 14.70 -41.10
C ASP A 1302 11.88 13.61 -41.06
N GLU A 1303 11.58 12.47 -40.42
CA GLU A 1303 12.53 11.36 -40.37
C GLU A 1303 12.10 10.14 -41.17
N LYS A 1304 10.86 10.10 -41.64
CA LYS A 1304 10.40 8.95 -42.43
C LYS A 1304 11.13 8.90 -43.77
N ASP A 1305 11.15 10.02 -44.48
CA ASP A 1305 11.71 10.06 -45.84
C ASP A 1305 13.19 10.46 -45.74
N CYS A 1306 14.03 9.44 -45.57
CA CYS A 1306 15.48 9.63 -45.49
C CYS A 1306 16.22 8.66 -46.41
N PRO A 1307 16.13 8.86 -47.73
CA PRO A 1307 17.10 8.20 -48.62
C PRO A 1307 18.41 8.97 -48.72
N THR A 1308 18.58 10.01 -47.90
CA THR A 1308 19.72 10.91 -48.05
C THR A 1308 21.02 10.27 -47.59
N GLN A 1309 20.94 9.28 -46.70
CA GLN A 1309 22.16 8.70 -46.12
C GLN A 1309 22.99 8.00 -47.18
N PRO A 1310 24.21 8.43 -47.45
CA PRO A 1310 25.07 7.76 -48.42
C PRO A 1310 25.92 6.70 -47.73
N PHE A 1311 26.78 6.07 -48.51
CA PHE A 1311 27.78 5.18 -47.94
C PHE A 1311 28.92 5.99 -47.33
N HIS A 1312 29.29 5.62 -46.11
CA HIS A 1312 30.33 6.36 -45.38
C HIS A 1312 31.14 5.41 -44.49
N ASP A 2696 -2.29 -20.62 -70.55
CA ASP A 2696 -2.70 -19.22 -70.46
C ASP A 2696 -4.07 -19.01 -71.12
N THR A 2697 -5.04 -18.59 -70.32
CA THR A 2697 -6.39 -18.33 -70.82
C THR A 2697 -6.85 -16.91 -70.51
N GLY A 2698 -5.93 -16.02 -70.12
CA GLY A 2698 -6.28 -14.65 -69.86
C GLY A 2698 -6.61 -14.35 -68.41
N THR A 2699 -7.37 -15.23 -67.78
CA THR A 2699 -7.76 -15.01 -66.39
C THR A 2699 -6.55 -15.14 -65.46
N ARG A 2700 -6.62 -14.45 -64.34
CA ARG A 2700 -5.53 -14.42 -63.37
C ARG A 2700 -6.08 -14.60 -61.97
N CYS A 2701 -5.21 -15.04 -61.06
CA CYS A 2701 -5.60 -15.31 -59.69
C CYS A 2701 -5.75 -14.00 -58.91
N ASN A 2702 -6.11 -14.14 -57.63
CA ASN A 2702 -6.20 -12.99 -56.74
C ASN A 2702 -4.84 -12.65 -56.15
N GLN A 2703 -4.84 -11.64 -55.28
CA GLN A 2703 -3.57 -11.15 -54.72
C GLN A 2703 -2.93 -12.17 -53.78
N LEU A 2704 -3.74 -12.84 -52.97
CA LEU A 2704 -3.24 -13.75 -51.95
C LEU A 2704 -3.19 -15.20 -52.40
N GLN A 2705 -3.48 -15.49 -53.66
CA GLN A 2705 -3.50 -16.86 -54.15
C GLN A 2705 -2.24 -17.17 -54.95
N PHE A 2706 -1.71 -18.36 -54.73
CA PHE A 2706 -0.61 -18.86 -55.56
C PHE A 2706 -1.14 -19.32 -56.91
N THR A 2707 -0.30 -19.21 -57.92
CA THR A 2707 -0.65 -19.59 -59.29
C THR A 2707 0.11 -20.86 -59.66
N CYS A 2708 -0.63 -21.88 -60.06
CA CYS A 2708 -0.01 -23.12 -60.50
C CYS A 2708 0.26 -23.06 -62.01
N LEU A 2709 1.03 -24.05 -62.48
CA LEU A 2709 1.29 -24.14 -63.92
C LEU A 2709 -0.01 -24.40 -64.70
N ASN A 2710 -0.91 -25.19 -64.12
CA ASN A 2710 -2.18 -25.52 -64.76
C ASN A 2710 -3.35 -24.73 -64.22
N GLY A 2711 -3.11 -23.57 -63.61
CA GLY A 2711 -4.19 -22.79 -63.03
C GLY A 2711 -4.73 -23.40 -61.75
N HIS A 2712 -6.05 -23.27 -61.53
CA HIS A 2712 -6.67 -23.69 -60.28
C HIS A 2712 -5.95 -23.11 -59.07
N CYS A 2713 -6.05 -21.78 -58.90
CA CYS A 2713 -5.30 -21.07 -57.88
C CYS A 2713 -5.55 -21.66 -56.49
N ILE A 2714 -4.52 -21.61 -55.66
CA ILE A 2714 -4.56 -22.13 -54.30
C ILE A 2714 -4.07 -21.05 -53.34
N ASN A 2715 -4.67 -21.01 -52.15
CA ASN A 2715 -4.35 -19.96 -51.18
C ASN A 2715 -2.94 -20.13 -50.64
N GLN A 2716 -2.26 -19.01 -50.42
CA GLN A 2716 -0.83 -19.02 -50.16
C GLN A 2716 -0.45 -19.80 -48.90
N ASP A 2717 -1.38 -19.98 -47.97
CA ASP A 2717 -1.07 -20.80 -46.79
C ASP A 2717 -0.97 -22.28 -47.11
N TRP A 2718 -1.44 -22.71 -48.28
CA TRP A 2718 -1.27 -24.08 -48.75
C TRP A 2718 0.06 -24.30 -49.46
N LYS A 2719 0.86 -23.24 -49.62
CA LYS A 2719 2.10 -23.34 -50.38
C LYS A 2719 3.19 -24.04 -49.57
N CYS A 2720 3.74 -25.11 -50.16
CA CYS A 2720 4.87 -25.85 -49.58
C CYS A 2720 4.53 -26.39 -48.18
N ASP A 2721 3.56 -27.31 -48.15
CA ASP A 2721 3.18 -27.93 -46.88
C ASP A 2721 2.88 -29.43 -47.04
N ASN A 2722 3.55 -30.09 -47.99
CA ASN A 2722 3.44 -31.53 -48.21
C ASN A 2722 2.07 -31.96 -48.73
N ASP A 2723 1.19 -31.01 -49.00
CA ASP A 2723 -0.08 -31.34 -49.65
C ASP A 2723 -0.06 -30.87 -51.09
N ASN A 2724 -0.25 -31.80 -52.02
CA ASN A 2724 -0.37 -31.43 -53.43
C ASN A 2724 -1.76 -30.84 -53.62
N ASP A 2725 -1.80 -29.58 -54.06
CA ASP A 2725 -3.05 -28.87 -54.25
C ASP A 2725 -3.23 -28.39 -55.67
N CYS A 2726 -2.14 -28.25 -56.42
CA CYS A 2726 -2.22 -27.85 -57.82
C CYS A 2726 -2.40 -29.02 -58.76
N GLY A 2727 -2.23 -30.24 -58.26
CA GLY A 2727 -2.26 -31.42 -59.13
C GLY A 2727 -0.92 -31.75 -59.76
N ASP A 2728 -0.25 -30.74 -60.31
CA ASP A 2728 1.08 -30.93 -60.91
C ASP A 2728 2.21 -30.76 -59.90
N GLY A 2729 1.91 -30.38 -58.67
CA GLY A 2729 2.94 -30.15 -57.67
C GLY A 2729 3.58 -28.79 -57.72
N SER A 2730 2.98 -27.81 -58.42
CA SER A 2730 3.56 -26.48 -58.48
C SER A 2730 3.63 -25.84 -57.11
N ASP A 2731 2.61 -26.02 -56.28
CA ASP A 2731 2.64 -25.49 -54.92
C ASP A 2731 3.62 -26.24 -54.03
N GLU A 2732 4.16 -27.37 -54.49
CA GLU A 2732 5.18 -28.10 -53.74
C GLU A 2732 6.39 -28.49 -54.56
N LEU A 2733 6.64 -27.84 -55.71
CA LEU A 2733 7.80 -28.18 -56.51
C LEU A 2733 9.07 -27.80 -55.75
N PRO A 2734 10.14 -28.58 -55.85
CA PRO A 2734 11.38 -28.21 -55.15
C PRO A 2734 11.93 -26.85 -55.55
N THR A 2735 11.74 -26.43 -56.81
CA THR A 2735 12.16 -25.10 -57.22
C THR A 2735 11.35 -24.01 -56.53
N VAL A 2736 10.04 -24.22 -56.37
CA VAL A 2736 9.20 -23.21 -55.73
C VAL A 2736 9.53 -23.10 -54.24
N CYS A 2737 9.69 -24.24 -53.58
CA CYS A 2737 9.96 -24.27 -52.14
C CYS A 2737 11.44 -24.06 -51.82
N ALA A 2738 12.27 -23.77 -52.83
CA ALA A 2738 13.69 -23.53 -52.56
C ALA A 2738 13.90 -22.18 -51.88
N PHE A 2739 13.23 -21.15 -52.37
CA PHE A 2739 13.42 -19.81 -51.81
C PHE A 2739 12.34 -19.46 -50.82
N HIS A 2740 11.19 -20.12 -50.89
CA HIS A 2740 10.06 -19.79 -50.02
C HIS A 2740 10.43 -19.98 -48.56
N THR A 2741 10.04 -19.02 -47.73
CA THR A 2741 10.26 -19.08 -46.30
C THR A 2741 8.91 -19.10 -45.60
N CYS A 2742 8.88 -19.78 -44.45
CA CYS A 2742 7.65 -19.92 -43.70
C CYS A 2742 7.19 -18.58 -43.13
N ARG A 2743 5.87 -18.41 -43.07
CA ARG A 2743 5.30 -17.28 -42.37
C ARG A 2743 5.67 -17.35 -40.89
N SER A 2744 5.74 -16.18 -40.26
CA SER A 2744 6.24 -16.11 -38.89
C SER A 2744 5.39 -16.90 -37.91
N THR A 2745 4.14 -17.20 -38.25
CA THR A 2745 3.23 -17.91 -37.37
C THR A 2745 3.19 -19.42 -37.61
N ALA A 2746 4.00 -19.93 -38.53
CA ALA A 2746 3.96 -21.33 -38.91
C ALA A 2746 5.26 -22.03 -38.53
N PHE A 2747 5.13 -23.27 -38.08
CA PHE A 2747 6.30 -24.07 -37.69
C PHE A 2747 7.09 -24.47 -38.92
N THR A 2748 8.40 -24.29 -38.87
CA THR A 2748 9.27 -24.68 -39.98
C THR A 2748 9.88 -26.03 -39.68
N CYS A 2749 9.65 -27.00 -40.56
CA CYS A 2749 10.27 -28.31 -40.42
C CYS A 2749 11.74 -28.25 -40.81
N GLY A 2750 12.48 -29.27 -40.39
CA GLY A 2750 13.86 -29.41 -40.86
C GLY A 2750 13.96 -29.67 -42.35
N ASN A 2751 12.88 -30.16 -42.96
CA ASN A 2751 12.81 -30.34 -44.41
C ASN A 2751 12.67 -29.01 -45.14
N GLY A 2752 12.05 -28.01 -44.53
CA GLY A 2752 11.82 -26.73 -45.18
C GLY A 2752 10.38 -26.41 -45.45
N ARG A 2753 9.44 -27.31 -45.13
CA ARG A 2753 8.03 -27.04 -45.31
C ARG A 2753 7.51 -26.16 -44.17
N CYS A 2754 6.28 -25.69 -44.33
CA CYS A 2754 5.67 -24.74 -43.41
C CYS A 2754 4.29 -25.26 -43.00
N VAL A 2755 4.26 -26.09 -41.97
CA VAL A 2755 3.00 -26.64 -41.45
C VAL A 2755 2.39 -25.62 -40.49
N PRO A 2756 1.07 -25.61 -40.33
CA PRO A 2756 0.47 -24.77 -39.29
C PRO A 2756 0.92 -25.23 -37.91
N TYR A 2757 1.01 -24.29 -36.98
CA TYR A 2757 1.63 -24.59 -35.70
C TYR A 2757 0.78 -25.57 -34.88
N HIS A 2758 -0.53 -25.57 -35.07
CA HIS A 2758 -1.38 -26.46 -34.28
C HIS A 2758 -1.14 -27.93 -34.63
N TYR A 2759 -0.45 -28.20 -35.73
CA TYR A 2759 -0.08 -29.57 -36.08
C TYR A 2759 1.09 -30.09 -35.26
N ARG A 2760 1.74 -29.23 -34.48
CA ARG A 2760 2.96 -29.61 -33.77
C ARG A 2760 2.61 -30.43 -32.54
N CYS A 2761 3.28 -31.58 -32.39
CA CYS A 2761 3.04 -32.52 -31.29
C CYS A 2761 1.57 -32.94 -31.21
N ASP A 2762 1.09 -33.58 -32.28
CA ASP A 2762 -0.27 -34.12 -32.32
C ASP A 2762 -0.29 -35.59 -32.74
N TYR A 2763 0.78 -36.32 -32.43
CA TYR A 2763 0.92 -37.75 -32.65
C TYR A 2763 1.00 -38.12 -34.14
N TYR A 2764 0.86 -37.15 -35.03
CA TYR A 2764 0.69 -37.43 -36.45
C TYR A 2764 1.85 -36.84 -37.24
N ASN A 2765 2.46 -37.65 -38.09
CA ASN A 2765 3.59 -37.23 -38.92
C ASN A 2765 3.05 -36.53 -40.17
N ASP A 2766 2.45 -35.35 -39.94
CA ASP A 2766 1.96 -34.54 -41.04
C ASP A 2766 3.07 -33.78 -41.75
N CYS A 2767 4.23 -33.63 -41.11
CA CYS A 2767 5.36 -32.95 -41.74
C CYS A 2767 6.09 -33.84 -42.74
N GLY A 2768 6.00 -35.15 -42.58
CA GLY A 2768 6.74 -36.09 -43.42
C GLY A 2768 8.09 -36.51 -42.87
N ASP A 2769 8.86 -35.56 -42.38
CA ASP A 2769 10.17 -35.83 -41.79
C ASP A 2769 10.09 -36.11 -40.29
N ASN A 2770 8.89 -36.08 -39.71
CA ASN A 2770 8.69 -36.24 -38.28
C ASN A 2770 9.43 -35.15 -37.51
N SER A 2771 9.73 -34.04 -38.17
CA SER A 2771 10.42 -32.95 -37.51
C SER A 2771 9.51 -32.22 -36.51
N ASP A 2772 8.20 -32.30 -36.70
CA ASP A 2772 7.28 -31.62 -35.79
C ASP A 2772 6.79 -32.51 -34.66
N GLU A 2773 7.04 -33.82 -34.71
CA GLU A 2773 6.96 -34.67 -33.51
C GLU A 2773 8.32 -34.93 -32.88
N ALA A 2774 9.40 -34.41 -33.44
CA ALA A 2774 10.71 -34.61 -32.85
C ALA A 2774 10.87 -33.74 -31.61
N GLY A 2775 11.24 -34.38 -30.50
CA GLY A 2775 11.42 -33.68 -29.24
C GLY A 2775 10.17 -33.49 -28.42
N CYS A 2776 9.01 -33.90 -28.91
CA CYS A 2776 7.78 -33.76 -28.14
C CYS A 2776 7.79 -34.70 -26.94
N LEU A 2777 7.44 -34.17 -25.78
CA LEU A 2777 7.27 -35.01 -24.60
C LEU A 2777 5.79 -35.33 -24.41
N PHE A 2778 5.49 -36.61 -24.33
CA PHE A 2778 4.12 -37.08 -24.23
C PHE A 2778 3.88 -37.67 -22.85
N ARG A 2779 2.73 -37.34 -22.28
CA ARG A 2779 2.33 -37.94 -21.00
C ARG A 2779 2.19 -39.45 -21.17
N ASN A 2780 2.73 -40.19 -20.22
CA ASN A 2780 2.69 -41.66 -20.30
C ASN A 2780 1.29 -42.15 -19.95
N CYS A 2781 0.66 -42.82 -20.90
CA CYS A 2781 -0.67 -43.38 -20.67
C CYS A 2781 -0.59 -44.48 -19.62
N ASN A 2782 -1.67 -44.64 -18.86
CA ASN A 2782 -1.72 -45.71 -17.88
C ASN A 2782 -1.89 -47.04 -18.60
N SER A 2783 -0.77 -47.72 -18.88
CA SER A 2783 -0.80 -48.97 -19.62
C SER A 2783 -1.54 -50.08 -18.89
N THR A 2784 -1.73 -49.96 -17.58
CA THR A 2784 -2.54 -50.93 -16.85
C THR A 2784 -4.00 -50.89 -17.26
N THR A 2785 -4.48 -49.77 -17.80
CA THR A 2785 -5.84 -49.69 -18.31
C THR A 2785 -5.96 -49.07 -19.70
N GLU A 2786 -5.00 -48.27 -20.15
CA GLU A 2786 -4.99 -47.70 -21.49
C GLU A 2786 -3.97 -48.44 -22.35
N PHE A 2787 -3.96 -48.07 -23.64
CA PHE A 2787 -2.99 -48.60 -24.60
C PHE A 2787 -2.14 -47.44 -25.12
N THR A 2788 -0.82 -47.58 -25.02
CA THR A 2788 0.10 -46.58 -25.55
C THR A 2788 0.48 -47.00 -26.98
N CYS A 2789 -0.06 -46.27 -27.95
CA CYS A 2789 0.16 -46.62 -29.35
C CYS A 2789 1.60 -46.32 -29.76
N SER A 2790 1.98 -46.84 -30.93
CA SER A 2790 3.34 -46.67 -31.42
C SER A 2790 3.68 -45.21 -31.71
N ASN A 2791 2.68 -44.38 -31.99
CA ASN A 2791 2.91 -42.96 -32.26
C ASN A 2791 2.86 -42.11 -31.00
N GLY A 2792 2.58 -42.69 -29.84
CA GLY A 2792 2.48 -41.96 -28.60
C GLY A 2792 1.07 -41.64 -28.16
N ARG A 2793 0.07 -41.92 -28.98
CA ARG A 2793 -1.31 -41.61 -28.62
C ARG A 2793 -1.75 -42.46 -27.44
N CYS A 2794 -2.51 -41.83 -26.54
CA CYS A 2794 -3.10 -42.51 -25.39
C CYS A 2794 -4.54 -42.87 -25.69
N ILE A 2795 -4.83 -44.18 -25.69
CA ILE A 2795 -6.17 -44.68 -25.97
C ILE A 2795 -6.50 -45.75 -24.95
N PRO A 2796 -7.74 -45.86 -24.48
CA PRO A 2796 -8.10 -46.94 -23.56
C PRO A 2796 -7.89 -48.31 -24.17
N LEU A 2797 -7.50 -49.27 -23.33
CA LEU A 2797 -7.34 -50.64 -23.79
C LEU A 2797 -8.66 -51.21 -24.30
N SER A 2798 -9.78 -50.73 -23.77
CA SER A 2798 -11.08 -51.18 -24.26
C SER A 2798 -11.29 -50.82 -25.72
N TYR A 2799 -10.60 -49.79 -26.20
CA TYR A 2799 -10.74 -49.37 -27.59
C TYR A 2799 -9.81 -50.13 -28.54
N VAL A 2800 -8.99 -51.04 -28.02
CA VAL A 2800 -8.14 -51.85 -28.87
C VAL A 2800 -9.01 -52.79 -29.70
N CYS A 2801 -8.85 -52.72 -31.02
CA CYS A 2801 -9.64 -53.49 -31.98
C CYS A 2801 -11.13 -53.49 -31.64
N ASN A 2802 -11.65 -52.31 -31.30
CA ASN A 2802 -13.05 -52.14 -30.94
C ASN A 2802 -13.97 -52.10 -32.16
N GLY A 2803 -13.42 -51.96 -33.36
CA GLY A 2803 -14.24 -51.88 -34.56
C GLY A 2803 -13.73 -50.88 -35.57
N ILE A 2804 -12.99 -49.87 -35.09
CA ILE A 2804 -12.39 -48.86 -35.95
C ILE A 2804 -11.13 -48.33 -35.28
N ASN A 2805 -10.15 -47.94 -36.11
CA ASN A 2805 -8.87 -47.49 -35.59
C ASN A 2805 -9.00 -46.17 -34.86
N ASN A 2806 -8.35 -46.06 -33.72
CA ASN A 2806 -8.26 -44.83 -32.95
C ASN A 2806 -6.84 -44.30 -32.81
N CYS A 2807 -5.86 -45.20 -32.67
CA CYS A 2807 -4.46 -44.77 -32.60
C CYS A 2807 -4.03 -44.08 -33.88
N HIS A 2808 -4.41 -44.65 -35.03
CA HIS A 2808 -4.00 -44.14 -36.35
C HIS A 2808 -2.49 -44.09 -36.50
N ASP A 2809 -1.77 -44.89 -35.71
CA ASP A 2809 -0.32 -44.82 -35.68
C ASP A 2809 0.27 -45.42 -36.95
N ASN A 2810 1.59 -45.31 -37.07
CA ASN A 2810 2.30 -45.98 -38.15
C ASN A 2810 2.14 -47.49 -38.06
N ASP A 2811 2.10 -48.03 -36.84
CA ASP A 2811 1.91 -49.46 -36.63
C ASP A 2811 0.53 -49.93 -37.06
N THR A 2812 -0.51 -49.12 -36.81
CA THR A 2812 -1.90 -49.50 -37.08
C THR A 2812 -2.28 -50.78 -36.34
N SER A 2813 -1.67 -51.00 -35.17
CA SER A 2813 -1.94 -52.18 -34.36
C SER A 2813 -3.14 -52.03 -33.46
N ASP A 2814 -3.80 -50.86 -33.47
CA ASP A 2814 -4.97 -50.64 -32.62
C ASP A 2814 -6.14 -51.49 -33.11
N GLU A 2815 -6.54 -51.29 -34.36
CA GLU A 2815 -7.73 -51.97 -34.90
C GLU A 2815 -7.31 -53.21 -35.68
N LYS A 2816 -7.15 -54.31 -34.95
CA LYS A 2816 -6.94 -55.61 -35.56
C LYS A 2816 -8.22 -56.42 -35.69
N ASN A 2817 -9.34 -55.91 -35.16
CA ASN A 2817 -10.61 -56.63 -35.13
C ASN A 2817 -10.42 -58.04 -34.57
N CYS A 2818 -10.02 -58.08 -33.29
CA CYS A 2818 -9.55 -59.33 -32.69
C CYS A 2818 -10.60 -60.43 -32.64
N PRO A 2819 -11.82 -60.22 -32.15
CA PRO A 2819 -12.74 -61.36 -31.95
C PRO A 2819 -13.11 -62.05 -33.25
N PRO A 2820 -13.67 -61.35 -34.25
CA PRO A 2820 -14.16 -62.07 -35.42
C PRO A 2820 -13.03 -62.42 -36.39
N HIS A 2821 -13.17 -63.57 -37.05
CA HIS A 2821 -12.21 -64.01 -38.05
C HIS A 2821 -12.62 -63.63 -39.47
N THR A 2822 -13.83 -63.11 -39.67
CA THR A 2822 -14.31 -62.74 -40.99
C THR A 2822 -15.51 -61.82 -40.83
N CYS A 2823 -15.90 -61.17 -41.93
CA CYS A 2823 -17.06 -60.30 -41.95
C CYS A 2823 -17.94 -60.63 -43.15
N PRO A 2824 -19.26 -60.51 -43.01
CA PRO A 2824 -20.17 -60.82 -44.12
C PRO A 2824 -20.05 -59.79 -45.23
N PRO A 2825 -20.72 -60.02 -46.38
CA PRO A 2825 -20.66 -59.03 -47.48
C PRO A 2825 -21.34 -57.72 -47.14
N ASP A 2826 -21.45 -56.83 -48.15
CA ASP A 2826 -21.89 -55.45 -47.99
C ASP A 2826 -20.84 -54.68 -47.17
N PHE A 2827 -20.70 -55.02 -45.89
CA PHE A 2827 -19.57 -54.55 -45.10
C PHE A 2827 -18.36 -55.45 -45.36
N THR A 2828 -17.74 -55.24 -46.52
CA THR A 2828 -16.73 -56.13 -47.06
C THR A 2828 -15.49 -56.21 -46.17
N LYS A 2829 -14.79 -57.34 -46.25
CA LYS A 2829 -13.60 -57.56 -45.44
C LYS A 2829 -12.44 -56.72 -45.95
N CYS A 2830 -11.65 -56.18 -45.02
CA CYS A 2830 -10.43 -55.51 -45.42
C CYS A 2830 -9.27 -56.51 -45.40
N GLN A 2831 -8.09 -56.06 -45.83
CA GLN A 2831 -7.04 -56.99 -46.30
C GLN A 2831 -6.27 -57.64 -45.15
N THR A 2832 -5.49 -56.85 -44.40
CA THR A 2832 -4.68 -57.44 -43.34
C THR A 2832 -5.37 -57.38 -41.98
N THR A 2833 -6.41 -56.57 -41.86
CA THR A 2833 -7.30 -56.61 -40.70
C THR A 2833 -8.71 -56.78 -41.22
N ASN A 2834 -9.56 -57.43 -40.42
CA ASN A 2834 -10.90 -57.79 -40.86
C ASN A 2834 -11.94 -56.72 -40.52
N ILE A 2835 -11.52 -55.45 -40.48
CA ILE A 2835 -12.48 -54.35 -40.41
C ILE A 2835 -13.43 -54.45 -41.60
N CYS A 2836 -14.68 -54.05 -41.40
CA CYS A 2836 -15.76 -54.28 -42.35
C CYS A 2836 -16.11 -53.04 -43.16
N VAL A 2837 -15.11 -52.26 -43.57
CA VAL A 2837 -15.33 -51.09 -44.42
C VAL A 2837 -15.89 -51.54 -45.76
N PRO A 2838 -17.01 -50.98 -46.20
CA PRO A 2838 -17.58 -51.38 -47.50
C PRO A 2838 -16.69 -50.96 -48.66
N ARG A 2839 -16.89 -51.60 -49.81
CA ARG A 2839 -16.12 -51.27 -51.00
C ARG A 2839 -16.50 -49.91 -51.56
N ALA A 2840 -17.58 -49.30 -51.06
CA ALA A 2840 -18.03 -48.01 -51.57
C ALA A 2840 -17.05 -46.90 -51.19
N PHE A 2841 -16.16 -47.17 -50.24
CA PHE A 2841 -15.14 -46.21 -49.83
C PHE A 2841 -13.78 -46.52 -50.44
N LEU A 2842 -13.75 -47.04 -51.66
CA LEU A 2842 -12.53 -47.53 -52.26
C LEU A 2842 -11.83 -46.42 -53.05
N CYS A 2843 -10.53 -46.27 -52.82
CA CYS A 2843 -9.72 -45.22 -53.46
C CYS A 2843 -10.33 -43.84 -53.23
N ASP A 2844 -10.73 -43.55 -52.00
CA ASP A 2844 -11.38 -42.29 -51.66
C ASP A 2844 -10.43 -41.28 -51.04
N GLY A 2845 -9.12 -41.51 -51.09
CA GLY A 2845 -8.15 -40.56 -50.59
C GLY A 2845 -7.73 -40.77 -49.15
N ASP A 2846 -8.42 -41.63 -48.40
CA ASP A 2846 -8.04 -41.94 -47.03
C ASP A 2846 -8.20 -43.43 -46.81
N ASN A 2847 -7.40 -43.97 -45.89
CA ASN A 2847 -7.42 -45.40 -45.64
C ASN A 2847 -8.51 -45.71 -44.61
N ASP A 2848 -9.72 -45.97 -45.11
CA ASP A 2848 -10.84 -46.27 -44.21
C ASP A 2848 -10.55 -47.53 -43.41
N CYS A 2849 -10.08 -48.59 -44.07
CA CYS A 2849 -9.63 -49.76 -43.34
C CYS A 2849 -8.38 -49.45 -42.53
N GLY A 2850 -7.48 -48.64 -43.08
CA GLY A 2850 -6.16 -48.48 -42.51
C GLY A 2850 -5.22 -49.60 -42.86
N ASP A 2851 -5.59 -50.48 -43.78
CA ASP A 2851 -4.79 -51.65 -44.10
C ASP A 2851 -4.69 -51.91 -45.60
N GLY A 2852 -5.07 -50.92 -46.41
CA GLY A 2852 -4.82 -51.00 -47.83
C GLY A 2852 -5.97 -51.50 -48.68
N SER A 2853 -6.91 -52.24 -48.09
CA SER A 2853 -7.99 -52.84 -48.88
C SER A 2853 -8.88 -51.82 -49.55
N ASP A 2854 -8.94 -50.59 -49.04
CA ASP A 2854 -9.69 -49.53 -49.69
C ASP A 2854 -8.88 -48.89 -50.81
N GLU A 2855 -7.61 -48.59 -50.55
CA GLU A 2855 -6.71 -48.18 -51.63
C GLU A 2855 -6.47 -49.31 -52.61
N ASN A 2856 -6.45 -50.56 -52.12
CA ASN A 2856 -6.65 -51.76 -52.93
C ASN A 2856 -5.74 -51.86 -54.15
N PRO A 2857 -4.51 -52.32 -53.99
CA PRO A 2857 -3.70 -52.65 -55.18
C PRO A 2857 -4.36 -53.72 -56.05
N ILE A 2858 -5.39 -54.39 -55.55
CA ILE A 2858 -6.07 -55.44 -56.31
C ILE A 2858 -7.25 -54.89 -57.11
N TYR A 2859 -8.16 -54.14 -56.48
CA TYR A 2859 -9.30 -53.53 -57.18
C TYR A 2859 -9.01 -52.05 -57.32
N CYS A 2860 -9.75 -51.40 -58.24
CA CYS A 2860 -9.56 -49.97 -58.52
C CYS A 2860 -8.26 -49.74 -59.28
N ALA A 2861 -7.45 -50.80 -59.43
CA ALA A 2861 -6.24 -50.72 -60.22
C ALA A 2861 -6.22 -51.76 -61.33
N SER A 2862 -6.89 -52.90 -61.13
CA SER A 2862 -7.00 -53.93 -62.14
C SER A 2862 -8.12 -53.61 -63.12
N HIS A 2863 -9.35 -53.53 -62.61
CA HIS A 2863 -10.51 -53.19 -63.43
C HIS A 2863 -11.55 -52.47 -62.58
N THR A 2864 -12.51 -51.86 -63.26
CA THR A 2864 -13.40 -50.87 -62.65
C THR A 2864 -14.43 -51.55 -61.73
N CYS A 2865 -14.02 -51.73 -60.47
CA CYS A 2865 -14.91 -52.12 -59.38
C CYS A 2865 -15.60 -53.46 -59.65
N ARG A 2866 -16.57 -53.80 -58.80
CA ARG A 2866 -17.43 -54.95 -59.05
C ARG A 2866 -18.51 -54.57 -60.07
N SER A 2867 -19.27 -55.57 -60.51
CA SER A 2867 -20.29 -55.35 -61.53
C SER A 2867 -21.37 -54.37 -61.09
N ASN A 2868 -21.51 -54.13 -59.79
CA ASN A 2868 -22.54 -53.26 -59.26
C ASN A 2868 -22.01 -51.91 -58.77
N GLU A 2869 -20.84 -51.49 -59.25
CA GLU A 2869 -20.24 -50.25 -58.78
C GLU A 2869 -19.55 -49.53 -59.94
N PHE A 2870 -19.36 -48.22 -59.76
CA PHE A 2870 -18.71 -47.36 -60.73
C PHE A 2870 -17.65 -46.53 -60.02
N GLN A 2871 -16.51 -46.33 -60.67
CA GLN A 2871 -15.39 -45.60 -60.08
C GLN A 2871 -15.51 -44.12 -60.42
N CYS A 2872 -15.58 -43.28 -59.40
CA CYS A 2872 -15.60 -41.84 -59.60
C CYS A 2872 -14.29 -41.36 -60.21
N LEU A 2873 -14.32 -40.16 -60.78
CA LEU A 2873 -13.11 -39.56 -61.33
C LEU A 2873 -12.36 -38.71 -60.31
N SER A 2874 -13.06 -38.07 -59.38
CA SER A 2874 -12.43 -37.27 -58.34
C SER A 2874 -13.30 -37.26 -57.09
N PRO A 2875 -12.93 -38.01 -56.04
CA PRO A 2875 -11.77 -38.89 -55.93
C PRO A 2875 -11.95 -40.13 -56.79
N GLN A 2876 -10.91 -40.94 -56.99
CA GLN A 2876 -11.02 -42.08 -57.89
C GLN A 2876 -11.78 -43.22 -57.21
N ARG A 2877 -13.00 -42.93 -56.74
CA ARG A 2877 -13.69 -43.78 -55.77
C ARG A 2877 -14.76 -44.61 -56.45
N CYS A 2878 -14.71 -45.93 -56.23
CA CYS A 2878 -15.81 -46.79 -56.67
C CYS A 2878 -17.04 -46.54 -55.79
N ILE A 2879 -18.17 -46.29 -56.44
CA ILE A 2879 -19.42 -46.01 -55.73
C ILE A 2879 -20.49 -46.96 -56.26
N PRO A 2880 -21.50 -47.27 -55.43
CA PRO A 2880 -22.53 -48.23 -55.85
C PRO A 2880 -23.28 -47.75 -57.09
N SER A 2881 -23.76 -48.71 -57.87
CA SER A 2881 -24.46 -48.39 -59.12
C SER A 2881 -25.71 -47.57 -58.88
N TYR A 2882 -26.37 -47.75 -57.73
CA TYR A 2882 -27.52 -46.93 -57.39
C TYR A 2882 -27.12 -45.55 -56.91
N TRP A 2883 -25.84 -45.29 -56.68
CA TRP A 2883 -25.32 -43.93 -56.58
C TRP A 2883 -24.99 -43.37 -57.96
N PHE A 2884 -24.47 -44.21 -58.84
CA PHE A 2884 -24.06 -43.79 -60.18
C PHE A 2884 -25.26 -43.34 -61.00
N CYS A 2885 -25.27 -42.07 -61.39
CA CYS A 2885 -26.32 -41.47 -62.21
C CYS A 2885 -27.70 -41.61 -61.57
N ASP A 2886 -27.78 -41.44 -60.26
CA ASP A 2886 -29.06 -41.50 -59.56
C ASP A 2886 -29.77 -40.14 -59.50
N GLY A 2887 -29.12 -39.07 -59.94
CA GLY A 2887 -29.67 -37.74 -59.84
C GLY A 2887 -29.08 -36.87 -58.75
N GLU A 2888 -28.20 -37.43 -57.90
CA GLU A 2888 -27.53 -36.68 -56.85
C GLU A 2888 -26.03 -36.83 -57.02
N ALA A 2889 -25.31 -35.71 -56.89
CA ALA A 2889 -23.86 -35.70 -57.05
C ALA A 2889 -23.21 -36.48 -55.92
N ASP A 2890 -22.64 -37.65 -56.23
CA ASP A 2890 -22.00 -38.48 -55.22
C ASP A 2890 -20.48 -38.42 -55.28
N CYS A 2891 -19.89 -38.07 -56.42
CA CYS A 2891 -18.47 -37.79 -56.48
C CYS A 2891 -18.23 -36.36 -56.01
N ALA A 2892 -16.96 -36.05 -55.69
CA ALA A 2892 -16.63 -34.70 -55.23
C ALA A 2892 -16.87 -33.66 -56.33
N ASP A 2893 -16.48 -33.95 -57.56
CA ASP A 2893 -16.68 -33.04 -58.67
C ASP A 2893 -17.93 -33.36 -59.48
N GLY A 2894 -18.75 -34.31 -59.03
CA GLY A 2894 -19.96 -34.64 -59.76
C GLY A 2894 -19.73 -35.48 -61.00
N SER A 2895 -18.65 -36.26 -61.06
CA SER A 2895 -18.39 -37.11 -62.20
C SER A 2895 -19.42 -38.22 -62.36
N ASP A 2896 -20.15 -38.55 -61.29
CA ASP A 2896 -21.21 -39.55 -61.38
C ASP A 2896 -22.51 -38.98 -61.95
N GLU A 2897 -22.63 -37.65 -62.04
CA GLU A 2897 -23.86 -37.05 -62.54
C GLU A 2897 -23.58 -36.04 -63.64
N PRO A 2898 -23.09 -36.46 -64.81
CA PRO A 2898 -22.99 -35.54 -65.95
C PRO A 2898 -24.22 -35.61 -66.83
N ASP A 2899 -24.29 -34.66 -67.76
CA ASP A 2899 -25.38 -34.68 -68.74
C ASP A 2899 -25.21 -35.84 -69.73
N THR A 2900 -23.98 -36.36 -69.86
CA THR A 2900 -23.73 -37.48 -70.76
C THR A 2900 -24.50 -38.73 -70.33
N CYS A 2901 -24.52 -39.02 -69.03
CA CYS A 2901 -25.18 -40.21 -68.53
C CYS A 2901 -26.68 -40.21 -68.77
N GLY A 2902 -27.30 -39.04 -68.91
CA GLY A 2902 -28.71 -38.96 -69.18
C GLY A 2902 -29.58 -39.23 -67.96
N HIS A 2903 -30.41 -40.28 -68.05
CA HIS A 2903 -31.35 -40.67 -67.01
C HIS A 2903 -32.41 -39.58 -66.78
N SER A 2904 -33.48 -39.93 -66.07
CA SER A 2904 -34.60 -39.04 -65.88
C SER A 2904 -35.05 -39.06 -64.42
N VAL A 2905 -35.85 -38.07 -64.06
CA VAL A 2905 -36.37 -37.95 -62.70
C VAL A 2905 -37.30 -39.13 -62.38
N UNK B 1 6.70 22.12 11.69
CA UNK B 1 6.34 21.28 12.82
C UNK B 1 7.57 20.72 13.51
N UNK B 2 7.69 20.97 14.81
CA UNK B 2 8.79 20.48 15.61
C UNK B 2 8.47 19.19 16.35
N UNK B 3 7.28 18.61 16.15
CA UNK B 3 6.90 17.39 16.83
C UNK B 3 7.31 16.16 16.04
N UNK B 4 8.04 16.37 14.95
CA UNK B 4 8.53 15.29 14.10
C UNK B 4 9.95 14.93 14.52
N UNK B 5 10.21 13.62 14.66
CA UNK B 5 11.50 13.14 15.13
C UNK B 5 12.63 13.53 14.20
N UNK B 6 12.43 13.33 12.90
CA UNK B 6 13.46 13.64 11.91
C UNK B 6 12.93 14.58 10.84
N UNK C 1 -1.20 20.39 -15.58
CA UNK C 1 -0.42 19.58 -16.51
C UNK C 1 -0.40 18.12 -16.08
N ASN C 2 -0.53 17.23 -17.05
CA ASN C 2 -0.59 15.78 -16.80
C ASN C 2 0.80 15.15 -16.82
N UNK C 3 1.73 15.69 -16.05
CA UNK C 3 3.10 15.19 -16.02
C UNK C 3 3.39 14.61 -14.64
N UNK C 4 3.96 13.40 -14.62
CA UNK C 4 4.35 12.77 -13.36
C UNK C 4 5.37 13.64 -12.63
N UNK C 5 4.99 14.18 -11.48
CA UNK C 5 5.84 15.08 -10.72
C UNK C 5 7.14 14.40 -10.28
#